data_3E22
#
_entry.id   3E22
#
_cell.length_a   324.093
_cell.length_b   324.093
_cell.length_c   53.280
_cell.angle_alpha   90.00
_cell.angle_beta   90.00
_cell.angle_gamma   120.00
#
_symmetry.space_group_name_H-M   'P 65'
#
loop_
_entity.id
_entity.type
_entity.pdbx_description
1 polymer 'Tubulin alpha-1C chain'
2 polymer 'Tubulin beta-2B chain'
3 polymer Stathmin-4
4 non-polymer "GUANOSINE-5'-TRIPHOSPHATE"
5 non-polymer 'MAGNESIUM ION'
6 non-polymer "GUANOSINE-5'-DIPHOSPHATE"
7 non-polymer N-[(7S)-1,2,3,10-tetramethoxy-9-oxo-6,7-dihydro-5H-benzo[d]heptalen-7-yl]ethanamide
8 non-polymer SOBLIDOTIN
#
loop_
_entity_poly.entity_id
_entity_poly.type
_entity_poly.pdbx_seq_one_letter_code
_entity_poly.pdbx_strand_id
1 'polypeptide(L)'
;MRECISIHVGQAGVQIGNACWELYCLEHGIQPDGQMPSDKTIGGGDDSFNTFFSETGAGKHVPRAVFVDLEPTVIDEVRT
GTYRQLFHPEQLISGKEDAANNYARGHYTIGKEIIDLVLDRVRKLADQCTGLQGFLVFHSFGGGTGSGFTSLLMERLSVD
YGKKSKLEFSIYPAPQVSTAVVEPYNSILTTHTTLEHSDCAFMVDNEAIYDICRRNLDIERPTYTNLNRLMSQIVSSITA
SLRFDGALNVDLTEFQTNLVPYPRIHFPLATYAPVISAEKAYHEQLSVAEITNACFEPANQMVKCDPRHGKYMACCLLYR
GDVVPKDVNAAIATIKTKRTIQFVDWCPTGFKVGINYQPPTVVPGGDLAKVQRAVCMLSNTTAVAEAWARLDHKFDLMYA
KRAFVHWYVGEGMEEGEFSEAREDMAALEKDYEEVGADSYEDEDEGEEY
;
A,C
2 'polypeptide(L)'
;MREIVHIQAGQCGNQIGAKFWEVISDEHGIDPTGSYHGDSDLQLERINVYYNEATGNKYVPRAILVDLEPGTMDSVRSGP
FGQIFRPDNFVFGQSGAGNNWAKGHYTEGAELVDSVLDVVRKESESCDCLQGFQLTHSLGGGTGSGMGTLLISKIREEYP
DRIMNTFSVMPSPKVSDTVVEPYNATLSVHQLVENTDETYSIDNEALYDICFRTLKLTTPTYGDLNHLVSATMSGVTTCL
RFPGQLNADLRKLAVNMVPFPRLHFFMPGFAPLTSRGSQQYRALTVPELTQQMFDSKNMMAACDPRHGRYLTVAAVFRGR
MSMKEVDEQMLNVQNKNSSYFVEWIPNNVKTAVCDIPPRGLKMSATFIGNSTAIQELFKRISEQFTAMFRRKAFLHWYTG
EGMDEMEFTEAESNMNDLVSEYQQYQDATADEQGEFEEEEGEDEA
;
B,D
3 'polypeptide(L)'
;ADMEVIELNKCTSGQSFEVILKPPSFDGVPEFNASLPRRRDPSLEEIQKKLEAAEERRKYQEAELLKHLAEKREHEREVI
QKAIEENNNFIKMAKEKLAQKMESNKENREAHLAAMLERLQEKDKHAEEVRKNKELKEEASR
;
E
#
loop_
_chem_comp.id
_chem_comp.type
_chem_comp.name
_chem_comp.formula
GDP RNA linking GUANOSINE-5'-DIPHOSPHATE 'C10 H15 N5 O11 P2'
GTP non-polymer GUANOSINE-5'-TRIPHOSPHATE 'C10 H16 N5 O14 P3'
LOC non-polymer N-[(7S)-1,2,3,10-tetramethoxy-9-oxo-6,7-dihydro-5H-benzo[d]heptalen-7-yl]ethanamide 'C22 H25 N O6'
MG non-polymer 'MAGNESIUM ION' 'Mg 2'
TZT non-polymer SOBLIDOTIN 'C39 H67 N5 O6'
#
# COMPACT_ATOMS: atom_id res chain seq x y z
N ARG A 2 6.23 72.56 24.13
CA ARG A 2 6.92 73.49 23.20
C ARG A 2 7.70 72.79 22.06
N GLU A 3 7.57 71.46 21.95
CA GLU A 3 8.13 70.60 20.89
C GLU A 3 7.49 69.24 21.17
N CYS A 4 6.99 68.53 20.16
CA CYS A 4 6.08 67.45 20.51
C CYS A 4 6.00 66.27 19.57
N ILE A 5 6.51 65.12 20.02
CA ILE A 5 6.70 63.98 19.14
C ILE A 5 5.62 62.88 19.14
N SER A 6 4.99 62.71 17.99
CA SER A 6 4.05 61.62 17.76
C SER A 6 4.78 60.29 17.44
N ILE A 7 4.40 59.19 18.12
CA ILE A 7 4.85 57.83 17.76
C ILE A 7 3.63 57.02 17.45
N HIS A 8 3.55 56.45 16.25
CA HIS A 8 2.41 55.60 15.91
C HIS A 8 2.88 54.17 15.70
N VAL A 9 2.34 53.24 16.48
CA VAL A 9 2.83 51.88 16.43
C VAL A 9 1.75 50.89 16.05
N GLY A 10 2.04 50.19 14.94
CA GLY A 10 1.26 49.07 14.48
C GLY A 10 -0.06 49.42 13.85
N GLN A 11 -0.37 48.73 12.75
CA GLN A 11 -1.60 48.93 11.96
C GLN A 11 -2.50 50.11 12.40
N ALA A 12 -3.26 49.92 13.50
CA ALA A 12 -4.15 50.91 14.09
C ALA A 12 -3.40 52.18 14.35
N GLY A 13 -2.51 52.14 15.33
CA GLY A 13 -1.60 53.25 15.58
C GLY A 13 -1.28 54.03 14.31
N VAL A 14 -0.69 53.34 13.34
CA VAL A 14 -0.37 53.94 12.05
C VAL A 14 -1.60 54.57 11.38
N GLN A 15 -2.53 53.75 10.90
CA GLN A 15 -3.61 54.27 10.07
C GLN A 15 -4.29 55.48 10.77
N ILE A 16 -4.48 55.40 12.09
CA ILE A 16 -5.13 56.46 12.84
C ILE A 16 -4.31 57.67 12.63
N GLY A 17 -3.02 57.56 12.87
CA GLY A 17 -2.12 58.67 12.69
C GLY A 17 -2.15 59.16 11.26
N ASN A 18 -1.79 58.25 10.37
CA ASN A 18 -1.67 58.57 8.96
C ASN A 18 -2.70 59.58 8.50
N ALA A 19 -3.92 59.37 8.95
CA ALA A 19 -5.03 60.12 8.45
C ALA A 19 -5.41 61.31 9.38
N CYS A 20 -4.54 61.58 10.33
CA CYS A 20 -4.76 62.75 11.11
C CYS A 20 -3.56 63.63 11.10
N TRP A 21 -2.45 63.17 10.57
CA TRP A 21 -1.49 64.16 10.15
C TRP A 21 -2.04 64.75 8.87
N GLU A 22 -2.86 63.97 8.17
CA GLU A 22 -3.48 64.47 6.95
C GLU A 22 -4.33 65.67 7.30
N LEU A 23 -5.00 65.62 8.44
CA LEU A 23 -5.82 66.73 8.85
C LEU A 23 -4.98 67.84 9.45
N TYR A 24 -3.91 67.53 10.19
CA TYR A 24 -3.04 68.59 10.70
C TYR A 24 -2.54 69.42 9.58
N CYS A 25 -2.03 68.77 8.54
CA CYS A 25 -1.57 69.48 7.36
C CYS A 25 -2.61 70.41 6.78
N LEU A 26 -3.83 69.90 6.56
CA LEU A 26 -4.91 70.72 6.01
C LEU A 26 -5.20 71.94 6.88
N GLU A 27 -5.16 71.72 8.18
CA GLU A 27 -5.35 72.73 9.19
C GLU A 27 -4.31 73.80 9.14
N HIS A 28 -3.05 73.40 9.01
CA HIS A 28 -1.92 74.34 8.98
C HIS A 28 -1.58 74.69 7.56
N GLY A 29 -2.38 74.17 6.63
CA GLY A 29 -2.29 74.53 5.23
C GLY A 29 -1.01 74.13 4.53
N ILE A 30 -0.36 73.08 5.02
CA ILE A 30 0.82 72.51 4.38
C ILE A 30 0.42 71.59 3.22
N GLN A 31 0.94 71.85 2.02
CA GLN A 31 0.77 70.94 0.88
C GLN A 31 1.51 69.61 1.14
N PRO A 32 0.89 68.47 0.76
CA PRO A 32 1.53 67.14 0.83
C PRO A 32 3.07 67.05 0.69
N ASP A 33 3.66 67.67 -0.33
CA ASP A 33 5.12 67.67 -0.50
C ASP A 33 5.88 68.28 0.70
N GLY A 34 5.14 68.76 1.70
CA GLY A 34 5.68 69.42 2.88
C GLY A 34 5.88 70.96 2.80
N GLN A 35 5.68 71.58 1.63
CA GLN A 35 5.84 73.03 1.48
C GLN A 35 4.53 73.74 1.79
N MET A 36 4.61 75.04 2.11
CA MET A 36 3.42 75.86 2.36
C MET A 36 3.69 77.35 2.16
N PRO A 37 2.72 78.10 1.61
CA PRO A 37 2.75 79.60 1.65
C PRO A 37 1.82 80.25 2.71
N ASP A 47 -0.72 80.91 16.20
CA ASP A 47 -0.42 80.04 15.04
C ASP A 47 0.69 78.94 15.30
N SER A 48 1.86 79.42 15.72
CA SER A 48 3.17 78.76 15.71
C SER A 48 3.37 77.30 15.33
N PHE A 49 2.42 76.40 15.65
CA PHE A 49 2.37 75.00 15.12
C PHE A 49 3.71 74.24 14.95
N ASN A 50 4.80 74.87 15.38
CA ASN A 50 6.12 74.27 15.36
C ASN A 50 6.16 73.20 16.40
N THR A 51 5.17 73.27 17.29
CA THR A 51 4.88 72.23 18.24
C THR A 51 5.12 70.91 17.51
N PHE A 52 4.56 70.76 16.32
CA PHE A 52 4.53 69.46 15.66
C PHE A 52 5.35 69.23 14.38
N PHE A 53 6.01 70.28 13.85
CA PHE A 53 6.81 70.17 12.63
C PHE A 53 8.13 70.88 12.84
N SER A 54 9.17 70.51 12.08
CA SER A 54 10.46 71.21 12.15
C SER A 54 10.68 71.92 10.84
N GLU A 55 10.96 73.23 10.86
CA GLU A 55 11.07 73.95 9.58
C GLU A 55 12.37 73.62 8.81
N THR A 56 12.63 72.33 8.68
CA THR A 56 13.88 71.78 8.14
C THR A 56 14.25 72.29 6.74
N GLY A 57 15.51 72.70 6.59
CA GLY A 57 16.05 73.19 5.32
C GLY A 57 15.12 74.25 4.81
N ALA A 58 15.31 74.67 3.57
CA ALA A 58 14.46 75.72 3.03
C ALA A 58 13.41 75.24 2.01
N GLY A 59 12.16 75.30 2.46
CA GLY A 59 11.02 74.94 1.66
C GLY A 59 10.08 74.02 2.42
N LYS A 60 10.64 72.95 3.00
CA LYS A 60 9.91 71.77 3.50
C LYS A 60 9.61 71.79 5.02
N HIS A 61 8.65 70.99 5.48
CA HIS A 61 8.17 71.07 6.87
C HIS A 61 8.24 69.83 7.78
N VAL A 62 8.15 68.63 7.22
CA VAL A 62 8.30 67.37 8.00
C VAL A 62 7.59 67.31 9.38
N PRO A 63 6.75 66.30 9.57
CA PRO A 63 6.19 65.98 10.87
C PRO A 63 7.25 65.55 11.88
N ARG A 64 6.90 65.78 13.13
CA ARG A 64 7.68 65.34 14.26
C ARG A 64 7.07 64.02 14.66
N ALA A 65 7.38 63.01 13.86
CA ALA A 65 6.75 61.71 14.03
C ALA A 65 7.68 60.53 13.76
N VAL A 66 7.36 59.40 14.40
CA VAL A 66 7.82 58.09 13.97
C VAL A 66 6.68 57.12 13.78
N PHE A 67 6.92 56.19 12.87
CA PHE A 67 5.94 55.21 12.51
C PHE A 67 6.62 53.84 12.59
N VAL A 68 6.05 52.93 13.37
CA VAL A 68 6.65 51.61 13.55
C VAL A 68 5.63 50.52 13.44
N ASP A 69 5.79 49.67 12.43
CA ASP A 69 5.00 48.45 12.30
C ASP A 69 5.94 47.31 12.06
N LEU A 70 5.54 46.12 12.48
CA LEU A 70 6.43 45.02 12.28
C LEU A 70 6.28 44.30 10.90
N GLU A 71 5.23 44.62 10.15
CA GLU A 71 5.04 44.18 8.76
C GLU A 71 4.90 45.44 7.96
N PRO A 72 5.61 45.56 6.85
CA PRO A 72 5.41 46.64 5.89
C PRO A 72 3.96 47.03 5.61
N THR A 73 3.44 46.65 4.46
CA THR A 73 2.04 46.85 4.13
C THR A 73 1.55 48.24 4.49
N VAL A 74 1.25 48.45 5.76
CA VAL A 74 0.63 49.69 6.20
C VAL A 74 1.55 50.91 6.08
N ILE A 75 2.69 50.81 6.75
CA ILE A 75 3.75 51.77 6.65
C ILE A 75 4.15 51.91 5.20
N ASP A 76 4.07 50.81 4.46
CA ASP A 76 4.47 50.84 3.07
C ASP A 76 3.64 51.79 2.22
N GLU A 77 2.32 51.56 2.20
CA GLU A 77 1.37 52.41 1.49
C GLU A 77 1.36 53.86 2.05
N VAL A 78 2.31 54.19 2.94
CA VAL A 78 2.49 55.56 3.40
C VAL A 78 3.50 56.14 2.46
N ARG A 79 4.62 55.47 2.36
CA ARG A 79 5.60 55.91 1.40
C ARG A 79 5.15 55.53 -0.01
N THR A 80 3.84 55.35 -0.16
CA THR A 80 3.26 55.09 -1.49
C THR A 80 2.28 56.22 -1.91
N GLY A 81 1.40 56.61 -0.98
CA GLY A 81 0.28 57.50 -1.25
C GLY A 81 0.57 58.92 -0.83
N THR A 82 0.76 59.78 -1.84
CA THR A 82 1.00 61.23 -1.70
C THR A 82 0.89 61.71 -0.28
N TYR A 83 1.98 62.30 0.20
CA TYR A 83 2.39 62.32 1.61
C TYR A 83 3.63 61.46 1.57
N ARG A 84 3.74 60.65 0.52
CA ARG A 84 5.02 60.10 0.07
C ARG A 84 6.13 61.03 0.56
N GLN A 85 5.88 62.33 0.50
CA GLN A 85 6.89 63.36 0.63
C GLN A 85 7.03 63.90 2.01
N LEU A 86 5.89 64.14 2.66
CA LEU A 86 5.83 64.60 4.04
C LEU A 86 6.99 64.20 4.94
N PHE A 87 7.11 62.89 5.13
CA PHE A 87 8.07 62.28 6.02
C PHE A 87 9.44 62.09 5.39
N HIS A 88 10.48 62.09 6.22
CA HIS A 88 11.82 61.70 5.84
C HIS A 88 11.92 60.21 5.71
N PRO A 89 12.74 59.74 4.81
CA PRO A 89 12.86 58.29 4.60
C PRO A 89 12.90 57.50 5.93
N GLU A 90 13.64 58.03 6.90
CA GLU A 90 14.00 57.25 8.04
C GLU A 90 12.96 57.17 9.09
N GLN A 91 11.95 58.02 9.07
CA GLN A 91 11.06 58.11 10.24
C GLN A 91 9.98 57.08 10.28
N LEU A 92 9.82 56.38 9.16
CA LEU A 92 8.93 55.22 9.12
C LEU A 92 9.70 53.92 9.33
N ILE A 93 9.53 53.26 10.48
CA ILE A 93 10.18 51.98 10.65
C ILE A 93 9.28 50.76 10.53
N SER A 94 9.81 49.74 9.88
CA SER A 94 9.03 48.62 9.39
C SER A 94 9.82 47.31 9.56
N GLY A 95 9.17 46.22 9.97
CA GLY A 95 9.95 45.11 10.54
C GLY A 95 9.95 43.66 10.02
N LYS A 96 9.69 43.52 8.71
CA LYS A 96 9.66 42.24 7.94
C LYS A 96 8.59 41.19 8.35
N GLU A 97 8.47 40.95 9.66
CA GLU A 97 7.65 39.87 10.15
C GLU A 97 6.67 40.34 11.20
N ASP A 98 5.42 40.01 10.90
CA ASP A 98 4.24 40.33 11.71
C ASP A 98 4.31 39.79 13.16
N ALA A 99 3.60 40.45 14.07
CA ALA A 99 3.62 40.06 15.49
C ALA A 99 2.65 38.95 15.77
N ALA A 100 1.97 38.51 14.70
CA ALA A 100 0.74 37.72 14.77
C ALA A 100 -0.19 37.92 16.01
N ASN A 101 -1.05 38.94 15.97
CA ASN A 101 -2.07 39.13 17.00
C ASN A 101 -1.75 38.65 18.43
N ASN A 102 -0.50 38.76 18.86
CA ASN A 102 -0.20 38.31 20.23
C ASN A 102 0.93 39.06 20.96
N TYR A 103 0.64 39.45 22.20
CA TYR A 103 1.47 40.40 22.95
C TYR A 103 2.85 39.85 23.23
N ALA A 104 2.91 38.54 23.36
CA ALA A 104 4.18 37.90 23.57
C ALA A 104 5.17 38.36 22.52
N ARG A 105 4.79 38.18 21.27
CA ARG A 105 5.69 38.48 20.19
C ARG A 105 6.15 39.93 20.25
N GLY A 106 5.19 40.85 20.34
CA GLY A 106 5.47 42.28 20.38
C GLY A 106 6.44 42.67 21.47
N HIS A 107 6.09 42.38 22.71
CA HIS A 107 6.92 42.80 23.84
C HIS A 107 8.31 42.08 23.95
N TYR A 108 8.48 40.92 23.32
CA TYR A 108 9.62 40.05 23.67
C TYR A 108 10.47 39.50 22.52
N THR A 109 9.76 38.88 21.60
CA THR A 109 10.35 37.99 20.66
C THR A 109 10.80 38.74 19.44
N ILE A 110 9.83 39.45 18.84
CA ILE A 110 10.08 40.26 17.65
C ILE A 110 10.28 41.75 18.00
N GLY A 111 9.81 42.18 19.18
CA GLY A 111 10.06 43.53 19.66
C GLY A 111 11.53 43.80 19.86
N LYS A 112 12.13 42.98 20.70
CA LYS A 112 13.59 42.96 20.89
C LYS A 112 14.42 43.39 19.67
N GLU A 113 13.99 43.01 18.47
CA GLU A 113 14.74 43.22 17.23
C GLU A 113 14.82 44.68 16.83
N ILE A 114 13.64 45.29 16.73
CA ILE A 114 13.47 46.63 16.16
C ILE A 114 13.45 47.74 17.20
N ILE A 115 13.19 47.38 18.46
CA ILE A 115 13.18 48.35 19.58
C ILE A 115 14.39 49.28 19.68
N ASP A 116 15.57 48.74 19.41
CA ASP A 116 16.76 49.51 19.63
C ASP A 116 16.99 50.45 18.51
N LEU A 117 16.52 50.11 17.32
CA LEU A 117 16.54 51.08 16.24
C LEU A 117 15.53 52.20 16.44
N VAL A 118 14.25 51.87 16.59
CA VAL A 118 13.20 52.85 16.90
C VAL A 118 13.71 53.89 17.87
N LEU A 119 14.15 53.41 19.02
CA LEU A 119 14.47 54.28 20.13
C LEU A 119 15.52 55.27 19.78
N ASP A 120 16.36 54.89 18.84
CA ASP A 120 17.40 55.74 18.36
C ASP A 120 16.80 56.78 17.43
N ARG A 121 15.76 56.44 16.68
CA ARG A 121 15.22 57.46 15.80
C ARG A 121 14.34 58.50 16.51
N VAL A 122 13.79 58.16 17.68
CA VAL A 122 12.99 59.16 18.40
C VAL A 122 13.97 60.09 19.03
N ARG A 123 15.01 59.50 19.59
CA ARG A 123 16.15 60.20 20.14
C ARG A 123 16.64 61.29 19.21
N LYS A 124 16.42 61.11 17.91
CA LYS A 124 17.00 61.96 16.85
C LYS A 124 16.15 63.18 16.63
N LEU A 125 14.85 63.00 16.74
CA LEU A 125 13.93 64.08 16.51
C LEU A 125 13.89 64.97 17.72
N ALA A 126 14.37 64.43 18.82
CA ALA A 126 14.42 65.16 20.09
C ALA A 126 15.77 65.85 20.24
N ASP A 127 16.82 65.18 19.80
CA ASP A 127 18.14 65.77 19.75
C ASP A 127 18.00 67.17 19.18
N GLN A 128 17.03 67.31 18.28
CA GLN A 128 16.76 68.58 17.63
C GLN A 128 15.43 69.22 18.07
N CYS A 129 15.40 69.58 19.36
CA CYS A 129 14.26 70.25 20.00
C CYS A 129 14.80 70.93 21.26
N THR A 130 14.80 72.24 21.28
CA THR A 130 15.32 72.95 22.44
C THR A 130 14.27 72.93 23.54
N GLY A 131 14.20 71.80 24.25
CA GLY A 131 13.19 71.58 25.28
C GLY A 131 11.91 70.89 24.78
N LEU A 132 12.11 69.65 24.30
CA LEU A 132 11.00 68.76 23.95
C LEU A 132 10.12 68.61 25.16
N GLN A 133 8.84 68.50 24.99
CA GLN A 133 8.10 68.40 26.19
C GLN A 133 7.35 67.09 26.30
N GLY A 134 7.16 66.36 25.19
CA GLY A 134 6.44 65.10 25.30
C GLY A 134 6.25 64.07 24.18
N PHE A 135 5.36 63.10 24.45
CA PHE A 135 5.09 62.05 23.48
C PHE A 135 3.64 61.66 23.34
N LEU A 136 3.25 61.54 22.09
CA LEU A 136 1.90 61.19 21.75
C LEU A 136 1.96 59.84 21.11
N VAL A 137 1.85 58.83 21.95
CA VAL A 137 1.87 57.45 21.52
C VAL A 137 0.52 57.00 21.00
N PHE A 138 0.47 56.45 19.80
CA PHE A 138 -0.80 56.07 19.21
C PHE A 138 -0.82 54.55 18.97
N HIS A 139 -1.67 53.79 19.68
CA HIS A 139 -1.69 52.31 19.53
C HIS A 139 -2.99 51.54 19.85
N SER A 140 -3.13 50.35 19.22
CA SER A 140 -4.29 49.45 19.44
C SER A 140 -4.23 48.76 20.79
N PHE A 141 -5.41 48.37 21.29
CA PHE A 141 -5.49 47.75 22.62
C PHE A 141 -5.19 46.27 22.58
N GLY A 142 -5.93 45.54 21.76
CA GLY A 142 -5.53 44.19 21.39
C GLY A 142 -4.62 44.27 20.18
N GLY A 143 -4.13 43.12 19.74
CA GLY A 143 -3.39 43.11 18.51
C GLY A 143 -1.89 43.18 18.77
N GLY A 144 -1.16 42.41 17.93
CA GLY A 144 0.21 41.96 18.16
C GLY A 144 1.14 43.05 18.55
N THR A 145 1.49 43.85 17.57
CA THR A 145 2.50 44.84 17.83
C THR A 145 1.98 46.07 18.62
N GLY A 146 0.68 46.31 18.46
CA GLY A 146 0.02 47.44 19.08
C GLY A 146 0.03 47.37 20.59
N SER A 147 -0.09 46.16 21.14
CA SER A 147 -0.07 45.96 22.59
C SER A 147 1.36 45.84 23.01
N GLY A 148 2.09 45.03 22.26
CA GLY A 148 3.40 44.56 22.68
C GLY A 148 4.54 45.54 22.55
N PHE A 149 4.65 46.13 21.33
CA PHE A 149 5.76 47.00 21.04
C PHE A 149 5.66 48.28 21.81
N THR A 150 4.53 48.95 21.66
CA THR A 150 4.07 50.01 22.56
C THR A 150 4.52 49.80 23.99
N SER A 151 4.07 48.69 24.58
CA SER A 151 4.41 48.34 25.92
C SER A 151 5.89 48.27 26.13
N LEU A 152 6.61 47.59 25.24
CA LEU A 152 8.07 47.62 25.29
C LEU A 152 8.62 49.03 25.14
N LEU A 153 8.07 49.78 24.18
CA LEU A 153 8.50 51.14 23.89
C LEU A 153 8.45 52.00 25.12
N MET A 154 7.27 52.05 25.70
CA MET A 154 6.94 52.91 26.81
C MET A 154 7.70 52.60 28.07
N GLU A 155 8.13 51.35 28.19
CA GLU A 155 9.02 50.95 29.25
C GLU A 155 10.29 51.76 29.05
N ARG A 156 10.86 51.65 27.85
CA ARG A 156 12.18 52.18 27.59
C ARG A 156 12.21 53.69 27.62
N LEU A 157 11.16 54.30 27.07
CA LEU A 157 11.07 55.75 27.00
C LEU A 157 11.08 56.33 28.37
N SER A 158 10.40 55.64 29.30
CA SER A 158 10.36 56.05 30.70
C SER A 158 11.76 56.09 31.28
N VAL A 159 12.68 55.34 30.70
CA VAL A 159 14.06 55.42 31.16
C VAL A 159 14.79 56.63 30.57
N ASP A 160 14.90 56.65 29.24
CA ASP A 160 15.60 57.70 28.50
C ASP A 160 15.01 59.11 28.74
N TYR A 161 13.71 59.19 29.00
CA TYR A 161 13.02 60.50 29.20
C TYR A 161 12.08 60.57 30.43
N GLY A 162 12.68 60.65 31.63
CA GLY A 162 11.97 60.45 32.89
C GLY A 162 10.68 61.24 33.12
N LYS A 163 10.85 62.54 33.21
CA LYS A 163 9.74 63.48 33.36
C LYS A 163 8.78 63.32 32.18
N LYS A 164 9.25 63.88 31.05
CA LYS A 164 8.52 64.09 29.81
C LYS A 164 7.31 63.21 29.63
N SER A 165 6.19 63.88 29.51
CA SER A 165 4.90 63.28 29.49
C SER A 165 4.76 62.27 28.39
N LYS A 166 4.08 61.21 28.71
CA LYS A 166 3.65 60.33 27.69
C LYS A 166 2.13 60.40 27.69
N LEU A 167 1.55 60.76 26.55
CA LEU A 167 0.11 60.65 26.35
C LEU A 167 -0.16 59.52 25.42
N GLU A 168 -0.99 58.59 25.85
CA GLU A 168 -1.41 57.52 24.94
C GLU A 168 -2.84 57.82 24.41
N PHE A 169 -3.10 57.45 23.16
CA PHE A 169 -4.42 57.42 22.56
C PHE A 169 -4.62 55.96 22.29
N SER A 170 -5.65 55.35 22.81
CA SER A 170 -5.76 53.90 22.71
C SER A 170 -7.03 53.49 22.02
N ILE A 171 -6.94 52.56 21.08
CA ILE A 171 -8.17 52.03 20.54
C ILE A 171 -8.65 50.75 21.23
N TYR A 172 -9.43 50.95 22.30
CA TYR A 172 -10.28 49.88 22.87
C TYR A 172 -11.15 49.27 21.73
N PRO A 173 -11.00 47.95 21.52
CA PRO A 173 -11.53 47.29 20.31
C PRO A 173 -12.95 46.83 20.51
N ALA A 174 -13.64 46.48 19.44
CA ALA A 174 -15.01 46.00 19.62
C ALA A 174 -15.46 44.89 18.64
N PRO A 175 -16.30 43.94 19.13
CA PRO A 175 -16.78 42.78 18.35
C PRO A 175 -16.89 42.96 16.84
N GLN A 176 -17.40 44.13 16.43
CA GLN A 176 -17.84 44.37 15.06
C GLN A 176 -16.95 45.31 14.23
N VAL A 177 -15.99 46.01 14.84
CA VAL A 177 -14.86 46.52 14.03
C VAL A 177 -13.59 45.70 14.27
N SER A 178 -13.33 44.78 13.35
CA SER A 178 -12.97 43.42 13.73
C SER A 178 -11.75 43.13 14.62
N THR A 179 -12.06 42.37 15.68
CA THR A 179 -11.17 42.02 16.81
C THR A 179 -10.48 40.72 16.58
N ALA A 180 -10.81 39.72 17.40
CA ALA A 180 -10.18 38.39 17.32
C ALA A 180 -9.95 37.72 18.70
N VAL A 181 -10.84 36.82 19.06
CA VAL A 181 -10.60 35.95 20.20
C VAL A 181 -9.58 36.48 21.22
N VAL A 182 -8.32 36.32 20.87
CA VAL A 182 -7.20 36.55 21.76
C VAL A 182 -7.05 38.01 22.23
N GLU A 183 -7.47 38.94 21.38
CA GLU A 183 -7.64 40.35 21.70
C GLU A 183 -7.65 40.72 23.22
N PRO A 184 -8.76 40.42 23.90
CA PRO A 184 -8.90 40.53 25.37
C PRO A 184 -7.69 40.19 26.19
N TYR A 185 -6.98 39.13 25.80
CA TYR A 185 -5.72 38.82 26.46
C TYR A 185 -4.84 40.05 26.33
N ASN A 186 -4.47 40.35 25.08
CA ASN A 186 -3.52 41.38 24.80
C ASN A 186 -3.86 42.69 25.52
N SER A 187 -5.13 43.07 25.53
CA SER A 187 -5.52 44.36 26.10
C SER A 187 -5.11 44.45 27.59
N ILE A 188 -5.74 43.58 28.37
CA ILE A 188 -5.48 43.36 29.78
C ILE A 188 -3.99 43.35 30.04
N LEU A 189 -3.29 42.69 29.11
CA LEU A 189 -1.85 42.46 29.20
C LEU A 189 -1.01 43.70 29.18
N THR A 190 -1.22 44.56 28.17
CA THR A 190 -0.37 45.73 27.96
C THR A 190 -0.71 46.74 29.02
N THR A 191 -2.01 46.97 29.12
CA THR A 191 -2.56 47.95 30.02
C THR A 191 -1.76 47.92 31.32
N HIS A 192 -1.58 46.71 31.84
CA HIS A 192 -0.92 46.47 33.12
C HIS A 192 0.51 47.01 33.14
N THR A 193 1.24 46.75 32.05
CA THR A 193 2.66 47.11 31.96
C THR A 193 2.78 48.62 31.75
N THR A 194 2.11 49.04 30.67
CA THR A 194 2.04 50.41 30.20
C THR A 194 1.69 51.42 31.29
N LEU A 195 0.67 51.03 32.07
CA LEU A 195 0.05 51.83 33.12
C LEU A 195 1.00 52.65 34.01
N GLU A 196 1.88 51.96 34.73
CA GLU A 196 2.79 52.67 35.62
C GLU A 196 3.91 53.37 34.83
N HIS A 197 3.66 53.65 33.56
CA HIS A 197 4.65 54.34 32.73
C HIS A 197 4.06 55.50 31.98
N SER A 198 2.75 55.44 31.73
CA SER A 198 2.03 56.44 30.93
C SER A 198 1.20 57.43 31.78
N ASP A 199 1.26 58.71 31.46
CA ASP A 199 0.76 59.73 32.39
C ASP A 199 -0.72 59.98 32.23
N CYS A 200 -1.16 60.13 30.99
CA CYS A 200 -2.58 60.21 30.67
C CYS A 200 -3.00 59.52 29.35
N ALA A 201 -4.20 58.92 29.32
CA ALA A 201 -4.62 58.04 28.20
C ALA A 201 -6.06 58.16 27.72
N PHE A 202 -6.21 58.58 26.45
CA PHE A 202 -7.52 58.77 25.82
C PHE A 202 -7.96 57.53 25.11
N MET A 203 -8.90 56.82 25.72
CA MET A 203 -9.41 55.63 25.07
C MET A 203 -10.35 56.02 23.96
N VAL A 204 -10.52 55.13 22.99
CA VAL A 204 -11.38 55.38 21.84
C VAL A 204 -12.08 54.11 21.52
N ASP A 205 -13.34 54.01 21.91
CA ASP A 205 -14.15 52.83 21.58
C ASP A 205 -14.46 52.77 20.10
N ASN A 206 -13.82 51.80 19.46
CA ASN A 206 -14.10 51.47 18.09
C ASN A 206 -15.55 51.34 17.85
N GLU A 207 -16.18 50.52 18.66
CA GLU A 207 -17.60 50.40 18.63
C GLU A 207 -18.34 51.75 18.73
N ALA A 208 -17.92 52.62 19.65
CA ALA A 208 -18.55 53.92 19.77
C ALA A 208 -18.44 54.66 18.45
N ILE A 209 -17.22 54.83 17.98
CA ILE A 209 -16.98 55.47 16.70
C ILE A 209 -17.81 54.89 15.54
N TYR A 210 -17.76 53.59 15.38
CA TYR A 210 -18.51 52.89 14.37
C TYR A 210 -19.99 53.19 14.56
N ASP A 211 -20.41 53.34 15.80
CA ASP A 211 -21.81 53.56 16.02
C ASP A 211 -22.21 54.95 15.61
N ILE A 212 -21.28 55.91 15.71
CA ILE A 212 -21.52 57.29 15.31
C ILE A 212 -21.74 57.38 13.80
N CYS A 213 -20.92 56.66 13.03
CA CYS A 213 -21.04 56.65 11.59
C CYS A 213 -22.35 56.03 11.18
N ARG A 214 -22.57 54.78 11.53
CA ARG A 214 -23.81 54.14 11.17
C ARG A 214 -25.01 55.06 11.37
N ARG A 215 -24.99 55.85 12.46
CA ARG A 215 -26.11 56.70 12.89
C ARG A 215 -26.08 58.06 12.28
N ASN A 216 -25.00 58.79 12.51
CA ASN A 216 -25.00 60.22 12.14
C ASN A 216 -24.64 60.53 10.70
N LEU A 217 -23.90 59.62 10.06
CA LEU A 217 -23.45 59.73 8.68
C LEU A 217 -24.16 58.81 7.69
N ASP A 218 -24.84 57.81 8.19
CA ASP A 218 -25.60 56.94 7.34
C ASP A 218 -24.74 55.98 6.59
N ILE A 219 -23.43 56.06 6.80
CA ILE A 219 -22.50 55.09 6.22
C ILE A 219 -22.82 53.71 6.83
N GLU A 220 -23.44 52.83 6.01
CA GLU A 220 -24.05 51.57 6.44
C GLU A 220 -23.05 50.60 7.00
N ARG A 221 -21.97 50.33 6.24
CA ARG A 221 -20.85 49.48 6.70
C ARG A 221 -19.47 50.18 6.58
N PRO A 222 -19.03 50.86 7.66
CA PRO A 222 -17.93 51.83 7.61
C PRO A 222 -16.55 51.28 7.38
N THR A 223 -15.70 51.96 6.60
CA THR A 223 -14.30 51.56 6.40
C THR A 223 -13.49 51.86 7.64
N TYR A 224 -12.24 51.44 7.65
CA TYR A 224 -11.33 51.88 8.69
C TYR A 224 -11.19 53.36 8.55
N THR A 225 -10.74 53.70 7.36
CA THR A 225 -10.63 55.06 6.86
C THR A 225 -11.88 55.87 7.18
N ASN A 226 -13.07 55.27 7.08
CA ASN A 226 -14.32 55.92 7.49
C ASN A 226 -14.38 56.39 8.94
N LEU A 227 -13.99 55.48 9.83
CA LEU A 227 -13.86 55.66 11.29
C LEU A 227 -12.69 56.56 11.54
N ASN A 228 -11.59 56.25 10.91
CA ASN A 228 -10.38 56.94 11.21
C ASN A 228 -10.47 58.44 11.06
N ARG A 229 -11.32 58.89 10.16
CA ARG A 229 -11.41 60.30 9.94
C ARG A 229 -11.93 60.88 11.25
N LEU A 230 -13.08 60.40 11.68
CA LEU A 230 -13.69 60.83 12.94
C LEU A 230 -12.68 61.02 14.06
N MET A 231 -11.85 59.99 14.26
CA MET A 231 -10.85 59.97 15.34
C MET A 231 -9.87 61.12 15.06
N SER A 232 -9.49 61.24 13.78
CA SER A 232 -8.67 62.34 13.27
C SER A 232 -9.15 63.66 13.83
N GLN A 233 -10.40 63.98 13.52
CA GLN A 233 -11.05 65.16 14.06
C GLN A 233 -10.83 65.28 15.56
N ILE A 234 -11.12 64.19 16.28
CA ILE A 234 -11.13 64.22 17.74
C ILE A 234 -9.72 64.49 18.28
N VAL A 235 -8.78 63.73 17.73
CA VAL A 235 -7.38 63.85 18.05
C VAL A 235 -6.87 65.26 17.84
N SER A 236 -7.17 65.82 16.67
CA SER A 236 -6.86 67.23 16.39
C SER A 236 -7.42 68.01 17.53
N SER A 237 -8.73 67.90 17.71
CA SER A 237 -9.43 68.73 18.65
C SER A 237 -8.90 68.69 20.07
N ILE A 238 -8.17 67.61 20.41
CA ILE A 238 -7.33 67.62 21.61
C ILE A 238 -6.06 68.39 21.42
N THR A 239 -5.20 67.90 20.53
CA THR A 239 -3.87 68.50 20.33
C THR A 239 -3.97 69.92 19.88
N ALA A 240 -5.13 70.25 19.32
CA ALA A 240 -5.41 71.59 18.84
C ALA A 240 -4.64 72.57 19.72
N SER A 241 -5.06 72.55 21.00
CA SER A 241 -4.53 73.39 22.05
C SER A 241 -3.07 73.79 21.81
N LEU A 242 -2.23 72.74 21.70
CA LEU A 242 -0.76 72.86 21.75
C LEU A 242 -0.05 72.99 20.37
N ARG A 243 -0.86 73.16 19.31
CA ARG A 243 -0.37 73.59 17.97
C ARG A 243 -0.55 75.13 17.67
N PHE A 244 -1.65 75.70 18.18
CA PHE A 244 -1.94 77.14 18.07
C PHE A 244 -1.59 78.08 19.27
N ASP A 245 -1.42 77.51 20.47
CA ASP A 245 -1.27 78.30 21.73
C ASP A 245 -2.35 79.40 21.95
N GLY A 246 -3.14 79.13 22.97
CA GLY A 246 -4.19 79.98 23.46
C GLY A 246 -4.75 79.10 24.55
N ALA A 247 -4.38 79.44 25.80
CA ALA A 247 -4.83 78.82 27.09
C ALA A 247 -5.43 77.35 27.19
N LEU A 248 -4.95 76.61 28.20
CA LEU A 248 -5.46 75.26 28.56
C LEU A 248 -5.12 74.08 27.59
N ASN A 249 -4.45 73.09 28.20
CA ASN A 249 -3.60 72.12 27.52
C ASN A 249 -2.67 72.80 26.50
N VAL A 250 -2.01 73.88 26.95
CA VAL A 250 -0.99 74.59 26.17
C VAL A 250 0.29 73.71 26.06
N ASP A 251 0.72 73.20 27.22
CA ASP A 251 1.75 72.16 27.27
C ASP A 251 1.16 70.83 27.78
N LEU A 252 1.96 69.78 27.74
CA LEU A 252 1.47 68.47 28.09
C LEU A 252 1.22 68.28 29.57
N THR A 253 2.15 68.73 30.40
CA THR A 253 1.87 68.79 31.82
C THR A 253 0.40 69.23 32.10
N GLU A 254 -0.06 70.35 31.52
CA GLU A 254 -1.44 70.86 31.71
C GLU A 254 -2.54 69.77 31.59
N PHE A 255 -2.19 68.60 31.06
CA PHE A 255 -3.14 67.52 30.92
C PHE A 255 -3.46 66.85 32.22
N GLN A 256 -2.41 66.53 32.98
CA GLN A 256 -2.55 65.91 34.32
C GLN A 256 -3.35 66.79 35.30
N THR A 257 -2.71 67.89 35.72
CA THR A 257 -3.37 69.08 36.21
C THR A 257 -4.87 69.01 35.97
N ASN A 258 -5.27 68.74 34.71
CA ASN A 258 -6.67 68.88 34.29
C ASN A 258 -7.53 67.66 34.06
N LEU A 259 -6.95 66.47 34.09
CA LEU A 259 -7.76 65.33 33.77
C LEU A 259 -7.58 64.20 34.75
N VAL A 260 -6.39 64.12 35.32
CA VAL A 260 -6.08 63.04 36.24
C VAL A 260 -5.91 63.56 37.66
N PRO A 261 -6.79 63.12 38.52
CA PRO A 261 -6.76 63.49 39.94
C PRO A 261 -5.87 62.54 40.70
N TYR A 262 -5.64 61.39 40.08
CA TYR A 262 -5.18 60.23 40.76
C TYR A 262 -4.28 59.47 39.81
N PRO A 263 -3.01 59.51 40.14
CA PRO A 263 -1.93 59.04 39.30
C PRO A 263 -2.19 57.75 38.56
N ARG A 264 -3.30 57.04 38.77
CA ARG A 264 -3.47 55.81 38.02
C ARG A 264 -3.95 56.08 36.61
N ILE A 265 -2.98 56.63 35.82
CA ILE A 265 -2.94 56.99 34.35
C ILE A 265 -4.25 57.42 33.67
N HIS A 266 -5.17 57.93 34.48
CA HIS A 266 -6.57 57.75 34.23
C HIS A 266 -7.03 57.97 32.81
N PHE A 267 -8.24 57.53 32.56
CA PHE A 267 -8.69 57.34 31.23
C PHE A 267 -9.89 58.25 30.99
N PRO A 268 -9.57 59.41 30.44
CA PRO A 268 -10.55 60.36 29.98
C PRO A 268 -11.40 59.86 28.79
N LEU A 269 -12.62 60.38 28.73
CA LEU A 269 -13.63 59.99 27.75
C LEU A 269 -13.95 61.15 26.82
N ALA A 270 -13.76 60.97 25.53
CA ALA A 270 -14.00 62.11 24.64
C ALA A 270 -15.35 62.08 23.94
N THR A 271 -16.20 62.99 24.34
CA THR A 271 -17.30 63.29 23.48
C THR A 271 -16.84 64.34 22.44
N TYR A 272 -17.42 64.33 21.23
CA TYR A 272 -17.09 65.36 20.21
C TYR A 272 -18.28 66.08 19.64
N ALA A 273 -18.12 67.36 19.33
CA ALA A 273 -19.20 68.33 19.00
C ALA A 273 -20.28 67.92 17.98
N PRO A 274 -20.39 68.62 16.83
CA PRO A 274 -21.28 68.18 15.76
C PRO A 274 -20.51 67.31 14.76
N VAL A 275 -21.04 66.11 14.55
CA VAL A 275 -20.60 65.23 13.47
C VAL A 275 -21.78 65.19 12.56
N ILE A 276 -21.74 65.95 11.46
CA ILE A 276 -22.87 65.94 10.53
C ILE A 276 -22.51 65.83 9.06
N SER A 277 -23.09 64.83 8.38
CA SER A 277 -22.67 64.43 7.03
C SER A 277 -22.82 65.58 6.05
N ALA A 278 -21.76 65.88 5.28
CA ALA A 278 -21.81 66.93 4.23
C ALA A 278 -22.98 66.64 3.35
N GLU A 279 -23.37 67.55 2.48
CA GLU A 279 -24.65 67.38 1.81
C GLU A 279 -25.70 67.79 2.78
N LYS A 280 -25.31 67.84 4.05
CA LYS A 280 -26.12 68.57 5.00
C LYS A 280 -25.54 69.96 5.08
N ALA A 281 -24.27 70.04 4.68
CA ALA A 281 -23.44 71.22 4.90
C ALA A 281 -24.25 72.43 5.03
N TYR A 282 -25.07 72.72 4.05
CA TYR A 282 -25.67 74.02 3.98
C TYR A 282 -26.88 74.29 4.90
N HIS A 283 -27.17 73.42 5.87
CA HIS A 283 -28.25 73.67 6.84
C HIS A 283 -27.90 74.82 7.80
N GLU A 284 -28.86 75.24 8.65
CA GLU A 284 -28.60 76.23 9.70
C GLU A 284 -27.56 75.77 10.73
N GLN A 285 -26.33 76.31 10.77
CA GLN A 285 -25.27 75.81 11.70
C GLN A 285 -25.81 75.78 13.16
N LEU A 286 -25.41 74.85 14.02
CA LEU A 286 -26.13 74.75 15.31
C LEU A 286 -25.69 75.71 16.43
N SER A 287 -26.55 75.94 17.41
CA SER A 287 -26.25 76.94 18.43
C SER A 287 -25.19 76.51 19.42
N VAL A 288 -24.21 77.38 19.64
CA VAL A 288 -23.22 77.25 20.73
C VAL A 288 -23.68 76.29 21.82
N ALA A 289 -24.98 76.35 22.11
CA ALA A 289 -25.55 75.64 23.23
C ALA A 289 -25.75 74.21 22.85
N GLU A 290 -26.30 74.04 21.65
CA GLU A 290 -26.73 72.75 21.11
C GLU A 290 -25.62 71.75 20.96
N ILE A 291 -24.47 72.21 20.47
CA ILE A 291 -23.29 71.40 20.36
C ILE A 291 -22.89 70.93 21.72
N THR A 292 -22.79 71.86 22.66
CA THR A 292 -22.52 71.57 24.06
C THR A 292 -23.45 70.45 24.52
N ASN A 293 -24.72 70.72 24.43
CA ASN A 293 -25.73 69.79 24.81
C ASN A 293 -25.71 68.40 24.20
N ALA A 294 -24.90 68.18 23.18
CA ALA A 294 -24.74 66.85 22.62
C ALA A 294 -23.46 66.27 23.13
N CYS A 295 -22.76 67.01 23.99
CA CYS A 295 -21.55 66.52 24.61
C CYS A 295 -21.94 65.69 25.76
N PHE A 296 -22.98 66.18 26.42
CA PHE A 296 -23.61 65.39 27.43
C PHE A 296 -24.61 64.53 26.72
N GLU A 297 -24.11 63.42 26.21
CA GLU A 297 -24.90 62.57 25.36
C GLU A 297 -24.24 61.21 25.26
N PRO A 298 -24.86 60.19 25.85
CA PRO A 298 -24.45 58.80 25.57
C PRO A 298 -24.20 58.75 24.08
N ALA A 299 -25.27 58.93 23.29
CA ALA A 299 -25.25 58.82 21.83
C ALA A 299 -23.94 59.31 21.16
N ASN A 300 -23.30 60.30 21.79
CA ASN A 300 -22.21 61.03 21.19
C ASN A 300 -20.88 60.85 21.89
N GLN A 301 -20.85 59.84 22.76
CA GLN A 301 -19.65 59.45 23.52
C GLN A 301 -18.55 58.93 22.59
N MET A 302 -17.47 58.38 23.13
CA MET A 302 -16.42 57.86 22.26
C MET A 302 -15.76 56.63 22.89
N VAL A 303 -16.41 56.17 23.96
CA VAL A 303 -16.24 54.86 24.59
C VAL A 303 -17.62 54.46 25.07
N LYS A 304 -18.10 53.37 24.51
CA LYS A 304 -19.38 52.74 24.93
C LYS A 304 -19.44 52.54 26.48
N CYS A 305 -20.43 53.19 27.12
CA CYS A 305 -20.69 53.14 28.58
C CYS A 305 -21.85 54.08 28.97
N ASP A 306 -21.74 54.74 30.13
CA ASP A 306 -22.60 55.89 30.50
C ASP A 306 -22.45 56.47 31.93
N PRO A 307 -22.41 57.81 32.02
CA PRO A 307 -22.37 58.51 33.30
C PRO A 307 -23.72 59.12 33.75
N ARG A 308 -24.82 58.36 33.63
CA ARG A 308 -26.02 58.55 34.49
C ARG A 308 -25.85 57.48 35.57
N HIS A 309 -24.74 56.76 35.38
CA HIS A 309 -24.37 55.53 36.05
C HIS A 309 -23.15 55.78 36.93
N GLY A 310 -22.12 56.38 36.33
CA GLY A 310 -20.93 56.76 37.06
C GLY A 310 -20.85 58.21 37.45
N LYS A 311 -19.81 58.53 38.22
CA LYS A 311 -19.58 59.84 38.79
C LYS A 311 -18.39 60.53 38.16
N TYR A 312 -18.51 61.85 37.91
CA TYR A 312 -17.42 62.66 37.37
C TYR A 312 -16.39 62.99 38.45
N MET A 313 -15.20 63.41 38.02
CA MET A 313 -14.16 63.89 38.93
C MET A 313 -13.28 64.93 38.25
N ALA A 314 -13.42 65.03 36.94
CA ALA A 314 -12.68 66.03 36.16
C ALA A 314 -13.38 66.38 34.84
N CYS A 315 -13.94 67.59 34.73
CA CYS A 315 -14.48 67.92 33.44
C CYS A 315 -13.87 69.13 32.79
N CYS A 316 -14.15 69.31 31.51
CA CYS A 316 -13.24 70.05 30.66
C CYS A 316 -13.75 70.19 29.21
N LEU A 317 -14.17 71.40 28.82
CA LEU A 317 -14.74 71.59 27.50
C LEU A 317 -13.77 72.25 26.54
N LEU A 318 -13.57 71.58 25.40
CA LEU A 318 -12.73 72.11 24.33
C LEU A 318 -13.45 72.57 23.05
N TYR A 319 -13.83 73.86 23.03
CA TYR A 319 -14.56 74.53 21.93
C TYR A 319 -13.62 75.02 20.86
N ARG A 320 -14.01 74.80 19.60
CA ARG A 320 -13.21 75.25 18.48
C ARG A 320 -14.09 76.06 17.58
N GLY A 321 -13.50 77.14 17.10
CA GLY A 321 -14.11 77.98 16.10
C GLY A 321 -14.26 79.37 16.65
N ASP A 322 -15.14 80.13 16.00
CA ASP A 322 -15.60 81.41 16.53
C ASP A 322 -16.67 81.08 17.56
N VAL A 323 -16.39 81.43 18.82
CA VAL A 323 -17.30 81.15 19.92
C VAL A 323 -17.02 82.23 20.85
N VAL A 324 -17.96 82.53 21.74
CA VAL A 324 -17.70 83.53 22.77
C VAL A 324 -18.10 83.00 24.14
N PRO A 325 -17.18 83.10 25.11
CA PRO A 325 -17.39 82.77 26.53
C PRO A 325 -18.75 83.09 27.10
N LYS A 326 -19.14 84.34 27.03
CA LYS A 326 -20.48 84.74 27.40
C LYS A 326 -21.48 83.60 27.14
N ASP A 327 -21.50 83.01 25.93
CA ASP A 327 -22.45 81.92 25.60
C ASP A 327 -22.04 80.57 26.15
N VAL A 328 -20.78 80.24 25.93
CA VAL A 328 -20.27 78.99 26.40
C VAL A 328 -20.85 78.86 27.74
N ASN A 329 -20.94 79.99 28.42
CA ASN A 329 -21.48 79.95 29.75
C ASN A 329 -22.94 79.59 29.79
N ALA A 330 -23.79 80.49 29.33
CA ALA A 330 -25.22 80.25 29.38
C ALA A 330 -25.61 78.95 28.67
N ALA A 331 -24.63 78.30 28.09
CA ALA A 331 -24.85 76.93 27.72
C ALA A 331 -24.68 76.06 28.96
N ILE A 332 -23.44 75.99 29.45
CA ILE A 332 -23.10 75.32 30.69
C ILE A 332 -24.22 75.54 31.65
N ALA A 333 -24.79 76.74 31.65
CA ALA A 333 -25.87 77.12 32.55
C ALA A 333 -27.08 76.21 32.51
N THR A 334 -27.53 75.87 31.32
CA THR A 334 -28.75 75.07 31.20
C THR A 334 -28.45 73.62 30.80
N ILE A 335 -27.56 73.05 31.59
CA ILE A 335 -27.22 71.63 31.68
C ILE A 335 -27.14 71.38 33.19
N LYS A 336 -26.68 72.44 33.87
CA LYS A 336 -26.66 72.53 35.32
C LYS A 336 -28.09 72.42 35.82
N THR A 337 -29.04 72.99 35.05
CA THR A 337 -30.47 72.81 35.31
C THR A 337 -31.20 72.28 34.05
N LYS A 338 -30.61 71.25 33.44
CA LYS A 338 -31.30 70.52 32.39
C LYS A 338 -30.83 69.06 32.28
N ARG A 339 -29.60 68.75 32.73
CA ARG A 339 -29.06 67.37 32.75
C ARG A 339 -28.61 66.82 34.15
N THR A 340 -27.80 65.74 34.10
CA THR A 340 -27.22 65.05 35.29
C THR A 340 -25.81 65.60 35.65
N ILE A 341 -25.84 66.79 36.26
CA ILE A 341 -24.70 67.43 36.93
C ILE A 341 -23.57 66.38 37.30
N GLN A 342 -23.75 65.69 38.44
CA GLN A 342 -23.14 64.37 38.81
C GLN A 342 -21.63 64.25 39.15
N PHE A 343 -21.14 65.06 40.10
CA PHE A 343 -19.70 65.12 40.41
C PHE A 343 -19.39 64.37 41.72
N VAL A 344 -18.13 63.94 41.90
CA VAL A 344 -17.70 63.11 43.07
C VAL A 344 -17.65 63.85 44.39
N ASP A 345 -18.24 63.24 45.44
CA ASP A 345 -18.36 63.80 46.82
C ASP A 345 -17.45 65.01 47.19
N TRP A 346 -16.15 64.84 46.92
CA TRP A 346 -15.10 65.84 47.25
C TRP A 346 -14.49 66.60 46.04
N CYS A 347 -15.33 67.15 45.18
CA CYS A 347 -14.81 67.92 44.07
C CYS A 347 -15.70 69.08 43.74
N PRO A 348 -15.10 70.16 43.24
CA PRO A 348 -15.83 71.34 42.83
C PRO A 348 -17.11 71.06 42.02
N THR A 349 -16.98 70.48 40.82
CA THR A 349 -17.91 70.59 39.67
C THR A 349 -17.22 71.51 38.63
N GLY A 350 -16.00 71.07 38.27
CA GLY A 350 -15.03 71.81 37.48
C GLY A 350 -15.56 72.39 36.20
N PHE A 351 -14.81 72.19 35.13
CA PHE A 351 -15.12 72.77 33.84
C PHE A 351 -14.07 73.78 33.37
N LYS A 352 -12.81 73.36 33.21
CA LYS A 352 -11.84 74.25 32.59
C LYS A 352 -12.28 74.28 31.14
N VAL A 353 -12.60 75.47 30.61
CA VAL A 353 -13.02 75.63 29.22
C VAL A 353 -11.90 76.11 28.34
N GLY A 354 -11.78 75.50 27.19
CA GLY A 354 -10.76 75.88 26.26
C GLY A 354 -11.48 76.37 25.04
N ILE A 355 -11.34 77.66 24.75
CA ILE A 355 -11.76 78.24 23.50
C ILE A 355 -10.57 78.52 22.59
N ASN A 356 -10.65 78.00 21.36
CA ASN A 356 -9.68 78.26 20.29
C ASN A 356 -10.35 78.82 19.04
N TYR A 357 -9.94 80.02 18.66
CA TYR A 357 -10.65 80.78 17.67
C TYR A 357 -10.63 80.16 16.32
N GLN A 358 -9.58 79.38 16.06
CA GLN A 358 -9.36 78.69 14.79
C GLN A 358 -10.46 77.66 14.39
N PRO A 359 -11.12 77.88 13.23
CA PRO A 359 -12.32 77.14 12.86
C PRO A 359 -11.98 75.82 12.30
N PRO A 360 -12.89 74.91 12.52
CA PRO A 360 -12.61 73.48 12.42
C PRO A 360 -12.49 73.07 10.97
N THR A 361 -11.28 72.75 10.53
CA THR A 361 -11.06 72.42 9.12
C THR A 361 -11.24 70.92 8.92
N VAL A 362 -11.79 70.56 7.76
CA VAL A 362 -12.08 69.17 7.41
C VAL A 362 -11.80 68.83 5.97
N VAL A 363 -11.59 67.53 5.81
CA VAL A 363 -11.02 66.83 4.66
C VAL A 363 -12.01 66.84 3.53
N PRO A 364 -11.64 67.31 2.36
CA PRO A 364 -12.62 67.68 1.35
C PRO A 364 -13.37 66.44 0.87
N GLY A 365 -12.62 65.37 0.54
CA GLY A 365 -13.21 64.13 0.07
C GLY A 365 -14.27 63.66 1.04
N GLY A 366 -13.86 63.69 2.31
CA GLY A 366 -14.57 63.16 3.48
C GLY A 366 -16.09 63.17 3.54
N ASP A 367 -16.64 62.73 4.69
CA ASP A 367 -18.07 62.47 4.78
C ASP A 367 -18.74 63.52 5.61
N LEU A 368 -17.94 64.27 6.36
CA LEU A 368 -18.48 65.31 7.24
C LEU A 368 -18.43 66.65 6.55
N ALA A 369 -19.26 67.59 7.03
CA ALA A 369 -19.32 68.90 6.42
C ALA A 369 -18.58 69.94 7.22
N LYS A 370 -18.18 71.01 6.54
CA LYS A 370 -17.53 72.15 7.17
C LYS A 370 -18.46 72.63 8.27
N VAL A 371 -17.92 72.83 9.46
CA VAL A 371 -18.72 73.49 10.48
C VAL A 371 -18.26 74.90 10.77
N GLN A 372 -18.67 75.41 11.92
CA GLN A 372 -18.55 76.81 12.25
C GLN A 372 -17.93 76.90 13.63
N ARG A 373 -18.20 75.83 14.40
CA ARG A 373 -17.78 75.68 15.78
C ARG A 373 -18.07 74.25 16.22
N ALA A 374 -17.20 73.71 17.06
CA ALA A 374 -17.37 72.36 17.50
C ALA A 374 -16.75 72.23 18.87
N VAL A 375 -17.48 71.59 19.76
CA VAL A 375 -17.02 71.41 21.13
C VAL A 375 -16.26 70.10 21.27
N CYS A 376 -15.74 69.82 22.46
CA CYS A 376 -15.02 68.57 22.62
C CYS A 376 -14.90 67.88 23.95
N MET A 377 -15.51 68.40 25.01
CA MET A 377 -15.73 67.61 26.24
C MET A 377 -14.80 66.39 26.55
N LEU A 378 -13.80 66.64 27.39
CA LEU A 378 -13.00 65.55 27.92
C LEU A 378 -13.48 65.27 29.32
N SER A 379 -13.81 64.04 29.64
CA SER A 379 -14.29 63.80 30.98
C SER A 379 -13.56 62.63 31.59
N ASN A 380 -13.21 62.81 32.88
CA ASN A 380 -12.87 61.69 33.76
C ASN A 380 -14.00 61.24 34.64
N THR A 381 -14.64 60.14 34.25
CA THR A 381 -15.80 59.59 34.91
C THR A 381 -15.48 58.17 35.30
N THR A 382 -16.14 57.70 36.35
CA THR A 382 -15.86 56.41 36.97
C THR A 382 -16.47 55.31 36.19
N ALA A 383 -17.48 55.63 35.39
CA ALA A 383 -18.18 54.61 34.62
C ALA A 383 -17.42 54.15 33.36
N VAL A 384 -16.25 54.72 33.16
CA VAL A 384 -15.38 54.25 32.13
C VAL A 384 -14.89 52.83 32.48
N ALA A 385 -14.96 52.47 33.76
CA ALA A 385 -14.64 51.11 34.25
C ALA A 385 -15.73 50.08 33.94
N GLU A 386 -16.80 50.57 33.30
CA GLU A 386 -17.76 49.73 32.62
C GLU A 386 -17.00 49.04 31.53
N ALA A 387 -16.14 49.83 30.85
CA ALA A 387 -15.34 49.37 29.72
C ALA A 387 -14.19 48.46 30.17
N TRP A 388 -13.70 48.66 31.38
CA TRP A 388 -12.64 47.82 31.92
C TRP A 388 -13.18 46.43 32.22
N ALA A 389 -14.46 46.37 32.61
CA ALA A 389 -15.09 45.11 32.99
C ALA A 389 -15.36 44.23 31.78
N ARG A 390 -15.91 44.83 30.72
CA ARG A 390 -16.30 44.09 29.52
C ARG A 390 -15.09 43.44 28.88
N LEU A 391 -13.93 44.10 29.01
CA LEU A 391 -12.66 43.51 28.62
C LEU A 391 -12.28 42.39 29.62
N ASP A 392 -12.35 42.68 30.91
CA ASP A 392 -11.94 41.71 31.91
C ASP A 392 -12.72 40.42 31.79
N HIS A 393 -14.04 40.53 31.62
CA HIS A 393 -14.91 39.34 31.67
C HIS A 393 -14.52 38.35 30.58
N LYS A 394 -14.30 38.88 29.38
CA LYS A 394 -13.78 38.10 28.27
C LYS A 394 -12.55 37.32 28.77
N PHE A 395 -11.48 38.05 29.07
CA PHE A 395 -10.24 37.50 29.60
C PHE A 395 -10.55 36.40 30.59
N ASP A 396 -11.20 36.76 31.69
CA ASP A 396 -11.38 35.86 32.80
C ASP A 396 -11.89 34.47 32.43
N LEU A 397 -12.73 34.42 31.39
CA LEU A 397 -13.52 33.23 31.05
C LEU A 397 -12.89 32.37 29.95
N MET A 398 -12.09 33.04 29.12
CA MET A 398 -11.13 32.43 28.25
C MET A 398 -10.06 31.81 29.11
N TYR A 399 -9.30 32.64 29.81
CA TYR A 399 -8.26 32.17 30.74
C TYR A 399 -8.72 31.03 31.64
N ALA A 400 -10.01 31.04 31.99
CA ALA A 400 -10.69 29.95 32.72
C ALA A 400 -10.44 28.54 32.14
N LYS A 401 -9.77 28.45 31.00
CA LYS A 401 -9.42 27.17 30.39
C LYS A 401 -8.11 27.31 29.63
N ARG A 402 -7.26 28.22 30.08
CA ARG A 402 -5.99 28.50 29.42
C ARG A 402 -6.18 28.89 27.96
N ALA A 403 -7.43 28.93 27.53
CA ALA A 403 -7.81 29.37 26.19
C ALA A 403 -6.68 29.16 25.25
N PHE A 404 -5.92 30.20 25.00
CA PHE A 404 -4.89 30.12 24.01
C PHE A 404 -3.57 30.31 24.66
N VAL A 405 -3.60 30.66 25.94
CA VAL A 405 -2.40 31.00 26.71
C VAL A 405 -1.06 30.44 26.19
N HIS A 406 -1.01 29.16 25.80
CA HIS A 406 0.22 28.50 25.33
C HIS A 406 0.95 29.31 24.26
N TRP A 407 0.20 29.82 23.28
CA TRP A 407 0.74 30.66 22.23
C TRP A 407 1.62 31.78 22.71
N TYR A 408 1.52 32.10 24.00
CA TYR A 408 2.36 33.12 24.61
C TYR A 408 3.47 32.47 25.42
N VAL A 409 3.09 31.46 26.20
CA VAL A 409 4.02 30.69 27.02
C VAL A 409 5.11 30.24 26.07
N GLY A 410 4.71 30.01 24.82
CA GLY A 410 5.63 29.63 23.77
C GLY A 410 6.67 30.68 23.57
N GLU A 411 6.26 31.86 23.13
CA GLU A 411 7.21 32.90 22.74
C GLU A 411 8.13 33.31 23.89
N GLY A 412 7.73 33.00 25.12
CA GLY A 412 8.68 33.06 26.21
C GLY A 412 8.06 33.51 27.50
N MET A 413 6.75 33.70 27.48
CA MET A 413 6.04 34.28 28.59
C MET A 413 5.85 33.34 29.76
N GLU A 414 5.32 33.88 30.86
CA GLU A 414 5.00 33.10 32.06
C GLU A 414 3.50 32.85 32.23
N GLU A 415 3.15 31.65 32.68
CA GLU A 415 1.80 31.34 33.13
C GLU A 415 1.36 32.43 34.11
N GLY A 416 2.30 32.86 34.97
CA GLY A 416 2.06 33.85 36.02
C GLY A 416 2.17 35.32 35.64
N GLU A 417 2.54 35.63 34.38
CA GLU A 417 2.50 37.02 33.92
C GLU A 417 1.06 37.37 33.60
N PHE A 418 0.38 36.42 32.98
CA PHE A 418 -1.06 36.50 32.79
C PHE A 418 -1.78 36.66 34.13
N SER A 419 -1.31 35.97 35.17
CA SER A 419 -1.89 36.05 36.49
C SER A 419 -1.70 37.47 36.98
N GLU A 420 -0.43 37.85 37.19
CA GLU A 420 -0.05 39.12 37.82
C GLU A 420 -0.35 40.42 36.99
N ALA A 421 -1.12 40.26 35.91
CA ALA A 421 -1.69 41.38 35.17
C ALA A 421 -3.17 41.51 35.40
N ARG A 422 -3.90 40.43 35.21
CA ARG A 422 -5.28 40.38 35.65
C ARG A 422 -5.38 40.73 37.16
N GLU A 423 -4.37 40.34 37.95
CA GLU A 423 -4.22 40.80 39.33
C GLU A 423 -4.45 42.28 39.34
N ASP A 424 -3.52 43.02 38.71
CA ASP A 424 -3.58 44.48 38.60
C ASP A 424 -4.92 45.00 38.10
N MET A 425 -5.52 44.23 37.20
CA MET A 425 -6.73 44.67 36.57
C MET A 425 -7.83 44.73 37.55
N ALA A 426 -7.99 43.68 38.33
CA ALA A 426 -9.01 43.67 39.39
C ALA A 426 -8.85 44.79 40.44
N ALA A 427 -7.61 45.33 40.53
CA ALA A 427 -7.25 46.36 41.52
C ALA A 427 -7.77 47.68 41.03
N LEU A 428 -7.35 48.06 39.83
CA LEU A 428 -7.85 49.28 39.19
C LEU A 428 -9.39 49.32 39.17
N GLU A 429 -10.01 48.22 38.71
CA GLU A 429 -11.48 48.06 38.65
C GLU A 429 -12.15 48.43 39.95
N LYS A 430 -11.43 48.26 41.07
CA LYS A 430 -11.88 48.66 42.40
C LYS A 430 -11.57 50.14 42.69
N ASP A 431 -10.34 50.60 42.40
CA ASP A 431 -9.95 51.99 42.66
C ASP A 431 -11.02 52.89 42.14
N TYR A 432 -11.45 52.58 40.92
CA TYR A 432 -12.48 53.32 40.18
C TYR A 432 -13.86 53.30 40.87
N GLU A 433 -14.27 52.12 41.30
CA GLU A 433 -15.48 51.97 42.05
C GLU A 433 -15.24 52.55 43.44
N GLU A 434 -13.96 52.55 43.89
CA GLU A 434 -13.56 53.00 45.23
C GLU A 434 -13.40 54.52 45.40
N VAL A 435 -13.81 55.24 44.35
CA VAL A 435 -13.87 56.68 44.36
C VAL A 435 -15.36 57.01 44.22
N GLY A 436 -16.20 56.35 45.02
CA GLY A 436 -17.61 56.65 44.93
C GLY A 436 -18.25 57.02 46.25
N ALA A 437 -18.05 58.20 46.83
CA ALA A 437 -18.69 58.65 48.12
C ALA A 437 -18.20 57.99 49.42
N ARG B 2 2.91 36.13 3.66
CA ARG B 2 3.96 37.02 3.13
C ARG B 2 4.73 36.26 2.06
N GLU B 3 4.57 34.94 2.03
CA GLU B 3 5.19 34.03 1.04
C GLU B 3 5.03 32.59 1.52
N ILE B 4 4.54 31.68 0.66
CA ILE B 4 4.38 30.25 1.02
C ILE B 4 4.60 29.24 -0.11
N VAL B 5 5.50 28.27 0.14
CA VAL B 5 5.80 27.17 -0.78
C VAL B 5 4.90 26.00 -0.49
N HIS B 6 4.71 25.20 -1.51
CA HIS B 6 3.64 24.25 -1.44
C HIS B 6 4.08 22.84 -1.82
N ILE B 7 3.71 21.87 -0.97
CA ILE B 7 4.07 20.47 -1.21
C ILE B 7 2.85 19.63 -1.60
N GLN B 8 3.04 18.84 -2.67
CA GLN B 8 2.08 17.84 -3.08
C GLN B 8 2.79 16.49 -3.06
N ALA B 9 2.20 15.50 -2.41
CA ALA B 9 2.83 14.21 -2.36
C ALA B 9 1.89 13.07 -2.71
N GLY B 10 2.16 12.43 -3.84
CA GLY B 10 1.53 11.19 -4.22
C GLY B 10 0.11 11.21 -4.77
N GLN B 11 -0.27 10.09 -5.42
CA GLN B 11 -1.58 9.87 -6.09
C GLN B 11 -2.69 10.87 -5.73
N CYS B 12 -3.07 10.94 -4.44
CA CYS B 12 -4.13 11.85 -4.04
C CYS B 12 -3.63 13.23 -3.77
N GLY B 13 -2.47 13.31 -3.11
CA GLY B 13 -1.87 14.59 -2.84
C GLY B 13 -1.61 15.44 -4.08
N ASN B 14 -1.23 14.75 -5.16
CA ASN B 14 -0.90 15.37 -6.43
C ASN B 14 -2.11 15.75 -7.27
N GLN B 15 -3.10 14.87 -7.38
CA GLN B 15 -4.31 15.17 -8.14
C GLN B 15 -5.13 16.26 -7.47
N ILE B 16 -5.13 16.27 -6.13
CA ILE B 16 -5.79 17.30 -5.36
C ILE B 16 -5.25 18.70 -5.69
N GLY B 17 -3.93 18.79 -5.81
CA GLY B 17 -3.26 20.03 -6.10
C GLY B 17 -3.38 20.48 -7.53
N ALA B 18 -3.29 19.55 -8.47
CA ALA B 18 -3.45 19.84 -9.88
C ALA B 18 -4.78 20.55 -10.16
N LYS B 19 -5.80 20.19 -9.39
CA LYS B 19 -7.11 20.84 -9.50
C LYS B 19 -7.18 21.97 -8.48
N PHE B 20 -6.20 22.10 -7.60
CA PHE B 20 -6.15 23.30 -6.77
C PHE B 20 -5.56 24.46 -7.60
N TRP B 21 -4.41 24.21 -8.22
CA TRP B 21 -3.71 25.17 -9.08
C TRP B 21 -4.47 25.51 -10.35
N GLU B 22 -5.30 24.60 -10.86
CA GLU B 22 -6.12 24.87 -12.03
C GLU B 22 -7.22 25.92 -11.72
N VAL B 23 -7.49 26.14 -10.43
CA VAL B 23 -8.50 27.13 -9.97
C VAL B 23 -7.92 28.48 -9.58
N ILE B 24 -6.87 28.47 -8.76
CA ILE B 24 -6.28 29.72 -8.33
C ILE B 24 -5.58 30.37 -9.51
N SER B 25 -4.92 29.57 -10.34
CA SER B 25 -4.32 30.10 -11.57
C SER B 25 -5.38 30.76 -12.47
N ASP B 26 -6.57 30.18 -12.47
CA ASP B 26 -7.70 30.77 -13.15
C ASP B 26 -8.04 32.13 -12.54
N GLU B 27 -8.42 32.17 -11.24
CA GLU B 27 -8.89 33.41 -10.58
C GLU B 27 -7.89 34.56 -10.65
N HIS B 28 -6.59 34.24 -10.80
CA HIS B 28 -5.57 35.25 -11.02
C HIS B 28 -5.47 35.51 -12.50
N GLY B 29 -5.55 34.44 -13.28
CA GLY B 29 -5.56 34.56 -14.72
C GLY B 29 -4.20 34.25 -15.27
N ILE B 30 -3.86 32.98 -15.30
CA ILE B 30 -2.61 32.55 -15.86
C ILE B 30 -2.86 31.42 -16.85
N ASP B 31 -2.36 31.63 -18.07
CA ASP B 31 -2.38 30.62 -19.12
C ASP B 31 -1.73 29.39 -18.61
N PRO B 32 -1.79 28.30 -19.37
CA PRO B 32 -0.96 27.13 -19.07
C PRO B 32 0.51 27.49 -18.73
N THR B 33 1.13 28.39 -19.48
CA THR B 33 2.51 28.80 -19.20
C THR B 33 2.49 30.26 -18.88
N GLY B 34 1.93 31.02 -19.82
CA GLY B 34 2.00 32.46 -19.83
C GLY B 34 1.67 33.13 -18.52
N SER B 35 1.91 34.44 -18.50
CA SER B 35 1.59 35.29 -17.35
C SER B 35 0.12 35.69 -17.39
N TYR B 36 -0.13 36.99 -17.32
CA TYR B 36 -1.44 37.49 -17.05
C TYR B 36 -2.36 37.53 -18.26
N HIS B 37 -3.66 37.41 -17.98
CA HIS B 37 -4.74 37.65 -18.92
C HIS B 37 -5.99 37.61 -18.03
N GLY B 38 -6.48 38.79 -17.67
CA GLY B 38 -7.61 38.94 -16.75
C GLY B 38 -8.06 40.40 -16.69
N ASP B 39 -9.36 40.63 -16.92
CA ASP B 39 -9.87 42.00 -17.02
C ASP B 39 -10.09 42.60 -15.64
N SER B 40 -9.71 41.85 -14.62
CA SER B 40 -9.59 42.36 -13.27
C SER B 40 -8.18 43.00 -13.07
N ASP B 41 -7.84 43.36 -11.83
CA ASP B 41 -6.58 44.09 -11.54
C ASP B 41 -5.95 43.67 -10.21
N LEU B 42 -6.79 43.53 -9.18
CA LEU B 42 -6.39 43.07 -7.84
C LEU B 42 -5.40 41.93 -7.95
N GLN B 43 -5.92 40.74 -8.24
CA GLN B 43 -5.15 39.52 -8.42
C GLN B 43 -3.73 39.64 -7.90
N LEU B 44 -2.90 40.38 -8.62
CA LEU B 44 -1.46 40.37 -8.44
C LEU B 44 -0.89 40.95 -7.11
N GLU B 45 -1.75 41.43 -6.21
CA GLU B 45 -1.33 41.82 -4.85
C GLU B 45 -0.63 40.68 -4.12
N ARG B 46 -1.28 39.53 -4.12
CA ARG B 46 -0.84 38.45 -3.29
C ARG B 46 -0.40 37.27 -4.12
N ILE B 47 -0.47 37.43 -5.45
CA ILE B 47 0.08 36.43 -6.38
C ILE B 47 1.48 36.04 -5.91
N ASN B 48 2.14 37.01 -5.28
CA ASN B 48 3.34 36.76 -4.53
C ASN B 48 3.24 35.48 -3.71
N VAL B 49 2.21 35.38 -2.88
CA VAL B 49 2.13 34.30 -1.90
C VAL B 49 2.16 32.88 -2.47
N TYR B 50 1.67 32.67 -3.71
CA TYR B 50 1.71 31.31 -4.30
C TYR B 50 2.48 31.19 -5.58
N TYR B 51 3.16 32.26 -5.97
CA TYR B 51 3.90 32.29 -7.21
C TYR B 51 5.22 33.06 -7.17
N ASN B 52 6.29 32.31 -6.92
CA ASN B 52 7.69 32.68 -7.20
C ASN B 52 7.83 32.94 -8.72
N GLU B 53 7.81 34.18 -9.19
CA GLU B 53 7.72 34.35 -10.64
C GLU B 53 9.07 34.32 -11.37
N ALA B 54 9.03 34.22 -12.72
CA ALA B 54 10.23 33.86 -13.54
C ALA B 54 10.45 34.59 -14.89
N THR B 55 11.23 33.93 -15.76
CA THR B 55 11.75 34.50 -17.03
C THR B 55 10.67 35.13 -17.92
N GLY B 56 11.04 36.16 -18.68
CA GLY B 56 10.06 36.99 -19.36
C GLY B 56 9.20 37.71 -18.31
N ASN B 57 7.88 37.67 -18.46
CA ASN B 57 6.98 38.04 -17.36
C ASN B 57 6.68 36.77 -16.57
N LYS B 58 6.04 35.79 -17.22
CA LYS B 58 5.73 34.42 -16.73
C LYS B 58 5.63 34.16 -15.21
N TYR B 59 4.81 33.19 -14.79
CA TYR B 59 4.46 33.10 -13.37
C TYR B 59 4.80 31.88 -12.46
N VAL B 60 5.27 30.76 -13.01
CA VAL B 60 5.57 29.51 -12.24
C VAL B 60 5.21 29.42 -10.74
N PRO B 61 4.18 28.66 -10.44
CA PRO B 61 3.79 28.37 -9.06
C PRO B 61 4.93 27.88 -8.15
N ARG B 62 4.75 28.11 -6.85
CA ARG B 62 5.61 27.61 -5.78
C ARG B 62 5.11 26.22 -5.46
N ALA B 63 5.75 25.24 -6.09
CA ALA B 63 5.21 23.91 -6.07
C ALA B 63 6.29 22.86 -6.08
N ILE B 64 6.26 22.04 -5.06
CA ILE B 64 7.10 20.89 -5.02
C ILE B 64 6.21 19.66 -5.27
N LEU B 65 6.55 18.92 -6.32
CA LEU B 65 5.79 17.74 -6.70
C LEU B 65 6.53 16.46 -6.31
N VAL B 66 5.94 15.70 -5.36
CA VAL B 66 6.55 14.47 -4.84
C VAL B 66 5.66 13.24 -5.00
N ASP B 67 6.23 12.18 -5.58
CA ASP B 67 5.58 10.86 -5.73
C ASP B 67 6.66 9.74 -5.84
N LEU B 68 6.28 8.51 -5.51
CA LEU B 68 7.23 7.39 -5.48
C LEU B 68 7.13 6.43 -6.68
N GLU B 69 6.24 6.77 -7.60
CA GLU B 69 6.12 6.10 -8.88
C GLU B 69 5.81 7.19 -9.89
N PRO B 70 6.53 7.20 -11.01
CA PRO B 70 6.23 8.13 -12.11
C PRO B 70 4.71 8.35 -12.24
N GLY B 71 3.95 7.30 -12.51
CA GLY B 71 2.50 7.35 -12.67
C GLY B 71 1.82 8.71 -12.65
N THR B 72 1.19 9.02 -11.52
CA THR B 72 0.30 10.19 -11.39
C THR B 72 0.96 11.55 -11.71
N MET B 73 2.28 11.57 -11.77
CA MET B 73 3.00 12.78 -12.08
C MET B 73 3.06 13.05 -13.58
N ASP B 74 3.22 11.98 -14.35
CA ASP B 74 3.19 12.09 -15.80
C ASP B 74 1.74 12.35 -16.23
N SER B 75 0.83 12.11 -15.28
CA SER B 75 -0.58 12.38 -15.48
C SER B 75 -0.86 13.86 -15.33
N VAL B 76 0.07 14.62 -14.79
CA VAL B 76 -0.14 16.05 -14.64
C VAL B 76 0.62 16.85 -15.66
N ARG B 77 1.87 16.46 -15.93
CA ARG B 77 2.64 17.11 -16.99
C ARG B 77 1.85 17.13 -18.29
N SER B 78 1.07 16.08 -18.49
CA SER B 78 0.03 16.04 -19.51
C SER B 78 -1.32 16.37 -18.84
N GLY B 79 -2.14 17.14 -19.53
CA GLY B 79 -3.45 17.47 -19.04
C GLY B 79 -3.61 18.92 -18.60
N PRO B 80 -4.06 19.14 -17.36
CA PRO B 80 -4.61 20.43 -16.90
C PRO B 80 -3.81 21.70 -17.34
N PHE B 81 -3.30 22.43 -16.34
CA PHE B 81 -2.28 23.47 -16.52
C PHE B 81 -0.95 22.73 -16.37
N GLY B 82 -0.74 21.72 -17.19
CA GLY B 82 0.31 20.75 -16.97
C GLY B 82 1.67 21.39 -17.09
N GLN B 83 1.74 22.35 -17.98
CA GLN B 83 2.99 23.02 -18.33
C GLN B 83 3.55 23.85 -17.17
N ILE B 84 2.67 24.27 -16.27
CA ILE B 84 2.93 25.38 -15.35
C ILE B 84 4.05 25.24 -14.30
N PHE B 85 4.26 24.05 -13.74
CA PHE B 85 5.19 23.84 -12.62
C PHE B 85 6.64 23.69 -13.07
N ARG B 86 7.59 24.18 -12.28
CA ARG B 86 8.99 24.13 -12.71
C ARG B 86 9.40 22.68 -12.87
N PRO B 87 9.80 22.28 -14.09
CA PRO B 87 10.00 20.86 -14.37
C PRO B 87 11.07 20.26 -13.46
N ASP B 88 11.86 21.11 -12.79
CA ASP B 88 12.85 20.63 -11.84
C ASP B 88 12.27 20.51 -10.45
N ASN B 89 11.00 20.88 -10.30
CA ASN B 89 10.31 20.77 -9.02
C ASN B 89 9.56 19.44 -8.89
N PHE B 90 9.91 18.52 -9.79
CA PHE B 90 9.33 17.18 -9.90
C PHE B 90 10.25 16.14 -9.25
N VAL B 91 9.73 15.39 -8.29
CA VAL B 91 10.52 14.29 -7.76
C VAL B 91 9.83 12.92 -7.91
N PHE B 92 10.30 12.15 -8.90
CA PHE B 92 9.85 10.77 -9.16
C PHE B 92 10.45 9.77 -8.20
N GLY B 93 9.71 8.70 -7.93
CA GLY B 93 10.16 7.66 -7.01
C GLY B 93 10.72 6.41 -7.68
N GLN B 94 10.22 6.15 -8.89
CA GLN B 94 10.72 5.05 -9.71
C GLN B 94 10.34 3.67 -9.18
N SER B 95 10.41 3.45 -7.87
CA SER B 95 10.10 2.16 -7.28
C SER B 95 8.63 2.11 -6.92
N GLY B 96 8.29 1.16 -6.06
CA GLY B 96 6.94 1.07 -5.57
C GLY B 96 6.64 2.14 -4.54
N ALA B 97 5.33 2.34 -4.34
CA ALA B 97 4.77 3.11 -3.23
C ALA B 97 4.46 2.15 -2.09
N GLY B 98 3.85 1.04 -2.46
CA GLY B 98 3.42 0.08 -1.49
C GLY B 98 1.94 0.21 -1.16
N ASN B 99 1.50 1.43 -0.86
CA ASN B 99 0.19 1.61 -0.24
C ASN B 99 0.31 1.18 1.20
N ASN B 100 1.52 1.39 1.69
CA ASN B 100 1.93 0.93 2.99
C ASN B 100 2.79 2.02 3.60
N TRP B 101 2.35 2.46 4.77
CA TRP B 101 2.89 3.67 5.40
C TRP B 101 4.36 3.59 5.74
N ALA B 102 4.84 2.37 5.95
CA ALA B 102 6.21 2.18 6.33
C ALA B 102 7.15 2.46 5.17
N LYS B 103 6.86 1.85 4.03
CA LYS B 103 7.67 2.04 2.87
C LYS B 103 7.83 3.55 2.66
N GLY B 104 6.72 4.29 2.77
CA GLY B 104 6.64 5.74 2.58
C GLY B 104 7.38 6.62 3.57
N HIS B 105 7.29 6.28 4.85
CA HIS B 105 7.99 7.00 5.94
C HIS B 105 9.43 6.48 6.21
N TYR B 106 9.73 5.25 5.83
CA TYR B 106 11.03 4.73 6.23
C TYR B 106 11.96 4.31 5.09
N THR B 107 11.68 3.17 4.47
CA THR B 107 12.59 2.54 3.53
C THR B 107 12.59 3.19 2.16
N GLU B 108 11.56 2.90 1.36
CA GLU B 108 11.51 3.44 0.01
C GLU B 108 11.35 4.95 0.08
N GLY B 109 10.86 5.43 1.22
CA GLY B 109 10.69 6.84 1.49
C GLY B 109 11.99 7.59 1.68
N ALA B 110 12.59 7.46 2.86
CA ALA B 110 13.84 8.16 3.18
C ALA B 110 14.65 8.35 1.92
N GLU B 111 14.96 7.21 1.28
CA GLU B 111 15.54 7.13 -0.05
C GLU B 111 15.42 8.42 -0.91
N LEU B 112 14.23 9.02 -0.94
CA LEU B 112 13.98 10.24 -1.71
C LEU B 112 14.06 11.53 -0.89
N VAL B 113 13.28 11.61 0.18
CA VAL B 113 13.24 12.75 1.09
C VAL B 113 14.27 13.85 0.83
N ASP B 114 15.54 13.49 0.92
CA ASP B 114 16.60 14.45 0.73
C ASP B 114 16.37 15.25 -0.52
N SER B 115 16.19 14.57 -1.64
CA SER B 115 15.99 15.28 -2.90
C SER B 115 14.63 16.01 -3.05
N VAL B 116 13.91 16.12 -1.96
CA VAL B 116 12.73 16.97 -1.94
C VAL B 116 12.99 17.97 -0.87
N LEU B 117 13.60 17.50 0.21
CA LEU B 117 14.10 18.39 1.22
C LEU B 117 15.04 19.42 0.55
N ASP B 118 15.92 18.91 -0.31
CA ASP B 118 16.87 19.72 -1.06
C ASP B 118 16.14 20.75 -1.96
N VAL B 119 14.89 20.48 -2.35
CA VAL B 119 14.16 21.38 -3.24
C VAL B 119 13.29 22.33 -2.48
N VAL B 120 12.65 21.87 -1.42
CA VAL B 120 11.86 22.81 -0.66
C VAL B 120 12.79 23.88 -0.16
N ARG B 121 13.99 23.47 0.25
CA ARG B 121 15.04 24.40 0.61
C ARG B 121 15.18 25.50 -0.48
N LYS B 122 15.83 25.17 -1.61
CA LYS B 122 16.06 26.13 -2.70
C LYS B 122 14.87 27.04 -3.04
N GLU B 123 13.65 26.55 -2.84
CA GLU B 123 12.48 27.34 -3.12
C GLU B 123 12.13 28.25 -1.96
N SER B 124 12.32 27.76 -0.76
CA SER B 124 11.94 28.51 0.43
C SER B 124 13.04 29.47 0.82
N GLU B 125 14.25 28.91 0.94
CA GLU B 125 15.50 29.63 1.16
C GLU B 125 15.76 30.62 0.01
N SER B 126 14.81 30.69 -0.92
CA SER B 126 14.82 31.66 -2.02
C SER B 126 13.53 32.46 -2.21
N CYS B 127 12.59 32.26 -1.29
CA CYS B 127 11.55 33.24 -1.09
C CYS B 127 12.21 34.45 -0.50
N ASP B 128 11.46 35.30 0.18
CA ASP B 128 12.10 36.48 0.77
C ASP B 128 11.68 36.79 2.22
N CYS B 129 10.51 36.35 2.60
CA CYS B 129 10.19 36.29 4.00
C CYS B 129 9.18 35.18 4.09
N LEU B 130 9.69 33.95 3.87
CA LEU B 130 8.85 32.76 3.80
C LEU B 130 7.95 32.63 5.04
N GLN B 131 6.70 32.23 4.84
CA GLN B 131 5.76 32.29 5.93
C GLN B 131 5.44 30.92 6.49
N GLY B 132 5.39 29.96 5.58
CA GLY B 132 5.14 28.57 5.95
C GLY B 132 4.94 27.63 4.78
N PHE B 133 4.76 26.36 5.11
CA PHE B 133 4.48 25.43 4.07
C PHE B 133 3.10 24.92 4.27
N GLN B 134 2.45 24.63 3.14
CA GLN B 134 1.25 23.83 3.10
C GLN B 134 1.50 22.66 2.16
N LEU B 135 0.99 21.48 2.59
CA LEU B 135 1.08 20.25 1.82
C LEU B 135 -0.21 19.42 1.83
N THR B 136 -0.44 18.77 0.69
CA THR B 136 -1.62 17.96 0.43
C THR B 136 -1.19 16.50 0.41
N HIS B 137 -2.11 15.59 0.73
CA HIS B 137 -1.84 14.11 0.74
C HIS B 137 -3.02 13.20 1.15
N SER B 138 -3.07 11.99 0.56
CA SER B 138 -3.87 10.88 1.09
C SER B 138 -3.45 10.52 2.52
N LEU B 139 -4.38 10.16 3.39
CA LEU B 139 -3.96 9.91 4.79
C LEU B 139 -3.79 8.43 5.13
N GLY B 140 -4.52 7.57 4.39
CA GLY B 140 -4.25 6.14 4.29
C GLY B 140 -3.55 6.02 2.96
N GLY B 141 -3.19 4.83 2.54
CA GLY B 141 -2.26 4.76 1.44
C GLY B 141 -0.84 5.11 1.89
N GLY B 142 0.11 4.99 0.97
CA GLY B 142 1.52 4.89 1.33
C GLY B 142 2.39 6.13 1.11
N THR B 143 2.78 6.35 -0.14
CA THR B 143 3.64 7.48 -0.50
C THR B 143 3.18 8.81 0.10
N GLY B 144 1.98 9.27 -0.27
CA GLY B 144 1.43 10.51 0.26
C GLY B 144 1.48 10.55 1.77
N SER B 145 0.75 9.62 2.36
CA SER B 145 0.62 9.56 3.81
C SER B 145 1.95 9.35 4.54
N GLY B 146 2.74 8.41 4.01
CA GLY B 146 4.01 8.01 4.62
C GLY B 146 5.10 9.04 4.45
N MET B 147 5.58 9.18 3.21
CA MET B 147 6.60 10.17 2.85
C MET B 147 6.23 11.59 3.31
N GLY B 148 4.96 11.92 3.22
CA GLY B 148 4.44 13.17 3.75
C GLY B 148 4.72 13.41 5.22
N THR B 149 4.04 12.65 6.08
CA THR B 149 4.23 12.69 7.53
C THR B 149 5.66 12.99 7.87
N LEU B 150 6.52 12.31 7.11
CA LEU B 150 7.95 12.41 7.25
C LEU B 150 8.43 13.75 6.78
N LEU B 151 8.12 14.04 5.52
CA LEU B 151 8.55 15.30 4.96
C LEU B 151 8.22 16.40 5.95
N ILE B 152 6.97 16.46 6.42
CA ILE B 152 6.68 17.52 7.40
C ILE B 152 7.46 17.34 8.72
N SER B 153 7.73 16.09 9.08
CA SER B 153 8.51 15.82 10.30
C SER B 153 9.94 16.19 10.02
N LYS B 154 10.29 16.21 8.74
CA LYS B 154 11.61 16.62 8.32
C LYS B 154 11.66 18.14 8.12
N ILE B 155 10.53 18.74 7.78
CA ILE B 155 10.51 20.17 7.50
C ILE B 155 10.73 20.91 8.80
N ARG B 156 9.87 20.61 9.79
CA ARG B 156 10.11 21.04 11.16
C ARG B 156 11.56 20.69 11.35
N GLU B 157 12.28 21.47 12.14
CA GLU B 157 13.69 21.17 12.38
C GLU B 157 14.58 21.93 11.42
N GLU B 158 14.39 21.74 10.11
CA GLU B 158 15.09 22.55 9.12
C GLU B 158 14.37 23.86 9.05
N TYR B 159 13.17 23.87 9.62
CA TYR B 159 12.42 25.08 9.92
C TYR B 159 11.63 24.75 11.21
N PRO B 160 11.96 25.41 12.32
CA PRO B 160 11.16 25.26 13.54
C PRO B 160 10.04 26.24 13.40
N ASP B 161 10.18 27.37 14.11
CA ASP B 161 9.87 28.66 13.55
C ASP B 161 8.63 28.81 12.69
N ARG B 162 8.71 28.28 11.49
CA ARG B 162 7.69 28.39 10.49
C ARG B 162 6.44 27.51 10.75
N ILE B 163 5.28 27.89 10.20
CA ILE B 163 4.12 27.04 10.45
C ILE B 163 3.72 26.04 9.38
N MET B 164 3.08 24.99 9.87
CA MET B 164 2.75 23.79 9.10
C MET B 164 1.27 23.62 8.74
N ASN B 165 1.01 23.60 7.45
CA ASN B 165 -0.33 23.57 7.01
C ASN B 165 -0.62 22.34 6.19
N THR B 166 -1.64 21.57 6.58
CA THR B 166 -2.05 20.42 5.75
C THR B 166 -3.53 20.20 5.46
N PHE B 167 -3.72 19.88 4.19
CA PHE B 167 -4.94 19.27 3.72
C PHE B 167 -4.65 17.78 3.67
N SER B 168 -5.45 17.02 4.41
CA SER B 168 -5.33 15.57 4.50
C SER B 168 -6.65 14.90 4.15
N VAL B 169 -6.63 14.05 3.12
CA VAL B 169 -7.82 13.27 2.82
C VAL B 169 -7.84 12.01 3.67
N MET B 170 -8.56 12.12 4.78
CA MET B 170 -8.76 11.00 5.71
C MET B 170 -9.69 9.94 5.02
N PRO B 171 -9.22 8.69 4.82
CA PRO B 171 -9.88 7.72 3.93
C PRO B 171 -10.86 6.78 4.61
N SER B 172 -11.79 6.32 3.80
CA SER B 172 -13.02 5.72 4.25
C SER B 172 -13.16 4.31 3.71
N PRO B 173 -14.08 3.52 4.31
CA PRO B 173 -14.41 2.20 3.76
C PRO B 173 -15.06 2.33 2.38
N LYS B 174 -16.04 3.23 2.23
CA LYS B 174 -16.71 3.49 0.96
C LYS B 174 -15.83 4.39 0.10
N VAL B 175 -15.80 4.11 -1.20
CA VAL B 175 -14.80 4.70 -2.08
C VAL B 175 -13.33 4.42 -1.67
N SER B 176 -12.87 3.26 -2.18
CA SER B 176 -11.55 2.59 -2.02
C SER B 176 -11.45 1.65 -0.83
N ASP B 177 -11.22 0.38 -1.15
CA ASP B 177 -11.04 -0.66 -0.14
C ASP B 177 -9.60 -0.62 0.35
N THR B 178 -8.85 -1.70 0.15
CA THR B 178 -7.46 -1.76 0.63
C THR B 178 -7.47 -2.05 2.12
N VAL B 179 -7.45 -3.33 2.46
CA VAL B 179 -7.56 -3.76 3.85
C VAL B 179 -6.77 -2.88 4.83
N VAL B 180 -5.90 -1.99 4.34
CA VAL B 180 -4.92 -1.37 5.26
C VAL B 180 -5.12 0.06 5.79
N GLU B 181 -5.67 0.98 5.00
CA GLU B 181 -5.53 2.42 5.34
C GLU B 181 -5.63 2.76 6.83
N PRO B 182 -6.67 2.27 7.51
CA PRO B 182 -6.74 2.34 8.95
C PRO B 182 -5.36 2.39 9.61
N TYR B 183 -4.43 1.58 9.11
CA TYR B 183 -3.10 1.53 9.68
C TYR B 183 -2.33 2.78 9.30
N ASN B 184 -2.13 2.96 7.99
CA ASN B 184 -1.47 4.15 7.43
C ASN B 184 -2.01 5.43 8.04
N ALA B 185 -3.33 5.59 8.02
CA ALA B 185 -3.98 6.73 8.64
C ALA B 185 -3.71 6.85 10.14
N THR B 186 -3.99 5.80 10.91
CA THR B 186 -3.78 5.83 12.36
C THR B 186 -2.39 6.27 12.68
N LEU B 187 -1.47 5.74 11.88
CA LEU B 187 -0.05 6.03 12.01
C LEU B 187 0.29 7.48 11.71
N SER B 188 -0.43 8.05 10.75
CA SER B 188 -0.14 9.40 10.29
C SER B 188 -0.85 10.36 11.17
N VAL B 189 -2.03 10.00 11.64
CA VAL B 189 -2.78 10.89 12.49
C VAL B 189 -1.96 11.15 13.73
N HIS B 190 -1.41 10.09 14.32
CA HIS B 190 -0.51 10.29 15.44
C HIS B 190 0.49 11.31 14.98
N GLN B 191 1.01 11.06 13.79
CA GLN B 191 2.14 11.82 13.27
C GLN B 191 1.82 13.30 13.07
N LEU B 192 0.62 13.64 12.59
CA LEU B 192 0.21 15.04 12.35
C LEU B 192 0.15 15.76 13.66
N VAL B 193 -0.71 15.23 14.52
CA VAL B 193 -0.92 15.73 15.87
C VAL B 193 0.31 16.31 16.58
N GLU B 194 1.48 16.01 16.03
CA GLU B 194 2.73 16.30 16.69
C GLU B 194 3.55 17.35 15.96
N ASN B 195 3.35 17.42 14.65
CA ASN B 195 4.31 18.08 13.81
C ASN B 195 3.71 19.34 13.26
N THR B 196 2.41 19.32 12.92
CA THR B 196 1.72 20.46 12.26
C THR B 196 1.00 21.46 13.20
N ASP B 197 0.52 22.58 12.65
CA ASP B 197 -0.12 23.66 13.41
C ASP B 197 -1.58 23.79 13.09
N GLU B 198 -1.91 23.61 11.80
CA GLU B 198 -3.29 23.36 11.35
C GLU B 198 -3.39 22.30 10.26
N THR B 199 -4.38 21.40 10.43
CA THR B 199 -4.80 20.45 9.40
C THR B 199 -6.31 20.46 9.16
N TYR B 200 -6.64 20.28 7.88
CA TYR B 200 -7.99 20.26 7.37
C TYR B 200 -8.42 18.81 7.13
N SER B 201 -9.36 18.30 7.90
CA SER B 201 -9.71 16.92 7.68
C SER B 201 -10.68 16.85 6.51
N ILE B 202 -10.23 16.38 5.37
CA ILE B 202 -11.18 16.10 4.30
C ILE B 202 -11.47 14.59 4.31
N ASP B 203 -12.65 14.24 4.80
CA ASP B 203 -13.13 12.84 4.86
C ASP B 203 -13.68 12.39 3.51
N ASN B 204 -13.04 11.38 2.92
CA ASN B 204 -13.57 10.89 1.67
C ASN B 204 -14.99 10.40 1.85
N GLU B 205 -15.27 9.69 2.94
CA GLU B 205 -16.64 9.28 3.29
C GLU B 205 -17.64 10.44 3.12
N ALA B 206 -17.29 11.62 3.63
CA ALA B 206 -18.14 12.80 3.53
C ALA B 206 -18.22 13.17 2.07
N LEU B 207 -17.07 13.22 1.42
CA LEU B 207 -16.98 13.65 0.04
C LEU B 207 -17.90 12.91 -0.93
N TYR B 208 -17.97 11.59 -0.83
CA TYR B 208 -18.74 10.74 -1.75
C TYR B 208 -20.18 10.60 -1.29
N ASP B 209 -20.39 10.64 0.02
CA ASP B 209 -21.72 10.77 0.63
C ASP B 209 -22.34 12.12 0.23
N ILE B 210 -21.50 13.06 -0.16
CA ILE B 210 -21.91 14.40 -0.56
C ILE B 210 -22.29 14.44 -2.02
N CYS B 211 -21.65 13.61 -2.82
CA CYS B 211 -22.04 13.47 -4.21
C CYS B 211 -23.28 12.56 -4.36
N PHE B 212 -23.71 11.93 -3.27
CA PHE B 212 -24.81 10.96 -3.30
C PHE B 212 -26.04 11.39 -2.49
N ARG B 213 -25.98 11.29 -1.15
CA ARG B 213 -27.11 11.68 -0.27
C ARG B 213 -27.78 12.99 -0.73
N THR B 214 -26.97 13.89 -1.33
CA THR B 214 -27.40 15.16 -2.01
C THR B 214 -26.51 15.52 -3.23
N LEU B 215 -26.89 15.01 -4.42
CA LEU B 215 -26.27 15.41 -5.72
C LEU B 215 -26.63 14.46 -6.88
N LYS B 216 -27.09 13.27 -6.52
CA LYS B 216 -27.48 12.21 -7.46
C LYS B 216 -26.47 11.86 -8.57
N LEU B 217 -25.19 12.20 -8.36
CA LEU B 217 -24.10 11.70 -9.20
C LEU B 217 -23.87 10.21 -8.91
N THR B 218 -24.48 9.36 -9.75
CA THR B 218 -24.60 7.90 -9.53
C THR B 218 -23.27 7.14 -9.36
N THR B 219 -22.31 7.38 -10.24
CA THR B 219 -21.01 6.72 -10.09
C THR B 219 -19.83 7.70 -10.05
N PRO B 220 -19.54 8.19 -8.85
CA PRO B 220 -18.75 9.40 -8.67
C PRO B 220 -17.33 9.20 -9.08
N THR B 221 -16.78 10.15 -9.84
CA THR B 221 -15.42 10.04 -10.33
C THR B 221 -14.48 10.31 -9.21
N TYR B 222 -13.24 9.90 -9.38
CA TYR B 222 -12.21 10.45 -8.55
C TYR B 222 -12.10 11.92 -8.91
N GLY B 223 -12.51 12.25 -10.14
CA GLY B 223 -12.65 13.62 -10.60
C GLY B 223 -13.58 14.49 -9.76
N ASP B 224 -14.84 14.68 -10.20
CA ASP B 224 -15.88 15.33 -9.36
C ASP B 224 -15.95 14.64 -7.98
N LEU B 225 -15.95 15.44 -6.91
CA LEU B 225 -15.45 15.00 -5.61
C LEU B 225 -13.99 15.51 -5.46
N ASN B 226 -13.06 15.09 -6.33
CA ASN B 226 -11.74 15.77 -6.37
C ASN B 226 -11.93 17.24 -6.70
N HIS B 227 -12.92 17.53 -7.55
CA HIS B 227 -13.31 18.89 -7.87
C HIS B 227 -13.91 19.61 -6.67
N LEU B 228 -14.47 18.88 -5.71
CA LEU B 228 -15.04 19.51 -4.53
C LEU B 228 -13.94 20.06 -3.67
N VAL B 229 -13.02 19.21 -3.28
CA VAL B 229 -11.87 19.65 -2.47
C VAL B 229 -11.21 20.87 -3.12
N SER B 230 -11.10 20.81 -4.43
CA SER B 230 -10.37 21.81 -5.19
C SER B 230 -10.91 23.19 -4.91
N ALA B 231 -12.23 23.31 -4.94
CA ALA B 231 -12.91 24.58 -4.68
C ALA B 231 -12.98 24.94 -3.19
N THR B 232 -12.84 23.95 -2.30
CA THR B 232 -12.81 24.20 -0.86
C THR B 232 -11.44 24.74 -0.46
N MET B 233 -10.40 24.30 -1.18
CA MET B 233 -8.99 24.77 -1.10
C MET B 233 -8.90 26.24 -1.48
N SER B 234 -9.70 26.60 -2.48
CA SER B 234 -9.83 27.96 -2.98
C SER B 234 -10.22 28.89 -1.85
N GLY B 235 -11.46 28.73 -1.39
CA GLY B 235 -12.05 29.59 -0.37
C GLY B 235 -11.42 29.50 1.00
N VAL B 236 -10.72 28.41 1.30
CA VAL B 236 -10.04 28.34 2.57
C VAL B 236 -8.86 29.30 2.59
N THR B 237 -8.19 29.42 1.45
CA THR B 237 -7.09 30.40 1.27
C THR B 237 -7.63 31.82 1.17
N THR B 238 -7.90 32.28 -0.05
CA THR B 238 -8.62 33.56 -0.34
C THR B 238 -8.08 34.88 0.28
N CYS B 239 -8.14 34.99 1.61
CA CYS B 239 -7.65 36.17 2.35
C CYS B 239 -6.16 36.05 2.50
N LEU B 240 -5.72 34.81 2.43
CA LEU B 240 -4.34 34.52 2.17
C LEU B 240 -3.94 35.21 0.88
N ARG B 241 -4.74 35.01 -0.18
CA ARG B 241 -4.33 35.32 -1.59
C ARG B 241 -5.01 36.49 -2.39
N PHE B 242 -5.52 37.51 -1.71
CA PHE B 242 -6.32 38.49 -2.46
C PHE B 242 -6.47 39.90 -1.88
N PRO B 243 -6.92 39.95 -0.61
CA PRO B 243 -7.98 40.87 -0.17
C PRO B 243 -7.59 42.29 0.13
N GLY B 244 -8.23 42.82 1.15
CA GLY B 244 -8.05 44.19 1.63
C GLY B 244 -8.90 44.44 2.89
N GLN B 245 -8.85 43.43 3.76
CA GLN B 245 -9.77 43.28 4.88
C GLN B 245 -8.96 43.11 6.19
N LEU B 246 -8.52 41.85 6.39
CA LEU B 246 -7.51 41.39 7.33
C LEU B 246 -6.21 41.36 6.53
N ASN B 247 -5.25 40.54 6.95
CA ASN B 247 -4.10 40.26 6.11
C ASN B 247 -3.53 38.88 6.30
N ALA B 248 -3.91 38.22 7.39
CA ALA B 248 -3.75 36.75 7.49
C ALA B 248 -2.30 36.14 7.41
N ASP B 249 -1.56 36.22 8.51
CA ASP B 249 -0.24 35.63 8.58
C ASP B 249 -0.34 34.14 8.33
N LEU B 250 -1.57 33.61 8.42
CA LEU B 250 -1.84 32.17 8.40
C LEU B 250 -1.34 31.59 9.72
N ARG B 251 -0.27 32.18 10.24
CA ARG B 251 0.01 32.11 11.66
C ARG B 251 -1.06 32.93 12.38
N LYS B 252 -1.48 34.05 11.79
CA LYS B 252 -2.55 34.84 12.39
C LYS B 252 -3.78 33.95 12.47
N LEU B 253 -4.02 33.16 11.43
CA LEU B 253 -5.03 32.11 11.49
C LEU B 253 -4.73 31.20 12.63
N ALA B 254 -3.74 30.36 12.44
CA ALA B 254 -3.39 29.40 13.45
C ALA B 254 -3.58 29.98 14.84
N VAL B 255 -2.89 31.05 15.19
CA VAL B 255 -2.91 31.43 16.58
C VAL B 255 -4.30 31.78 17.08
N ASN B 256 -5.25 31.93 16.17
CA ASN B 256 -6.62 32.34 16.53
C ASN B 256 -7.65 31.20 16.51
N MET B 257 -7.35 30.14 15.79
CA MET B 257 -8.31 29.08 15.63
C MET B 257 -7.96 27.88 16.47
N VAL B 258 -6.91 27.98 17.27
CA VAL B 258 -6.50 26.83 18.03
C VAL B 258 -6.09 27.16 19.45
N PRO B 259 -7.08 27.09 20.33
CA PRO B 259 -6.90 27.28 21.75
C PRO B 259 -5.94 26.26 22.33
N PHE B 260 -5.96 25.05 21.79
CA PHE B 260 -5.18 23.96 22.37
C PHE B 260 -4.19 23.29 21.47
N PRO B 261 -2.98 23.18 22.01
CA PRO B 261 -1.77 22.98 21.22
C PRO B 261 -1.97 21.82 20.29
N ARG B 262 -3.06 21.09 20.50
CA ARG B 262 -3.20 19.80 19.86
C ARG B 262 -3.74 19.86 18.42
N LEU B 263 -2.89 20.47 17.57
CA LEU B 263 -3.15 21.17 16.25
C LEU B 263 -4.56 21.23 15.65
N HIS B 264 -5.53 21.35 16.56
CA HIS B 264 -6.83 20.75 16.35
C HIS B 264 -7.23 20.73 14.85
N PHE B 265 -7.89 19.67 14.43
CA PHE B 265 -8.12 19.44 13.01
C PHE B 265 -9.44 20.05 12.62
N PHE B 266 -9.39 20.87 11.57
CA PHE B 266 -10.56 21.64 11.23
C PHE B 266 -11.43 20.80 10.33
N MET B 267 -12.75 20.88 10.49
CA MET B 267 -13.56 20.35 9.43
C MET B 267 -14.05 21.48 8.56
N PRO B 268 -13.76 21.42 7.24
CA PRO B 268 -14.25 22.37 6.23
C PRO B 268 -15.64 22.06 5.67
N GLY B 269 -16.04 22.79 4.64
CA GLY B 269 -17.39 22.72 4.11
C GLY B 269 -17.66 23.91 3.19
N PHE B 270 -18.63 23.77 2.31
CA PHE B 270 -18.74 24.74 1.23
C PHE B 270 -20.09 25.37 1.05
N ALA B 271 -20.13 26.43 0.25
CA ALA B 271 -21.37 27.10 -0.14
C ALA B 271 -22.06 26.34 -1.27
N PRO B 272 -22.28 26.97 -2.44
CA PRO B 272 -23.16 26.39 -3.46
C PRO B 272 -22.46 25.19 -4.05
N LEU B 273 -23.07 24.02 -3.93
CA LEU B 273 -22.38 22.81 -4.31
C LEU B 273 -22.71 22.39 -5.73
N THR B 274 -21.68 21.86 -6.37
CA THR B 274 -21.76 20.91 -7.52
C THR B 274 -20.85 21.21 -8.75
N SER B 275 -21.49 21.47 -9.90
CA SER B 275 -20.91 21.42 -11.27
C SER B 275 -22.00 21.42 -12.37
N LEU B 284 -29.04 32.00 -5.19
CA LEU B 284 -28.23 31.91 -3.97
C LEU B 284 -28.49 33.13 -3.11
N THR B 285 -29.37 32.98 -2.12
CA THR B 285 -29.89 34.15 -1.43
C THR B 285 -28.96 34.80 -0.38
N VAL B 286 -28.11 33.99 0.25
CA VAL B 286 -27.20 34.44 1.31
C VAL B 286 -27.66 33.93 2.66
N PRO B 287 -28.87 34.24 3.11
CA PRO B 287 -29.47 33.38 4.13
C PRO B 287 -29.29 31.96 3.65
N GLU B 288 -29.88 31.63 2.50
CA GLU B 288 -29.87 30.27 1.96
C GLU B 288 -28.44 29.75 1.72
N LEU B 289 -27.46 30.66 1.74
CA LEU B 289 -26.03 30.32 1.56
C LEU B 289 -25.34 30.01 2.91
N THR B 290 -25.92 30.54 4.00
CA THR B 290 -25.45 30.27 5.37
C THR B 290 -25.98 28.93 5.91
N GLN B 291 -27.32 28.80 5.99
CA GLN B 291 -27.96 27.56 6.45
C GLN B 291 -27.56 26.33 5.67
N GLN B 292 -26.88 26.55 4.54
CA GLN B 292 -26.22 25.50 3.74
C GLN B 292 -24.80 25.25 4.25
N MET B 293 -24.04 26.32 4.38
CA MET B 293 -22.69 26.24 4.86
C MET B 293 -22.59 25.66 6.27
N PHE B 294 -23.61 25.92 7.10
CA PHE B 294 -23.67 25.47 8.51
C PHE B 294 -24.44 24.22 8.75
N ASP B 295 -24.89 23.63 7.64
CA ASP B 295 -25.62 22.38 7.65
C ASP B 295 -24.59 21.27 7.62
N SER B 296 -24.91 20.17 8.31
CA SER B 296 -24.02 19.02 8.43
C SER B 296 -23.84 18.24 7.10
N LYS B 297 -24.90 18.26 6.28
CA LYS B 297 -24.92 17.59 4.96
C LYS B 297 -23.94 18.22 3.95
N ASN B 298 -23.14 19.15 4.45
CA ASN B 298 -22.37 20.13 3.68
C ASN B 298 -20.92 20.24 4.11
N MET B 299 -20.56 19.44 5.13
CA MET B 299 -19.22 19.47 5.71
C MET B 299 -18.32 18.45 4.98
N MET B 300 -17.06 18.85 4.73
CA MET B 300 -16.10 17.99 4.03
C MET B 300 -15.52 16.89 4.94
N ALA B 301 -15.88 16.94 6.22
CA ALA B 301 -15.52 15.87 7.15
C ALA B 301 -16.79 15.23 7.66
N ALA B 302 -16.88 13.91 7.52
CA ALA B 302 -18.09 13.14 7.89
C ALA B 302 -18.32 13.13 9.39
N CYS B 303 -19.00 14.19 9.87
CA CYS B 303 -19.42 14.36 11.27
C CYS B 303 -20.62 15.22 11.19
N ASP B 304 -21.57 14.98 12.09
CA ASP B 304 -22.64 15.92 12.31
C ASP B 304 -22.19 16.81 13.46
N PRO B 305 -21.75 18.05 13.16
CA PRO B 305 -21.46 19.02 14.23
C PRO B 305 -22.77 19.24 14.93
N ARG B 306 -22.88 18.62 16.10
CA ARG B 306 -24.08 18.61 16.94
C ARG B 306 -23.66 17.88 18.21
N HIS B 307 -23.48 16.57 18.07
CA HIS B 307 -22.74 15.80 19.06
C HIS B 307 -21.36 16.35 18.87
N GLY B 308 -21.06 17.43 19.58
CA GLY B 308 -19.83 18.14 19.39
C GLY B 308 -20.10 19.59 19.06
N ARG B 309 -19.67 20.44 19.97
CA ARG B 309 -19.83 21.89 19.85
C ARG B 309 -18.60 22.48 19.17
N TYR B 310 -18.69 23.76 18.81
CA TYR B 310 -17.59 24.42 18.15
C TYR B 310 -16.75 25.13 19.16
N LEU B 311 -15.46 25.16 18.89
CA LEU B 311 -14.49 26.00 19.60
C LEU B 311 -14.44 27.32 18.87
N THR B 312 -13.89 27.26 17.67
CA THR B 312 -13.73 28.46 16.90
C THR B 312 -14.13 28.15 15.47
N VAL B 313 -14.77 29.15 14.85
CA VAL B 313 -15.26 29.02 13.49
C VAL B 313 -14.87 30.25 12.70
N ALA B 314 -14.59 30.06 11.42
CA ALA B 314 -14.27 31.16 10.52
C ALA B 314 -14.98 30.96 9.19
N ALA B 315 -15.57 32.02 8.65
CA ALA B 315 -16.20 31.89 7.33
C ALA B 315 -15.86 33.05 6.40
N VAL B 316 -15.48 32.70 5.16
CA VAL B 316 -15.14 33.68 4.13
C VAL B 316 -16.05 33.59 2.92
N PHE B 317 -16.66 34.74 2.62
CA PHE B 317 -17.68 34.85 1.59
C PHE B 317 -17.12 35.46 0.33
N ARG B 318 -17.72 35.11 -0.80
CA ARG B 318 -17.19 35.49 -2.10
C ARG B 318 -18.24 36.03 -3.04
N GLY B 319 -17.92 37.19 -3.61
CA GLY B 319 -18.73 37.77 -4.65
C GLY B 319 -19.54 38.98 -4.24
N ARG B 320 -20.31 39.47 -5.20
CA ARG B 320 -21.07 40.70 -5.06
C ARG B 320 -22.27 40.55 -4.12
N MET B 321 -22.07 40.90 -2.85
CA MET B 321 -23.16 40.86 -1.85
C MET B 321 -22.78 41.67 -0.63
N SER B 322 -23.75 42.36 -0.04
CA SER B 322 -23.41 43.28 1.04
C SER B 322 -23.27 42.61 2.42
N MET B 323 -22.18 42.97 3.11
CA MET B 323 -21.86 42.54 4.48
C MET B 323 -22.84 43.06 5.51
N LYS B 324 -23.95 43.63 5.01
CA LYS B 324 -25.08 44.05 5.85
C LYS B 324 -25.81 42.77 6.28
N GLU B 325 -26.24 41.96 5.31
CA GLU B 325 -26.90 40.71 5.63
C GLU B 325 -25.92 39.63 6.12
N VAL B 326 -24.66 39.74 5.73
CA VAL B 326 -23.61 38.82 6.18
C VAL B 326 -23.27 38.97 7.67
N ASP B 327 -23.06 40.22 8.11
CA ASP B 327 -22.90 40.60 9.52
C ASP B 327 -23.95 39.84 10.35
N GLU B 328 -25.21 40.17 10.07
CA GLU B 328 -26.39 39.76 10.86
C GLU B 328 -26.98 38.38 10.54
N GLN B 329 -26.47 37.72 9.49
CA GLN B 329 -26.87 36.34 9.21
C GLN B 329 -26.00 35.39 10.00
N MET B 330 -24.72 35.74 10.09
CA MET B 330 -23.75 35.04 10.95
C MET B 330 -24.12 35.26 12.41
N LEU B 331 -24.20 36.54 12.82
CA LEU B 331 -24.54 36.98 14.21
C LEU B 331 -25.96 36.55 14.55
N ASN B 332 -26.60 35.93 13.56
CA ASN B 332 -27.83 35.16 13.75
C ASN B 332 -27.55 33.69 14.06
N VAL B 333 -26.98 32.92 13.11
CA VAL B 333 -26.78 31.46 13.25
C VAL B 333 -26.53 31.05 14.72
N GLN B 334 -25.69 31.81 15.41
CA GLN B 334 -25.29 31.57 16.81
C GLN B 334 -26.35 31.89 17.89
N ASN B 335 -27.57 32.17 17.45
CA ASN B 335 -28.67 32.38 18.37
C ASN B 335 -29.79 31.37 18.13
N LYS B 336 -30.05 31.06 16.85
CA LYS B 336 -30.93 29.96 16.49
C LYS B 336 -30.11 28.71 16.59
N ASN B 337 -29.00 28.77 17.33
CA ASN B 337 -28.19 27.61 17.71
C ASN B 337 -27.21 27.87 18.87
N SER B 338 -27.67 28.63 19.84
CA SER B 338 -26.83 29.19 20.91
C SER B 338 -25.83 28.25 21.58
N SER B 339 -26.31 27.11 22.05
CA SER B 339 -25.51 26.26 22.90
C SER B 339 -24.55 25.34 22.15
N TYR B 340 -24.46 25.48 20.82
CA TYR B 340 -23.57 24.62 20.03
C TYR B 340 -22.24 25.29 19.64
N PHE B 341 -22.04 26.53 20.08
CA PHE B 341 -20.72 27.13 20.09
C PHE B 341 -20.32 27.32 21.56
N VAL B 342 -19.07 27.00 21.86
CA VAL B 342 -18.57 27.06 23.22
C VAL B 342 -18.98 28.33 23.98
N GLU B 343 -19.27 28.18 25.28
CA GLU B 343 -19.56 29.31 26.14
C GLU B 343 -18.37 30.23 26.41
N TRP B 344 -17.19 29.64 26.60
CA TRP B 344 -16.01 30.30 27.21
C TRP B 344 -14.95 30.88 26.25
N ILE B 345 -15.23 30.90 24.95
CA ILE B 345 -14.36 31.57 23.99
C ILE B 345 -15.17 32.68 23.32
N PRO B 346 -14.87 33.93 23.65
CA PRO B 346 -15.83 35.02 23.56
C PRO B 346 -16.37 35.34 22.18
N ASN B 347 -15.51 35.65 21.21
CA ASN B 347 -16.01 36.02 19.90
C ASN B 347 -15.45 35.18 18.81
N ASN B 348 -15.86 33.92 18.88
CA ASN B 348 -15.16 32.77 18.30
C ASN B 348 -15.64 32.35 16.91
N VAL B 349 -16.41 33.24 16.28
CA VAL B 349 -16.94 33.05 14.91
C VAL B 349 -16.76 34.36 14.15
N LYS B 350 -15.76 34.37 13.26
CA LYS B 350 -15.35 35.55 12.52
C LYS B 350 -15.62 35.37 11.04
N THR B 351 -16.11 36.45 10.43
CA THR B 351 -16.43 36.42 9.02
C THR B 351 -15.68 37.46 8.32
N ALA B 352 -15.47 37.16 7.04
CA ALA B 352 -14.63 37.95 6.17
C ALA B 352 -15.31 38.03 4.82
N VAL B 353 -15.18 39.17 4.19
CA VAL B 353 -15.90 39.37 2.97
C VAL B 353 -14.88 39.64 1.86
N CYS B 354 -15.02 38.94 0.74
CA CYS B 354 -14.19 39.18 -0.44
C CYS B 354 -15.07 39.19 -1.68
N ASP B 355 -14.84 40.12 -2.60
CA ASP B 355 -15.81 40.24 -3.69
C ASP B 355 -15.31 39.89 -5.09
N ILE B 356 -14.52 38.84 -5.21
CA ILE B 356 -14.21 38.37 -6.56
C ILE B 356 -14.56 36.86 -6.74
N PRO B 357 -15.64 36.60 -7.49
CA PRO B 357 -16.23 35.26 -7.69
C PRO B 357 -15.30 34.10 -8.10
N PRO B 358 -15.78 32.87 -7.90
CA PRO B 358 -15.00 31.65 -8.18
C PRO B 358 -15.21 31.01 -9.58
N ARG B 359 -15.39 29.68 -9.66
CA ARG B 359 -15.75 28.98 -10.90
C ARG B 359 -16.92 29.66 -11.68
N GLY B 360 -18.17 29.22 -11.51
CA GLY B 360 -19.33 29.94 -12.00
C GLY B 360 -19.67 31.00 -10.97
N LEU B 361 -20.87 30.92 -10.38
CA LEU B 361 -21.11 31.43 -9.00
C LEU B 361 -20.90 32.92 -8.73
N LYS B 362 -21.96 33.71 -8.75
CA LYS B 362 -21.85 35.11 -8.32
C LYS B 362 -22.01 35.23 -6.78
N MET B 363 -21.84 34.11 -6.06
CA MET B 363 -22.03 34.03 -4.61
C MET B 363 -21.52 32.70 -4.11
N SER B 364 -20.65 32.71 -3.07
CA SER B 364 -20.09 31.47 -2.46
C SER B 364 -19.42 31.61 -1.07
N ALA B 365 -19.90 30.86 -0.09
CA ALA B 365 -19.25 30.85 1.21
C ALA B 365 -18.41 29.60 1.43
N THR B 366 -17.30 29.77 2.13
CA THR B 366 -16.62 28.58 2.58
C THR B 366 -16.37 28.75 4.07
N PHE B 367 -16.31 27.60 4.75
CA PHE B 367 -16.41 27.54 6.20
C PHE B 367 -15.31 26.68 6.80
N ILE B 368 -14.72 27.16 7.90
CA ILE B 368 -13.69 26.42 8.63
C ILE B 368 -14.12 26.27 10.11
N GLY B 369 -14.29 25.04 10.57
CA GLY B 369 -14.73 24.83 11.93
C GLY B 369 -13.80 23.93 12.72
N ASN B 370 -13.33 24.47 13.86
CA ASN B 370 -12.63 23.63 14.84
C ASN B 370 -13.65 23.10 15.81
N SER B 371 -14.18 21.88 15.54
CA SER B 371 -15.32 21.28 16.28
C SER B 371 -14.99 19.92 16.85
N THR B 372 -15.42 19.70 18.09
CA THR B 372 -15.19 18.42 18.75
C THR B 372 -16.04 17.33 18.12
N ALA B 373 -16.84 17.71 17.12
CA ALA B 373 -17.63 16.75 16.36
C ALA B 373 -16.70 15.84 15.61
N ILE B 374 -15.48 16.33 15.37
CA ILE B 374 -14.45 15.61 14.67
C ILE B 374 -13.94 14.39 15.46
N GLN B 375 -14.03 14.45 16.78
CA GLN B 375 -13.81 13.26 17.60
C GLN B 375 -14.46 12.03 16.93
N GLU B 376 -15.71 12.18 16.46
CA GLU B 376 -16.50 11.17 15.72
C GLU B 376 -15.76 10.54 14.54
N LEU B 377 -15.08 11.38 13.74
CA LEU B 377 -14.29 10.93 12.61
C LEU B 377 -13.07 10.12 13.08
N PHE B 378 -12.45 10.53 14.19
CA PHE B 378 -11.22 9.86 14.64
C PHE B 378 -11.49 8.53 15.32
N LYS B 379 -12.52 8.53 16.16
CA LYS B 379 -12.91 7.32 16.89
C LYS B 379 -13.02 6.16 15.92
N ARG B 380 -13.74 6.41 14.82
CA ARG B 380 -14.13 5.37 13.85
C ARG B 380 -12.96 4.77 13.09
N ILE B 381 -11.93 5.55 12.85
CA ILE B 381 -10.74 4.95 12.30
C ILE B 381 -9.95 4.21 13.38
N SER B 382 -9.96 4.72 14.63
CA SER B 382 -9.27 3.99 15.73
C SER B 382 -10.01 2.70 16.11
N GLU B 383 -10.87 2.28 15.20
CA GLU B 383 -11.82 1.23 15.48
C GLU B 383 -11.81 0.26 14.32
N GLN B 384 -11.62 0.76 13.10
CA GLN B 384 -11.28 -0.10 11.99
C GLN B 384 -9.92 -0.62 12.37
N PHE B 385 -9.17 0.20 13.12
CA PHE B 385 -7.81 -0.13 13.59
C PHE B 385 -7.78 -1.34 14.52
N THR B 386 -8.25 -1.18 15.74
CA THR B 386 -8.22 -2.28 16.69
C THR B 386 -9.12 -3.45 16.30
N ALA B 387 -9.79 -3.34 15.16
CA ALA B 387 -10.59 -4.42 14.59
C ALA B 387 -9.69 -5.27 13.72
N MET B 388 -8.44 -4.85 13.63
CA MET B 388 -7.44 -5.53 12.85
C MET B 388 -6.21 -5.73 13.75
N PHE B 389 -5.58 -4.63 14.16
CA PHE B 389 -4.43 -4.66 15.07
C PHE B 389 -4.81 -5.47 16.33
N ARG B 390 -6.13 -5.61 16.50
CA ARG B 390 -6.77 -6.66 17.30
C ARG B 390 -5.98 -7.97 17.21
N ARG B 391 -6.39 -8.86 16.32
CA ARG B 391 -5.72 -10.13 16.10
C ARG B 391 -4.48 -9.90 15.20
N LYS B 392 -3.72 -8.84 15.50
CA LYS B 392 -2.48 -8.46 14.81
C LYS B 392 -2.47 -8.77 13.30
N ALA B 393 -3.36 -8.09 12.58
CA ALA B 393 -3.74 -8.47 11.21
C ALA B 393 -2.63 -8.44 10.19
N PHE B 394 -2.79 -7.58 9.19
CA PHE B 394 -1.82 -7.55 8.13
C PHE B 394 -0.55 -6.91 8.62
N LEU B 395 -0.53 -6.59 9.91
CA LEU B 395 0.66 -6.03 10.55
C LEU B 395 1.98 -6.51 9.88
N HIS B 396 2.06 -7.81 9.58
CA HIS B 396 3.22 -8.44 8.95
C HIS B 396 3.82 -7.72 7.76
N TRP B 397 3.04 -6.91 7.04
CA TRP B 397 3.58 -6.12 5.96
C TRP B 397 4.52 -5.04 6.51
N TYR B 398 4.35 -4.68 7.76
CA TYR B 398 5.22 -3.66 8.35
C TYR B 398 6.16 -4.23 9.40
N THR B 399 5.78 -5.32 10.07
CA THR B 399 6.74 -6.01 10.93
C THR B 399 7.93 -6.20 10.03
N GLY B 400 7.63 -6.73 8.84
CA GLY B 400 8.63 -7.11 7.88
C GLY B 400 9.39 -5.95 7.31
N GLU B 401 8.75 -4.80 7.21
CA GLU B 401 9.44 -3.62 6.69
C GLU B 401 10.46 -3.05 7.64
N GLY B 402 10.45 -3.54 8.87
CA GLY B 402 11.39 -3.11 9.89
C GLY B 402 10.79 -2.12 10.87
N MET B 403 9.66 -2.48 11.48
CA MET B 403 8.90 -1.64 12.40
C MET B 403 8.55 -2.41 13.63
N ASP B 404 8.37 -1.77 14.77
CA ASP B 404 7.97 -2.56 15.91
C ASP B 404 6.49 -2.58 16.28
N GLU B 405 6.02 -3.81 16.43
CA GLU B 405 4.73 -4.22 17.00
C GLU B 405 4.07 -3.14 17.87
N MET B 406 4.84 -2.58 18.80
CA MET B 406 4.29 -1.65 19.79
C MET B 406 4.33 -0.17 19.33
N GLU B 407 4.99 0.07 18.20
CA GLU B 407 4.97 1.36 17.51
C GLU B 407 3.60 1.60 16.86
N PHE B 408 2.82 0.54 16.77
CA PHE B 408 1.42 0.68 16.48
C PHE B 408 0.67 0.99 17.76
N THR B 409 1.09 0.39 18.87
CA THR B 409 0.38 0.63 20.11
C THR B 409 0.64 2.06 20.62
N GLU B 410 1.77 2.65 20.25
CA GLU B 410 2.03 4.05 20.62
C GLU B 410 1.09 5.05 19.96
N ALA B 411 0.61 4.70 18.77
CA ALA B 411 -0.22 5.58 17.94
C ALA B 411 -1.71 5.32 18.04
N GLU B 412 -2.08 4.13 18.49
CA GLU B 412 -3.45 3.85 18.88
C GLU B 412 -3.61 4.53 20.25
N SER B 413 -2.60 4.32 21.12
CA SER B 413 -2.55 4.89 22.47
C SER B 413 -2.34 6.38 22.49
N ASN B 414 -1.99 6.96 21.34
CA ASN B 414 -1.99 8.43 21.20
C ASN B 414 -3.26 9.00 20.55
N MET B 415 -3.78 8.29 19.55
CA MET B 415 -4.96 8.73 18.85
C MET B 415 -6.14 8.69 19.78
N ASN B 416 -6.09 7.75 20.73
CA ASN B 416 -7.13 7.66 21.75
C ASN B 416 -7.03 8.80 22.77
N ASP B 417 -5.80 9.27 23.00
CA ASP B 417 -5.56 10.39 23.88
C ASP B 417 -6.23 11.61 23.31
N LEU B 418 -6.08 11.79 21.99
CA LEU B 418 -6.63 12.94 21.27
C LEU B 418 -8.13 12.95 21.31
N VAL B 419 -8.74 11.82 20.94
CA VAL B 419 -10.19 11.68 21.02
C VAL B 419 -10.72 12.09 22.41
N SER B 420 -9.93 11.78 23.45
CA SER B 420 -10.22 12.10 24.86
C SER B 420 -10.19 13.60 25.22
N GLU B 421 -9.25 14.37 24.65
CA GLU B 421 -9.24 15.80 24.85
C GLU B 421 -10.50 16.35 24.23
N TYR B 422 -10.76 15.99 22.96
CA TYR B 422 -11.95 16.44 22.23
C TYR B 422 -13.19 16.27 23.11
N GLN B 423 -13.26 15.09 23.72
CA GLN B 423 -14.29 14.76 24.69
C GLN B 423 -14.26 15.66 25.93
N GLN B 424 -13.12 15.69 26.63
CA GLN B 424 -12.96 16.49 27.85
C GLN B 424 -13.53 17.90 27.70
N TYR B 425 -13.22 18.48 26.55
CA TYR B 425 -13.67 19.80 26.19
C TYR B 425 -15.09 19.74 25.67
N GLN B 426 -15.96 19.67 26.67
CA GLN B 426 -17.37 19.91 26.60
C GLN B 426 -17.65 20.21 28.08
N ASP B 427 -17.17 21.40 28.53
CA ASP B 427 -16.87 21.73 29.96
C ASP B 427 -17.78 22.76 30.72
N ALA B 428 -17.19 23.57 31.60
CA ALA B 428 -17.97 24.49 32.46
C ALA B 428 -18.12 25.91 31.89
N ARG C 2 7.30 -3.78 -12.74
CA ARG C 2 7.56 -2.99 -13.96
C ARG C 2 8.49 -3.75 -14.94
N GLU C 3 8.69 -5.04 -14.66
CA GLU C 3 9.45 -5.97 -15.52
C GLU C 3 9.19 -7.32 -14.85
N CYS C 4 8.88 -8.37 -15.60
CA CYS C 4 8.26 -9.53 -14.97
C CYS C 4 8.48 -10.93 -15.52
N ILE C 5 9.29 -11.73 -14.83
CA ILE C 5 9.80 -12.96 -15.42
C ILE C 5 8.99 -14.19 -15.08
N SER C 6 8.50 -14.86 -16.12
CA SER C 6 7.86 -16.17 -15.99
C SER C 6 8.88 -17.35 -15.97
N ILE C 7 8.75 -18.25 -15.00
CA ILE C 7 9.51 -19.48 -14.99
C ILE C 7 8.48 -20.60 -15.02
N HIS C 8 8.61 -21.48 -16.01
CA HIS C 8 7.77 -22.68 -16.06
C HIS C 8 8.61 -23.93 -15.89
N VAL C 9 8.25 -24.73 -14.90
CA VAL C 9 9.07 -25.89 -14.61
C VAL C 9 8.26 -27.18 -14.64
N GLY C 10 8.68 -28.08 -15.53
CA GLY C 10 8.18 -29.44 -15.55
C GLY C 10 6.82 -29.64 -16.17
N GLN C 11 6.76 -30.64 -17.07
CA GLN C 11 5.57 -30.98 -17.86
C GLN C 11 4.39 -29.99 -17.71
N ALA C 12 3.76 -29.98 -16.55
CA ALA C 12 2.64 -29.11 -16.25
C ALA C 12 3.02 -27.63 -16.35
N GLY C 13 3.90 -27.19 -15.46
CA GLY C 13 4.48 -25.87 -15.53
C GLY C 13 4.60 -25.44 -16.97
N VAL C 14 5.41 -26.15 -17.75
CA VAL C 14 5.58 -25.86 -19.18
C VAL C 14 4.23 -25.80 -19.92
N GLN C 15 3.57 -26.96 -20.10
CA GLN C 15 2.35 -27.00 -20.91
C GLN C 15 1.35 -25.89 -20.54
N ILE C 16 1.11 -25.66 -19.24
CA ILE C 16 0.25 -24.56 -18.80
C ILE C 16 0.71 -23.22 -19.41
N GLY C 17 1.98 -22.94 -19.23
CA GLY C 17 2.58 -21.73 -19.70
C GLY C 17 2.45 -21.72 -21.19
N ASN C 18 3.07 -22.71 -21.83
CA ASN C 18 3.13 -22.78 -23.29
C ASN C 18 1.87 -22.23 -23.95
N ALA C 19 0.74 -22.61 -23.39
CA ALA C 19 -0.53 -22.31 -24.02
C ALA C 19 -1.22 -21.10 -23.41
N CYS C 20 -0.49 -20.37 -22.56
CA CYS C 20 -0.99 -19.06 -22.14
C CYS C 20 -0.07 -17.88 -22.48
N TRP C 21 1.15 -18.17 -22.93
CA TRP C 21 1.91 -17.19 -23.69
C TRP C 21 1.29 -17.12 -25.07
N GLU C 22 0.66 -18.23 -25.47
CA GLU C 22 -0.10 -18.27 -26.73
C GLU C 22 -1.23 -17.24 -26.67
N LEU C 23 -1.86 -17.16 -25.50
CA LEU C 23 -2.96 -16.25 -25.30
C LEU C 23 -2.45 -14.83 -25.10
N TYR C 24 -1.35 -14.66 -24.36
CA TYR C 24 -0.75 -13.34 -24.20
C TYR C 24 -0.49 -12.71 -25.55
N CYS C 25 0.15 -13.46 -26.43
CA CYS C 25 0.48 -12.98 -27.76
C CYS C 25 -0.73 -12.54 -28.55
N LEU C 26 -1.75 -13.37 -28.60
CA LEU C 26 -2.97 -13.00 -29.32
C LEU C 26 -3.57 -11.74 -28.72
N GLU C 27 -3.50 -11.63 -27.39
CA GLU C 27 -3.99 -10.47 -26.65
C GLU C 27 -3.26 -9.19 -27.03
N HIS C 28 -1.93 -9.28 -27.09
CA HIS C 28 -1.10 -8.14 -27.44
C HIS C 28 -0.86 -8.13 -28.94
N GLY C 29 -1.47 -9.07 -29.65
CA GLY C 29 -1.43 -9.10 -31.10
C GLY C 29 -0.07 -9.30 -31.75
N ILE C 30 0.82 -10.02 -31.07
CA ILE C 30 2.13 -10.39 -31.60
C ILE C 30 2.03 -11.71 -32.40
N GLN C 31 2.51 -11.68 -33.65
CA GLN C 31 2.51 -12.87 -34.49
C GLN C 31 3.57 -13.86 -34.00
N PRO C 32 3.25 -15.15 -34.07
CA PRO C 32 4.18 -16.24 -33.69
C PRO C 32 5.68 -15.97 -33.82
N ASP C 33 6.12 -15.53 -35.00
CA ASP C 33 7.52 -15.23 -35.23
C ASP C 33 8.08 -14.16 -34.26
N GLY C 34 7.21 -13.58 -33.43
CA GLY C 34 7.61 -12.57 -32.47
C GLY C 34 7.38 -11.12 -32.91
N GLN C 35 7.07 -10.90 -34.20
CA GLN C 35 6.85 -9.53 -34.73
C GLN C 35 5.40 -9.07 -34.57
N MET C 36 5.16 -7.75 -34.64
CA MET C 36 3.82 -7.15 -34.52
C MET C 36 3.69 -5.72 -35.08
N PRO C 37 2.60 -5.43 -35.80
CA PRO C 37 2.25 -4.05 -36.17
C PRO C 37 1.21 -3.44 -35.23
N ASP C 47 -0.84 1.29 -24.82
CA ASP C 47 -0.59 0.38 -23.69
C ASP C 47 0.93 0.24 -23.45
N SER C 48 1.32 -0.66 -22.53
CA SER C 48 2.73 -0.96 -22.34
C SER C 48 3.22 -2.40 -22.30
N PHE C 49 2.43 -3.36 -21.84
CA PHE C 49 2.80 -4.78 -21.97
C PHE C 49 4.29 -5.18 -21.96
N ASN C 50 5.19 -4.22 -21.71
CA ASN C 50 6.62 -4.49 -21.68
C ASN C 50 6.95 -5.21 -20.41
N THR C 51 5.96 -5.20 -19.52
CA THR C 51 6.01 -5.99 -18.31
C THR C 51 6.59 -7.35 -18.68
N PHE C 52 6.07 -7.97 -19.75
CA PHE C 52 6.34 -9.38 -20.08
C PHE C 52 7.20 -9.73 -21.31
N PHE C 53 7.58 -8.71 -22.10
CA PHE C 53 8.39 -8.87 -23.32
C PHE C 53 9.51 -7.81 -23.37
N SER C 54 10.65 -8.14 -24.01
CA SER C 54 11.75 -7.19 -24.27
C SER C 54 11.83 -6.85 -25.77
N GLU C 55 11.63 -5.59 -26.14
CA GLU C 55 11.60 -5.21 -27.56
C GLU C 55 12.96 -5.41 -28.25
N THR C 56 13.52 -6.61 -28.06
CA THR C 56 14.89 -6.99 -28.47
C THR C 56 15.14 -6.85 -29.96
N GLY C 57 16.23 -6.19 -30.31
CA GLY C 57 16.56 -5.91 -31.70
C GLY C 57 15.41 -5.22 -32.41
N ALA C 58 15.54 -5.03 -33.72
CA ALA C 58 14.49 -4.35 -34.49
C ALA C 58 13.59 -5.34 -35.23
N GLY C 59 12.38 -5.54 -34.71
CA GLY C 59 11.39 -6.41 -35.34
C GLY C 59 10.73 -7.34 -34.36
N LYS C 60 11.55 -8.03 -33.56
CA LYS C 60 11.12 -9.15 -32.70
C LYS C 60 10.85 -8.76 -31.23
N HIS C 61 10.12 -9.63 -30.52
CA HIS C 61 9.62 -9.30 -29.17
C HIS C 61 10.01 -10.23 -27.99
N VAL C 62 10.22 -11.52 -28.22
CA VAL C 62 10.68 -12.44 -27.16
C VAL C 62 10.02 -12.32 -25.76
N PRO C 63 9.40 -13.41 -25.30
CA PRO C 63 8.84 -13.47 -23.94
C PRO C 63 9.90 -13.29 -22.86
N ARG C 64 9.47 -12.84 -21.69
CA ARG C 64 10.32 -12.77 -20.50
C ARG C 64 10.13 -14.04 -19.67
N ALA C 65 10.71 -15.12 -20.16
CA ALA C 65 10.41 -16.44 -19.64
C ALA C 65 11.61 -17.37 -19.68
N VAL C 66 11.58 -18.38 -18.78
CA VAL C 66 12.41 -19.58 -18.89
C VAL C 66 11.55 -20.79 -18.76
N PHE C 67 11.98 -21.82 -19.45
CA PHE C 67 11.28 -23.07 -19.45
C PHE C 67 12.27 -24.17 -19.01
N VAL C 68 11.93 -24.92 -17.97
CA VAL C 68 12.83 -25.95 -17.51
C VAL C 68 12.07 -27.22 -17.33
N ASP C 69 12.47 -28.27 -18.05
CA ASP C 69 12.03 -29.66 -17.79
C ASP C 69 13.23 -30.61 -17.73
N LEU C 70 13.15 -31.71 -16.98
CA LEU C 70 14.33 -32.56 -16.93
C LEU C 70 14.42 -33.62 -18.06
N GLU C 71 13.32 -33.78 -18.78
CA GLU C 71 13.25 -34.57 -20.01
C GLU C 71 12.82 -33.62 -21.11
N PRO C 72 13.48 -33.68 -22.26
CA PRO C 72 13.02 -32.99 -23.47
C PRO C 72 11.50 -33.06 -23.72
N THR C 73 11.09 -33.86 -24.72
CA THR C 73 9.67 -34.09 -25.05
C THR C 73 8.80 -32.81 -25.09
N VAL C 74 8.46 -32.32 -23.91
CA VAL C 74 7.55 -31.20 -23.75
C VAL C 74 8.16 -29.90 -24.22
N ILE C 75 9.29 -29.56 -23.60
CA ILE C 75 10.10 -28.40 -23.99
C ILE C 75 10.44 -28.54 -25.46
N ASP C 76 10.66 -29.77 -25.90
CA ASP C 76 11.06 -30.09 -27.27
C ASP C 76 10.00 -29.69 -28.30
N GLU C 77 8.77 -30.20 -28.13
CA GLU C 77 7.65 -29.82 -29.01
C GLU C 77 7.23 -28.33 -28.86
N VAL C 78 8.02 -27.58 -28.10
CA VAL C 78 7.91 -26.13 -28.08
C VAL C 78 8.74 -25.57 -29.22
N ARG C 79 10.02 -25.87 -29.22
CA ARG C 79 10.90 -25.47 -30.33
C ARG C 79 10.59 -26.32 -31.55
N THR C 80 9.41 -26.95 -31.56
CA THR C 80 8.90 -27.72 -32.70
C THR C 80 7.68 -27.05 -33.35
N GLY C 81 6.73 -26.63 -32.52
CA GLY C 81 5.44 -26.10 -32.97
C GLY C 81 5.35 -24.59 -32.96
N THR C 82 5.29 -24.01 -34.16
CA THR C 82 5.17 -22.57 -34.39
C THR C 82 4.93 -21.78 -33.13
N TYR C 83 5.81 -20.80 -32.92
CA TYR C 83 6.23 -20.25 -31.61
C TYR C 83 7.65 -20.80 -31.46
N ARG C 84 7.99 -21.75 -32.33
CA ARG C 84 9.37 -22.10 -32.66
C ARG C 84 10.24 -20.88 -32.52
N GLN C 85 9.69 -19.75 -32.95
CA GLN C 85 10.38 -18.48 -33.14
C GLN C 85 10.37 -17.54 -31.93
N LEU C 86 9.20 -17.41 -31.31
CA LEU C 86 9.00 -16.61 -30.10
C LEU C 86 10.21 -16.47 -29.19
N PHE C 87 10.67 -17.61 -28.69
CA PHE C 87 11.69 -17.68 -27.66
C PHE C 87 13.06 -17.71 -28.27
N HIS C 88 14.03 -17.24 -27.51
CA HIS C 88 15.44 -17.39 -27.85
C HIS C 88 15.90 -18.82 -27.58
N PRO C 89 16.86 -19.32 -28.38
CA PRO C 89 17.33 -20.71 -28.26
C PRO C 89 17.67 -21.09 -26.83
N GLU C 90 18.13 -20.12 -26.04
CA GLU C 90 18.67 -20.42 -24.72
C GLU C 90 17.66 -20.41 -23.59
N GLN C 91 16.48 -19.85 -23.81
CA GLN C 91 15.58 -19.71 -22.67
C GLN C 91 14.81 -20.99 -22.27
N LEU C 92 14.84 -21.99 -23.14
CA LEU C 92 14.23 -23.29 -22.86
C LEU C 92 15.27 -24.28 -22.37
N ILE C 93 15.29 -24.59 -21.07
CA ILE C 93 16.24 -25.59 -20.59
C ILE C 93 15.64 -26.97 -20.39
N SER C 94 16.48 -27.96 -20.66
CA SER C 94 16.05 -29.34 -20.83
C SER C 94 17.17 -30.29 -20.36
N GLY C 95 16.79 -31.37 -19.68
CA GLY C 95 17.74 -32.08 -18.82
C GLY C 95 18.08 -33.55 -19.03
N LYS C 96 17.87 -34.05 -20.23
CA LYS C 96 18.18 -35.44 -20.63
C LYS C 96 17.45 -36.56 -19.86
N GLU C 97 17.47 -36.51 -18.53
CA GLU C 97 16.93 -37.59 -17.74
C GLU C 97 15.77 -37.14 -16.83
N ASP C 98 14.64 -37.83 -16.97
CA ASP C 98 13.44 -37.53 -16.20
C ASP C 98 13.65 -37.55 -14.66
N ALA C 99 12.73 -36.95 -13.91
CA ALA C 99 12.77 -36.93 -12.43
C ALA C 99 12.05 -38.09 -11.83
N ALA C 100 11.47 -38.92 -12.69
CA ALA C 100 10.59 -40.03 -12.31
C ALA C 100 9.66 -39.70 -11.15
N ASN C 101 8.62 -38.92 -11.40
CA ASN C 101 7.55 -38.70 -10.41
C ASN C 101 7.95 -38.63 -8.95
N ASN C 102 9.17 -38.27 -8.62
CA ASN C 102 9.54 -38.26 -7.20
C ASN C 102 10.48 -37.14 -6.76
N TYR C 103 10.09 -36.49 -5.65
CA TYR C 103 10.67 -35.21 -5.22
C TYR C 103 12.15 -35.29 -4.85
N ALA C 104 12.55 -36.46 -4.39
CA ALA C 104 13.94 -36.67 -4.06
C ALA C 104 14.73 -36.25 -5.27
N ARG C 105 14.32 -36.76 -6.42
CA ARG C 105 15.12 -36.57 -7.62
C ARG C 105 15.26 -35.09 -7.97
N GLY C 106 14.11 -34.46 -8.13
CA GLY C 106 14.05 -33.04 -8.49
C GLY C 106 14.82 -32.08 -7.59
N HIS C 107 14.65 -32.18 -6.28
CA HIS C 107 15.32 -31.27 -5.34
C HIS C 107 16.81 -31.52 -5.10
N TYR C 108 17.28 -32.75 -5.40
CA TYR C 108 18.58 -33.25 -4.94
C TYR C 108 19.44 -33.86 -5.99
N THR C 109 18.91 -34.86 -6.64
CA THR C 109 19.73 -35.83 -7.30
C THR C 109 20.01 -35.40 -8.72
N ILE C 110 18.93 -35.08 -9.44
CA ILE C 110 19.06 -34.65 -10.82
C ILE C 110 18.84 -33.13 -10.94
N GLY C 111 18.27 -32.51 -9.91
CA GLY C 111 18.19 -31.06 -9.91
C GLY C 111 19.57 -30.44 -9.85
N LYS C 112 20.30 -30.83 -8.81
CA LYS C 112 21.67 -30.44 -8.60
C LYS C 112 22.32 -30.06 -9.93
N GLU C 113 22.06 -30.88 -10.95
CA GLU C 113 22.78 -30.81 -12.22
C GLU C 113 22.44 -29.56 -13.00
N ILE C 114 21.15 -29.32 -13.19
CA ILE C 114 20.68 -28.28 -14.09
C ILE C 114 20.37 -26.97 -13.35
N ILE C 115 20.24 -27.03 -12.02
CA ILE C 115 19.94 -25.84 -11.20
C ILE C 115 20.85 -24.65 -11.44
N ASP C 116 22.13 -24.92 -11.61
CA ASP C 116 23.08 -23.84 -11.69
C ASP C 116 23.05 -23.18 -13.04
N LEU C 117 22.70 -23.93 -14.07
CA LEU C 117 22.53 -23.32 -15.37
C LEU C 117 21.29 -22.49 -15.44
N VAL C 118 20.16 -23.08 -15.07
CA VAL C 118 18.88 -22.35 -14.96
C VAL C 118 19.08 -20.98 -14.32
N LEU C 119 19.64 -20.99 -13.12
CA LEU C 119 19.73 -19.81 -12.31
C LEU C 119 20.52 -18.68 -12.95
N ASP C 120 21.47 -19.07 -13.78
CA ASP C 120 22.26 -18.15 -14.56
C ASP C 120 21.40 -17.52 -15.67
N ARG C 121 20.48 -18.28 -16.27
CA ARG C 121 19.68 -17.76 -17.39
C ARG C 121 18.51 -16.87 -16.95
N VAL C 122 18.07 -17.01 -15.72
CA VAL C 122 17.09 -16.09 -15.24
C VAL C 122 17.81 -14.82 -14.91
N ARG C 123 19.00 -14.99 -14.34
CA ARG C 123 19.95 -13.91 -14.06
C ARG C 123 20.21 -13.02 -15.25
N LYS C 124 20.04 -13.59 -16.45
CA LYS C 124 20.35 -12.94 -17.73
C LYS C 124 19.21 -12.08 -18.23
N LEU C 125 17.98 -12.53 -17.97
CA LEU C 125 16.79 -11.79 -18.38
C LEU C 125 16.49 -10.67 -17.40
N ALA C 126 17.04 -10.77 -16.19
CA ALA C 126 16.93 -9.74 -15.16
C ALA C 126 18.05 -8.73 -15.26
N ASP C 127 19.25 -9.22 -15.57
CA ASP C 127 20.37 -8.38 -15.91
C ASP C 127 19.88 -7.29 -16.84
N GLN C 128 18.91 -7.65 -17.70
CA GLN C 128 18.31 -6.69 -18.63
C GLN C 128 16.86 -6.29 -18.27
N CYS C 129 16.75 -5.59 -17.15
CA CYS C 129 15.50 -5.06 -16.64
C CYS C 129 15.83 -3.95 -15.64
N THR C 130 15.55 -2.69 -15.98
CA THR C 130 15.85 -1.59 -15.06
C THR C 130 14.84 -1.55 -13.91
N GLY C 131 15.07 -2.45 -12.94
CA GLY C 131 14.17 -2.64 -11.82
C GLY C 131 13.15 -3.73 -12.01
N LEU C 132 13.64 -4.95 -12.24
CA LEU C 132 12.76 -6.11 -12.26
C LEU C 132 11.94 -6.08 -10.98
N GLN C 133 10.72 -6.59 -11.03
CA GLN C 133 9.97 -6.58 -9.80
C GLN C 133 9.50 -7.97 -9.31
N GLY C 134 9.55 -9.01 -10.17
CA GLY C 134 9.11 -10.33 -9.73
C GLY C 134 9.20 -11.64 -10.54
N PHE C 135 8.64 -12.70 -9.95
CA PHE C 135 8.63 -13.98 -10.58
C PHE C 135 7.27 -14.70 -10.54
N LEU C 136 6.91 -15.23 -11.70
CA LEU C 136 5.72 -16.07 -11.86
C LEU C 136 6.14 -17.48 -12.13
N VAL C 137 6.27 -18.22 -11.04
CA VAL C 137 6.72 -19.59 -11.09
C VAL C 137 5.55 -20.51 -11.39
N PHE C 138 5.66 -21.28 -12.45
CA PHE C 138 4.58 -22.15 -12.85
C PHE C 138 4.98 -23.61 -12.65
N HIS C 139 4.29 -24.37 -11.77
CA HIS C 139 4.63 -25.79 -11.47
C HIS C 139 3.55 -26.73 -10.93
N SER C 140 3.70 -28.03 -11.21
CA SER C 140 2.80 -29.06 -10.64
C SER C 140 2.97 -29.29 -9.14
N PHE C 141 1.92 -29.81 -8.49
CA PHE C 141 2.01 -30.08 -7.05
C PHE C 141 2.67 -31.40 -6.76
N GLY C 142 2.13 -32.48 -7.33
CA GLY C 142 2.83 -33.76 -7.36
C GLY C 142 3.69 -33.75 -8.62
N GLY C 143 4.51 -34.77 -8.80
CA GLY C 143 5.26 -34.86 -10.04
C GLY C 143 6.70 -34.43 -9.90
N GLY C 144 7.57 -35.27 -10.45
CA GLY C 144 8.98 -35.29 -10.12
C GLY C 144 9.59 -33.92 -10.08
N THR C 145 9.76 -33.38 -11.26
CA THR C 145 10.49 -32.14 -11.38
C THR C 145 9.68 -30.89 -10.93
N GLY C 146 8.36 -31.00 -11.05
CA GLY C 146 7.47 -29.90 -10.67
C GLY C 146 7.49 -29.53 -9.19
N SER C 147 7.53 -30.54 -8.31
CA SER C 147 7.65 -30.34 -6.86
C SER C 147 9.09 -30.02 -6.51
N GLY C 148 9.99 -30.85 -7.04
CA GLY C 148 11.39 -30.90 -6.66
C GLY C 148 12.24 -29.77 -7.15
N PHE C 149 12.29 -29.58 -8.46
CA PHE C 149 13.13 -28.53 -9.01
C PHE C 149 12.63 -27.17 -8.55
N THR C 150 11.31 -26.98 -8.66
CA THR C 150 10.64 -25.77 -8.17
C THR C 150 11.13 -25.44 -6.78
N SER C 151 11.02 -26.43 -5.93
CA SER C 151 11.44 -26.27 -4.57
C SER C 151 12.89 -25.84 -4.49
N LEU C 152 13.75 -26.50 -5.25
CA LEU C 152 15.14 -26.14 -5.28
C LEU C 152 15.29 -24.72 -5.81
N LEU C 153 14.64 -24.45 -6.94
CA LEU C 153 14.69 -23.14 -7.60
C LEU C 153 14.43 -22.00 -6.63
N MET C 154 13.24 -22.04 -6.05
CA MET C 154 12.72 -21.04 -5.12
C MET C 154 13.59 -20.82 -3.89
N GLU C 155 14.35 -21.85 -3.50
CA GLU C 155 15.29 -21.77 -2.37
C GLU C 155 16.34 -20.79 -2.82
N ARG C 156 16.88 -21.03 -4.00
CA ARG C 156 18.04 -20.31 -4.50
C ARG C 156 17.69 -18.89 -4.87
N LEU C 157 16.53 -18.74 -5.49
CA LEU C 157 16.02 -17.45 -5.91
C LEU C 157 15.86 -16.54 -4.72
N SER C 158 15.32 -17.09 -3.65
CA SER C 158 15.19 -16.34 -2.42
C SER C 158 16.52 -15.74 -2.02
N VAL C 159 17.62 -16.44 -2.36
CA VAL C 159 18.95 -15.95 -2.01
C VAL C 159 19.33 -14.81 -2.91
N ASP C 160 19.48 -15.11 -4.20
CA ASP C 160 19.89 -14.12 -5.20
C ASP C 160 18.95 -12.89 -5.32
N TYR C 161 17.66 -13.03 -4.99
CA TYR C 161 16.71 -11.92 -5.11
C TYR C 161 15.78 -11.78 -3.88
N GLY C 162 16.32 -11.33 -2.75
CA GLY C 162 15.65 -11.38 -1.45
C GLY C 162 14.21 -10.87 -1.34
N LYS C 163 14.06 -9.59 -1.65
CA LYS C 163 12.75 -8.93 -1.73
C LYS C 163 11.92 -9.68 -2.78
N LYS C 164 12.27 -9.36 -4.04
CA LYS C 164 11.52 -9.66 -5.25
C LYS C 164 10.52 -10.82 -5.13
N SER C 165 9.27 -10.49 -5.43
CA SER C 165 8.15 -11.33 -5.16
C SER C 165 8.28 -12.60 -5.94
N LYS C 166 7.85 -13.65 -5.30
CA LYS C 166 7.64 -14.86 -6.00
C LYS C 166 6.16 -15.15 -5.92
N LEU C 167 5.56 -15.26 -7.09
CA LEU C 167 4.21 -15.76 -7.21
C LEU C 167 4.26 -17.15 -7.77
N GLU C 168 3.71 -18.11 -7.05
CA GLU C 168 3.63 -19.43 -7.61
C GLU C 168 2.19 -19.69 -8.10
N PHE C 169 2.06 -20.32 -9.26
CA PHE C 169 0.81 -20.88 -9.76
C PHE C 169 1.01 -22.38 -9.60
N SER C 170 0.12 -23.06 -8.86
CA SER C 170 0.27 -24.48 -8.53
C SER C 170 -0.88 -25.32 -9.05
N ILE C 171 -0.59 -26.43 -9.71
CA ILE C 171 -1.67 -27.34 -10.04
C ILE C 171 -1.81 -28.43 -8.98
N TYR C 172 -2.62 -28.18 -7.96
CA TYR C 172 -3.13 -29.22 -7.05
C TYR C 172 -3.82 -30.31 -7.90
N PRO C 173 -3.37 -31.57 -7.76
CA PRO C 173 -3.74 -32.64 -8.70
C PRO C 173 -4.99 -33.40 -8.27
N ALA C 174 -5.59 -34.14 -9.19
CA ALA C 174 -6.79 -34.87 -8.81
C ALA C 174 -6.88 -36.24 -9.47
N PRO C 175 -7.51 -37.18 -8.76
CA PRO C 175 -7.66 -38.60 -9.19
C PRO C 175 -7.77 -38.92 -10.70
N GLN C 176 -8.55 -38.10 -11.40
CA GLN C 176 -9.02 -38.37 -12.77
C GLN C 176 -8.41 -37.48 -13.90
N VAL C 177 -7.57 -36.50 -13.56
CA VAL C 177 -6.60 -35.97 -14.54
C VAL C 177 -5.22 -36.29 -14.05
N SER C 178 -4.72 -37.37 -14.65
CA SER C 178 -4.09 -38.43 -13.89
C SER C 178 -2.86 -38.15 -13.03
N THR C 179 -3.00 -38.60 -11.77
CA THR C 179 -2.03 -38.41 -10.70
C THR C 179 -0.97 -39.51 -10.69
N ALA C 180 -0.90 -40.26 -9.59
CA ALA C 180 -0.01 -41.42 -9.43
C ALA C 180 0.39 -41.63 -7.98
N VAL C 181 -0.33 -42.52 -7.31
CA VAL C 181 0.07 -43.02 -6.02
C VAL C 181 0.90 -42.03 -5.21
N VAL C 182 2.17 -41.91 -5.60
CA VAL C 182 3.18 -41.19 -4.83
C VAL C 182 2.98 -39.67 -4.80
N GLU C 183 2.28 -39.16 -5.81
CA GLU C 183 1.79 -37.78 -5.87
C GLU C 183 1.71 -37.08 -4.51
N PRO C 184 0.69 -37.42 -3.71
CA PRO C 184 0.53 -36.93 -2.34
C PRO C 184 1.81 -36.71 -1.57
N TYR C 185 2.77 -37.61 -1.69
CA TYR C 185 4.02 -37.42 -0.97
C TYR C 185 4.58 -36.12 -1.48
N ASN C 186 4.80 -36.08 -2.78
CA ASN C 186 5.52 -34.99 -3.39
C ASN C 186 4.88 -33.67 -3.01
N SER C 187 3.55 -33.62 -2.98
CA SER C 187 2.83 -32.36 -2.72
C SER C 187 3.16 -31.81 -1.35
N ILE C 188 2.74 -32.56 -0.33
CA ILE C 188 3.07 -32.29 1.05
C ILE C 188 4.53 -31.89 1.20
N LEU C 189 5.36 -32.55 0.40
CA LEU C 189 6.79 -32.39 0.45
C LEU C 189 7.32 -31.03 0.04
N THR C 190 6.89 -30.52 -1.11
CA THR C 190 7.41 -29.25 -1.66
C THR C 190 6.80 -28.07 -0.94
N THR C 191 5.48 -28.09 -0.88
CA THR C 191 4.68 -27.15 -0.13
C THR C 191 5.48 -26.68 1.08
N HIS C 192 5.94 -27.62 1.90
CA HIS C 192 6.64 -27.30 3.13
C HIS C 192 7.92 -26.49 2.94
N THR C 193 8.70 -26.84 1.92
CA THR C 193 9.99 -26.18 1.67
C THR C 193 9.76 -24.82 1.03
N THR C 194 9.05 -24.89 -0.11
CA THR C 194 8.59 -23.75 -0.92
C THR C 194 7.98 -22.62 -0.08
N LEU C 195 7.11 -23.03 0.85
CA LEU C 195 6.31 -22.17 1.71
C LEU C 195 6.99 -20.93 2.28
N GLU C 196 7.99 -21.10 3.12
CA GLU C 196 8.65 -19.93 3.72
C GLU C 196 9.58 -19.17 2.72
N HIS C 197 9.36 -19.39 1.43
CA HIS C 197 10.12 -18.73 0.38
C HIS C 197 9.21 -18.03 -0.62
N SER C 198 7.96 -18.48 -0.70
CA SER C 198 6.99 -17.99 -1.70
C SER C 198 6.02 -17.02 -1.06
N ASP C 199 5.81 -15.88 -1.72
CA ASP C 199 5.04 -14.79 -1.13
C ASP C 199 3.52 -15.01 -1.24
N CYS C 200 3.04 -15.33 -2.44
CA CYS C 200 1.64 -15.71 -2.66
C CYS C 200 1.50 -16.81 -3.71
N ALA C 201 0.51 -17.70 -3.50
CA ALA C 201 0.34 -18.87 -4.37
C ALA C 201 -1.10 -19.19 -4.82
N PHE C 202 -1.28 -19.27 -6.14
CA PHE C 202 -2.58 -19.54 -6.73
C PHE C 202 -2.74 -20.99 -7.07
N MET C 203 -3.53 -21.68 -6.28
CA MET C 203 -3.79 -23.06 -6.55
C MET C 203 -4.81 -23.21 -7.66
N VAL C 204 -4.73 -24.30 -8.38
CA VAL C 204 -5.63 -24.59 -9.47
C VAL C 204 -6.00 -26.08 -9.36
N ASP C 205 -7.21 -26.37 -8.90
CA ASP C 205 -7.65 -27.74 -8.85
C ASP C 205 -7.93 -28.25 -10.26
N ASN C 206 -7.07 -29.14 -10.69
CA ASN C 206 -7.21 -29.84 -11.95
C ASN C 206 -8.61 -30.39 -12.05
N GLU C 207 -9.01 -31.14 -11.02
CA GLU C 207 -10.38 -31.63 -10.88
C GLU C 207 -11.43 -30.56 -11.13
N ALA C 208 -11.29 -29.40 -10.50
CA ALA C 208 -12.23 -28.32 -10.69
C ALA C 208 -12.27 -27.98 -12.17
N ILE C 209 -11.10 -27.71 -12.74
CA ILE C 209 -10.99 -27.34 -14.14
C ILE C 209 -11.65 -28.35 -15.04
N TYR C 210 -11.25 -29.60 -14.84
CA TYR C 210 -11.81 -30.74 -15.57
C TYR C 210 -13.32 -30.77 -15.41
N ASP C 211 -13.80 -30.37 -14.23
CA ASP C 211 -15.24 -30.41 -13.95
C ASP C 211 -15.97 -29.33 -14.68
N ILE C 212 -15.28 -28.21 -14.90
CA ILE C 212 -15.85 -27.12 -15.66
C ILE C 212 -16.04 -27.50 -17.12
N CYS C 213 -15.04 -28.18 -17.69
CA CYS C 213 -15.13 -28.61 -19.09
C CYS C 213 -16.26 -29.60 -19.30
N ARG C 214 -16.21 -30.73 -18.61
CA ARG C 214 -17.24 -31.76 -18.71
C ARG C 214 -18.66 -31.17 -18.67
N ARG C 215 -18.86 -30.17 -17.81
CA ARG C 215 -20.17 -29.59 -17.60
C ARG C 215 -20.49 -28.47 -18.58
N ASN C 216 -19.67 -27.42 -18.59
CA ASN C 216 -20.02 -26.18 -19.33
C ASN C 216 -19.69 -26.21 -20.83
N LEU C 217 -18.74 -27.06 -21.22
CA LEU C 217 -18.23 -27.14 -22.60
C LEU C 217 -18.69 -28.40 -23.32
N ASP C 218 -19.08 -29.39 -22.53
CA ASP C 218 -19.58 -30.64 -23.08
C ASP C 218 -18.47 -31.59 -23.56
N ILE C 219 -17.22 -31.14 -23.56
CA ILE C 219 -16.10 -32.02 -23.92
C ILE C 219 -16.10 -33.19 -22.91
N GLU C 220 -16.49 -34.35 -23.41
CA GLU C 220 -16.73 -35.52 -22.58
C GLU C 220 -15.48 -35.98 -21.81
N ARG C 221 -14.36 -36.20 -22.52
CA ARG C 221 -13.10 -36.60 -21.90
C ARG C 221 -11.97 -35.66 -22.33
N PRO C 222 -11.76 -34.59 -21.54
CA PRO C 222 -10.89 -33.46 -21.91
C PRO C 222 -9.38 -33.71 -22.01
N THR C 223 -8.72 -33.06 -22.98
CA THR C 223 -7.25 -33.14 -23.19
C THR C 223 -6.56 -32.33 -22.13
N TYR C 224 -5.25 -32.44 -22.07
CA TYR C 224 -4.48 -31.51 -21.27
C TYR C 224 -4.72 -30.13 -21.83
N THR C 225 -4.41 -30.00 -23.12
CA THR C 225 -4.59 -28.78 -23.89
C THR C 225 -6.02 -28.22 -23.72
N ASN C 226 -7.00 -29.11 -23.52
CA ASN C 226 -8.40 -28.75 -23.21
C ASN C 226 -8.54 -27.94 -21.91
N LEU C 227 -8.01 -28.53 -20.84
CA LEU C 227 -7.96 -27.94 -19.52
C LEU C 227 -7.09 -26.73 -19.58
N ASN C 228 -5.95 -26.89 -20.25
CA ASN C 228 -4.91 -25.89 -20.27
C ASN C 228 -5.36 -24.54 -20.81
N ARG C 229 -6.32 -24.54 -21.72
CA ARG C 229 -6.81 -23.28 -22.28
C ARG C 229 -7.46 -22.49 -21.16
N LEU C 230 -8.44 -23.12 -20.51
CA LEU C 230 -9.09 -22.59 -19.33
C LEU C 230 -8.18 -21.92 -18.33
N MET C 231 -7.10 -22.59 -17.96
CA MET C 231 -6.15 -22.07 -16.99
C MET C 231 -5.47 -20.86 -17.60
N SER C 232 -5.13 -20.96 -18.88
CA SER C 232 -4.56 -19.88 -19.67
C SER C 232 -5.33 -18.60 -19.49
N GLN C 233 -6.61 -18.63 -19.85
CA GLN C 233 -7.56 -17.52 -19.60
C GLN C 233 -7.46 -16.96 -18.16
N ILE C 234 -7.46 -17.87 -17.16
CA ILE C 234 -7.47 -17.52 -15.75
C ILE C 234 -6.17 -16.85 -15.39
N VAL C 235 -5.07 -17.47 -15.79
CA VAL C 235 -3.74 -16.87 -15.63
C VAL C 235 -3.64 -15.46 -16.23
N SER C 236 -4.08 -15.31 -17.48
CA SER C 236 -4.10 -14.01 -18.16
C SER C 236 -4.85 -13.03 -17.29
N SER C 237 -6.10 -13.33 -17.02
CA SER C 237 -6.98 -12.44 -16.26
C SER C 237 -6.43 -12.02 -14.90
N ILE C 238 -5.50 -12.78 -14.34
CA ILE C 238 -4.74 -12.32 -13.17
C ILE C 238 -3.66 -11.35 -13.59
N THR C 239 -2.67 -11.86 -14.32
CA THR C 239 -1.54 -11.04 -14.80
C THR C 239 -2.01 -9.85 -15.62
N ALA C 240 -3.16 -10.02 -16.26
CA ALA C 240 -3.80 -8.97 -17.01
C ALA C 240 -3.34 -7.64 -16.44
N SER C 241 -3.68 -7.42 -15.17
CA SER C 241 -3.24 -6.24 -14.42
C SER C 241 -1.95 -5.63 -14.99
N LEU C 242 -0.81 -6.15 -14.57
CA LEU C 242 0.47 -5.54 -14.86
C LEU C 242 0.97 -5.63 -16.33
N ARG C 243 0.12 -6.07 -17.26
CA ARG C 243 0.53 -6.19 -18.68
C ARG C 243 0.35 -4.86 -19.40
N PHE C 244 -0.90 -4.46 -19.53
CA PHE C 244 -1.23 -3.11 -19.96
C PHE C 244 -1.63 -2.26 -18.72
N ASP C 245 -2.43 -1.21 -18.94
CA ASP C 245 -2.81 -0.26 -17.89
C ASP C 245 -4.33 -0.09 -17.71
N GLY C 246 -4.93 0.90 -18.35
CA GLY C 246 -6.33 1.18 -18.17
C GLY C 246 -6.57 1.83 -16.82
N ALA C 247 -6.58 3.16 -16.83
CA ALA C 247 -6.65 4.00 -15.62
C ALA C 247 -7.53 3.53 -14.44
N LEU C 248 -8.28 2.43 -14.62
CA LEU C 248 -9.33 2.01 -13.67
C LEU C 248 -8.86 1.08 -12.56
N ASN C 249 -7.92 0.22 -12.88
CA ASN C 249 -7.06 -0.42 -11.88
C ASN C 249 -6.02 -1.21 -12.66
N VAL C 250 -5.89 -2.51 -12.36
CA VAL C 250 -4.68 -3.28 -12.71
C VAL C 250 -3.90 -3.64 -11.35
N ASP C 251 -2.55 -3.68 -11.37
CA ASP C 251 -1.63 -3.87 -10.19
C ASP C 251 -1.90 -4.99 -9.15
N LEU C 252 -1.30 -6.16 -9.40
CA LEU C 252 -1.24 -7.30 -8.47
C LEU C 252 -0.47 -6.98 -7.18
N THR C 253 0.69 -6.33 -7.30
CA THR C 253 1.45 -5.70 -6.19
C THR C 253 0.66 -5.54 -4.88
N GLU C 254 -0.55 -5.03 -5.03
CA GLU C 254 -1.26 -4.42 -3.96
C GLU C 254 -2.69 -4.90 -4.08
N PHE C 255 -2.85 -5.89 -4.95
CA PHE C 255 -3.99 -6.79 -4.90
C PHE C 255 -3.77 -7.88 -3.83
N GLN C 256 -2.60 -8.53 -3.91
CA GLN C 256 -2.01 -9.40 -2.87
C GLN C 256 -2.25 -8.85 -1.48
N THR C 257 -1.80 -7.62 -1.25
CA THR C 257 -2.08 -6.86 -0.06
C THR C 257 -3.28 -7.35 0.71
N ASN C 258 -4.41 -7.52 0.04
CA ASN C 258 -5.61 -8.07 0.68
C ASN C 258 -5.61 -9.60 0.78
N LEU C 259 -5.25 -10.25 -0.33
CA LEU C 259 -5.24 -11.70 -0.44
C LEU C 259 -4.38 -12.35 0.58
N VAL C 260 -3.27 -11.75 0.99
CA VAL C 260 -2.53 -12.39 2.07
C VAL C 260 -2.41 -11.58 3.32
N PRO C 261 -3.26 -11.90 4.28
CA PRO C 261 -3.30 -11.17 5.54
C PRO C 261 -2.17 -11.61 6.46
N TYR C 262 -1.67 -12.79 6.18
CA TYR C 262 -0.93 -13.51 7.17
C TYR C 262 0.16 -14.34 6.52
N PRO C 263 1.40 -14.02 6.87
CA PRO C 263 2.59 -14.38 6.12
C PRO C 263 2.67 -15.80 5.70
N ARG C 264 1.70 -16.63 6.06
CA ARG C 264 1.77 -17.99 5.57
C ARG C 264 1.23 -18.16 4.13
N ILE C 265 2.07 -17.64 3.17
CA ILE C 265 2.05 -17.65 1.66
C ILE C 265 0.70 -17.72 0.93
N HIS C 266 -0.35 -17.33 1.66
CA HIS C 266 -1.68 -17.92 1.54
C HIS C 266 -2.18 -18.25 0.15
N PHE C 267 -3.23 -19.06 0.10
CA PHE C 267 -3.59 -19.69 -1.13
C PHE C 267 -4.96 -19.20 -1.57
N PRO C 268 -4.93 -18.23 -2.47
CA PRO C 268 -6.14 -17.69 -3.07
C PRO C 268 -6.81 -18.71 -3.96
N LEU C 269 -8.09 -18.48 -4.16
CA LEU C 269 -8.95 -19.37 -4.93
C LEU C 269 -9.53 -18.58 -6.12
N ALA C 270 -9.29 -19.07 -7.34
CA ALA C 270 -9.75 -18.37 -8.56
C ALA C 270 -11.03 -18.88 -9.21
N THR C 271 -12.14 -18.22 -8.89
CA THR C 271 -13.35 -18.34 -9.69
C THR C 271 -13.11 -17.54 -10.98
N TYR C 272 -13.66 -18.00 -12.10
CA TYR C 272 -13.60 -17.24 -13.35
C TYR C 272 -14.97 -17.02 -13.97
N ALA C 273 -15.09 -15.93 -14.72
CA ALA C 273 -16.37 -15.38 -15.21
C ALA C 273 -17.25 -16.32 -16.04
N PRO C 274 -17.53 -15.99 -17.30
CA PRO C 274 -18.31 -16.89 -18.13
C PRO C 274 -17.36 -17.80 -18.89
N VAL C 275 -17.57 -19.10 -18.72
CA VAL C 275 -16.94 -20.08 -19.58
C VAL C 275 -18.10 -20.62 -20.37
N ILE C 276 -18.21 -20.22 -21.62
CA ILE C 276 -19.28 -20.76 -22.44
C ILE C 276 -18.81 -21.15 -23.84
N SER C 277 -19.12 -22.40 -24.21
CA SER C 277 -18.65 -23.01 -25.47
C SER C 277 -19.10 -22.24 -26.71
N ALA C 278 -18.14 -21.91 -27.58
CA ALA C 278 -18.43 -21.29 -28.88
C ALA C 278 -19.48 -22.16 -29.59
N GLU C 279 -20.13 -21.60 -30.60
CA GLU C 279 -21.34 -22.21 -31.15
C GLU C 279 -22.48 -21.85 -30.22
N LEU C 286 -24.14 -11.97 -21.39
CA LEU C 286 -24.75 -12.00 -20.05
C LEU C 286 -24.53 -10.71 -19.27
N SER C 287 -25.45 -10.39 -18.37
CA SER C 287 -25.42 -9.13 -17.62
C SER C 287 -24.25 -9.01 -16.62
N VAL C 288 -23.62 -7.83 -16.62
CA VAL C 288 -22.59 -7.45 -15.64
C VAL C 288 -22.75 -8.16 -14.29
N ALA C 289 -24.00 -8.25 -13.85
CA ALA C 289 -24.39 -8.87 -12.58
C ALA C 289 -24.26 -10.40 -12.63
N GLU C 290 -24.76 -10.99 -13.70
CA GLU C 290 -24.83 -12.42 -13.89
C GLU C 290 -23.48 -13.08 -13.81
N ILE C 291 -22.50 -12.49 -14.49
CA ILE C 291 -21.13 -13.03 -14.48
C ILE C 291 -20.59 -13.05 -13.07
N THR C 292 -20.80 -11.93 -12.39
CA THR C 292 -20.45 -11.77 -10.97
C THR C 292 -21.07 -12.90 -10.18
N ASN C 293 -22.39 -13.00 -10.29
CA ASN C 293 -23.13 -14.00 -9.54
C ASN C 293 -22.74 -15.46 -9.77
N ALA C 294 -21.92 -15.73 -10.79
CA ALA C 294 -21.40 -17.07 -11.03
C ALA C 294 -19.98 -17.19 -10.48
N CYS C 295 -19.49 -16.09 -9.91
CA CYS C 295 -18.22 -16.14 -9.23
C CYS C 295 -18.43 -16.72 -7.86
N PHE C 296 -19.51 -16.31 -7.22
CA PHE C 296 -19.94 -16.90 -5.97
C PHE C 296 -20.73 -18.10 -6.36
N GLU C 297 -19.98 -19.16 -6.61
CA GLU C 297 -20.53 -20.38 -7.14
C GLU C 297 -19.52 -21.50 -6.88
N PRO C 298 -19.90 -22.49 -6.05
CA PRO C 298 -19.19 -23.77 -6.00
C PRO C 298 -18.89 -24.27 -7.41
N ALA C 299 -19.92 -24.59 -8.19
CA ALA C 299 -19.81 -25.07 -9.58
C ALA C 299 -18.67 -24.44 -10.45
N ASN C 300 -18.45 -23.13 -10.24
CA ASN C 300 -17.53 -22.30 -11.03
C ASN C 300 -16.23 -21.95 -10.29
N GLN C 301 -15.89 -22.69 -9.24
CA GLN C 301 -14.66 -22.46 -8.48
C GLN C 301 -13.42 -22.91 -9.29
N MET C 302 -12.25 -22.89 -8.68
CA MET C 302 -11.06 -23.34 -9.40
C MET C 302 -10.11 -24.15 -8.50
N VAL C 303 -10.61 -24.43 -7.28
CA VAL C 303 -10.19 -25.54 -6.40
C VAL C 303 -11.44 -26.16 -5.78
N LYS C 304 -11.63 -27.46 -6.00
CA LYS C 304 -12.71 -28.21 -5.37
C LYS C 304 -12.71 -28.00 -3.84
N CYS C 305 -13.84 -27.47 -3.33
CA CYS C 305 -14.09 -27.19 -1.89
C CYS C 305 -15.45 -26.49 -1.73
N ASP C 306 -15.55 -25.48 -0.84
CA ASP C 306 -16.70 -24.56 -0.75
C ASP C 306 -16.69 -23.58 0.46
N PRO C 307 -17.07 -22.30 0.22
CA PRO C 307 -17.23 -21.30 1.27
C PRO C 307 -18.69 -20.96 1.71
N ARG C 308 -19.52 -21.98 1.87
CA ARG C 308 -20.71 -21.92 2.72
C ARG C 308 -20.31 -22.65 4.00
N HIS C 309 -19.04 -23.03 3.98
CA HIS C 309 -18.38 -23.89 4.96
C HIS C 309 -17.29 -23.06 5.64
N GLY C 310 -16.45 -22.42 4.83
CA GLY C 310 -15.35 -21.60 5.30
C GLY C 310 -15.61 -20.10 5.24
N LYS C 311 -14.71 -19.35 5.86
CA LYS C 311 -14.91 -17.94 6.06
C LYS C 311 -13.93 -17.20 5.19
N TYR C 312 -14.34 -16.04 4.69
CA TYR C 312 -13.45 -15.17 3.89
C TYR C 312 -12.54 -14.32 4.75
N MET C 313 -11.46 -13.85 4.16
CA MET C 313 -10.60 -12.88 4.82
C MET C 313 -10.07 -11.89 3.83
N ALA C 314 -10.16 -12.25 2.56
CA ALA C 314 -9.71 -11.34 1.53
C ALA C 314 -10.50 -11.53 0.23
N CYS C 315 -11.25 -10.50 -0.15
CA CYS C 315 -11.88 -10.58 -1.46
C CYS C 315 -11.57 -9.47 -2.41
N CYS C 316 -11.84 -9.75 -3.69
CA CYS C 316 -11.11 -9.18 -4.82
C CYS C 316 -11.67 -9.57 -6.21
N LEU C 317 -12.37 -8.67 -6.88
CA LEU C 317 -12.95 -9.02 -8.18
C LEU C 317 -12.23 -8.40 -9.34
N LEU C 318 -11.83 -9.24 -10.29
CA LEU C 318 -11.08 -8.79 -11.45
C LEU C 318 -11.85 -8.80 -12.76
N TYR C 319 -12.62 -7.74 -13.02
CA TYR C 319 -13.42 -7.61 -14.24
C TYR C 319 -12.59 -7.30 -15.48
N ARG C 320 -12.97 -7.90 -16.61
CA ARG C 320 -12.29 -7.65 -17.88
C ARG C 320 -13.26 -7.37 -18.99
N GLY C 321 -12.99 -6.31 -19.75
CA GLY C 321 -13.79 -5.94 -20.91
C GLY C 321 -14.39 -4.58 -20.76
N ASP C 322 -15.47 -4.36 -21.50
CA ASP C 322 -16.28 -3.17 -21.30
C ASP C 322 -17.20 -3.46 -20.11
N VAL C 323 -16.97 -2.72 -19.03
CA VAL C 323 -17.77 -2.80 -17.81
C VAL C 323 -17.84 -1.38 -17.22
N VAL C 324 -18.91 -1.11 -16.49
CA VAL C 324 -18.95 0.13 -15.77
C VAL C 324 -19.13 -0.13 -14.30
N PRO C 325 -18.27 0.49 -13.52
CA PRO C 325 -18.42 0.62 -12.06
C PRO C 325 -19.86 0.87 -11.57
N LYS C 326 -20.64 1.68 -12.27
CA LYS C 326 -22.08 1.85 -11.99
C LYS C 326 -22.65 0.46 -11.84
N ASP C 327 -22.52 -0.33 -12.91
CA ASP C 327 -22.98 -1.71 -13.00
C ASP C 327 -22.28 -2.59 -11.98
N VAL C 328 -21.00 -2.31 -11.69
CA VAL C 328 -20.21 -3.15 -10.79
C VAL C 328 -20.54 -3.00 -9.30
N ASN C 329 -20.87 -1.77 -8.90
CA ASN C 329 -21.19 -1.49 -7.50
C ASN C 329 -22.60 -1.92 -7.07
N ALA C 330 -23.59 -1.71 -7.94
CA ALA C 330 -24.97 -2.15 -7.70
C ALA C 330 -25.16 -3.69 -7.83
N ALA C 331 -24.16 -4.39 -8.37
CA ALA C 331 -24.14 -5.85 -8.35
C ALA C 331 -23.42 -6.32 -7.09
N ILE C 332 -22.45 -5.52 -6.64
CA ILE C 332 -21.74 -5.73 -5.37
C ILE C 332 -22.65 -5.48 -4.15
N ALA C 333 -23.52 -4.47 -4.25
CA ALA C 333 -24.43 -4.13 -3.18
C ALA C 333 -25.26 -5.33 -2.79
N THR C 334 -26.05 -5.82 -3.74
CA THR C 334 -26.99 -6.90 -3.48
C THR C 334 -26.33 -8.28 -3.42
N ILE C 335 -25.00 -8.29 -3.56
CA ILE C 335 -24.25 -9.48 -3.20
C ILE C 335 -24.11 -9.55 -1.68
N LYS C 336 -24.05 -8.40 -1.01
CA LYS C 336 -23.97 -8.42 0.45
C LYS C 336 -25.33 -8.65 1.17
N THR C 337 -26.43 -8.77 0.44
CA THR C 337 -27.73 -8.82 1.10
C THR C 337 -28.79 -9.81 0.56
N LYS C 338 -28.37 -10.86 -0.11
CA LYS C 338 -29.31 -11.96 -0.36
C LYS C 338 -28.55 -13.26 -0.44
N ARG C 339 -27.22 -13.15 -0.47
CA ARG C 339 -26.32 -14.30 -0.53
C ARG C 339 -25.64 -14.58 0.82
N THR C 340 -24.83 -15.64 0.85
CA THR C 340 -23.95 -15.91 1.98
C THR C 340 -22.70 -15.02 1.86
N ILE C 341 -22.68 -14.02 2.73
CA ILE C 341 -21.65 -12.99 2.79
C ILE C 341 -20.26 -13.62 3.06
N GLN C 342 -19.98 -13.92 4.34
CA GLN C 342 -18.91 -14.83 4.78
C GLN C 342 -17.57 -14.21 5.21
N PHE C 343 -17.58 -12.97 5.69
CA PHE C 343 -16.35 -12.28 6.06
C PHE C 343 -16.01 -12.43 7.54
N VAL C 344 -14.84 -13.01 7.82
CA VAL C 344 -14.40 -13.39 9.18
C VAL C 344 -14.32 -12.27 10.21
N ASP C 345 -14.91 -12.50 11.38
CA ASP C 345 -14.60 -11.76 12.62
C ASP C 345 -14.02 -10.34 12.45
N TRP C 346 -12.81 -10.23 11.88
CA TRP C 346 -11.98 -9.00 11.97
C TRP C 346 -11.45 -8.31 10.67
N CYS C 347 -12.23 -8.31 9.60
CA CYS C 347 -11.83 -7.70 8.32
C CYS C 347 -12.81 -6.63 7.84
N PRO C 348 -12.36 -5.73 6.95
CA PRO C 348 -13.23 -4.68 6.38
C PRO C 348 -14.50 -5.14 5.65
N THR C 349 -14.56 -6.40 5.22
CA THR C 349 -15.55 -6.94 4.23
C THR C 349 -15.19 -6.43 2.82
N GLY C 350 -13.93 -6.01 2.68
CA GLY C 350 -13.32 -5.52 1.44
C GLY C 350 -13.98 -5.62 0.07
N PHE C 351 -13.28 -6.27 -0.88
CA PHE C 351 -13.68 -6.35 -2.31
C PHE C 351 -12.86 -5.46 -3.26
N LYS C 352 -11.55 -5.62 -3.28
CA LYS C 352 -10.69 -4.87 -4.19
C LYS C 352 -11.06 -5.18 -5.64
N VAL C 353 -11.81 -4.28 -6.26
CA VAL C 353 -12.35 -4.48 -7.60
C VAL C 353 -11.50 -3.82 -8.68
N GLY C 354 -11.11 -4.56 -9.70
CA GLY C 354 -10.24 -4.00 -10.72
C GLY C 354 -10.74 -4.15 -12.13
N ILE C 355 -10.91 -3.05 -12.84
CA ILE C 355 -11.40 -3.12 -14.22
C ILE C 355 -10.34 -2.78 -15.24
N ASN C 356 -10.31 -3.61 -16.27
CA ASN C 356 -9.36 -3.54 -17.37
C ASN C 356 -10.07 -3.47 -18.72
N TYR C 357 -10.26 -2.26 -19.23
CA TYR C 357 -11.13 -1.99 -20.40
C TYR C 357 -10.96 -2.98 -21.54
N GLN C 358 -9.73 -3.44 -21.70
CA GLN C 358 -9.38 -4.31 -22.79
C GLN C 358 -10.13 -5.67 -22.78
N PRO C 359 -10.90 -5.90 -23.85
CA PRO C 359 -11.83 -7.04 -23.96
C PRO C 359 -11.14 -8.40 -24.09
N PRO C 360 -11.82 -9.43 -23.55
CA PRO C 360 -11.19 -10.75 -23.31
C PRO C 360 -10.99 -11.55 -24.59
N THR C 361 -9.76 -11.50 -25.11
CA THR C 361 -9.44 -12.13 -26.38
C THR C 361 -9.27 -13.62 -26.15
N VAL C 362 -9.80 -14.42 -27.08
CA VAL C 362 -9.70 -15.88 -26.97
C VAL C 362 -9.24 -16.58 -28.26
N VAL C 363 -8.72 -17.80 -28.06
CA VAL C 363 -8.02 -18.64 -29.04
C VAL C 363 -8.98 -19.12 -30.12
N PRO C 364 -8.63 -18.93 -31.40
CA PRO C 364 -9.63 -19.10 -32.48
C PRO C 364 -10.10 -20.55 -32.59
N GLY C 365 -9.14 -21.46 -32.69
CA GLY C 365 -9.42 -22.89 -32.74
C GLY C 365 -10.19 -23.40 -31.54
N GLY C 366 -9.86 -22.86 -30.36
CA GLY C 366 -10.37 -23.27 -29.05
C GLY C 366 -11.86 -23.48 -28.87
N ASP C 367 -12.26 -23.81 -27.64
CA ASP C 367 -13.61 -24.33 -27.40
C ASP C 367 -14.55 -23.27 -26.84
N LEU C 368 -13.98 -22.18 -26.36
CA LEU C 368 -14.76 -21.11 -25.77
C LEU C 368 -15.02 -20.03 -26.81
N ALA C 369 -16.07 -19.24 -26.58
CA ALA C 369 -16.45 -18.17 -27.49
C ALA C 369 -15.97 -16.81 -27.05
N LYS C 370 -15.90 -15.88 -28.02
CA LYS C 370 -15.65 -14.46 -27.74
C LYS C 370 -16.67 -13.95 -26.74
N VAL C 371 -16.20 -13.34 -25.67
CA VAL C 371 -17.14 -12.69 -24.79
C VAL C 371 -17.11 -11.17 -24.95
N GLN C 372 -17.65 -10.49 -23.96
CA GLN C 372 -17.81 -9.05 -23.99
C GLN C 372 -17.24 -8.51 -22.70
N ARG C 373 -17.34 -9.34 -21.67
CA ARG C 373 -16.89 -9.02 -20.32
C ARG C 373 -16.77 -10.28 -19.48
N ALA C 374 -15.74 -10.35 -18.66
CA ALA C 374 -15.49 -11.54 -17.87
C ALA C 374 -14.90 -11.19 -16.51
N VAL C 375 -15.55 -11.65 -15.46
CA VAL C 375 -15.11 -11.43 -14.07
C VAL C 375 -14.00 -12.40 -13.67
N CYS C 376 -13.41 -12.25 -12.48
CA CYS C 376 -12.38 -13.21 -12.03
C CYS C 376 -12.14 -13.47 -10.54
N MET C 377 -12.89 -12.85 -9.64
CA MET C 377 -12.94 -13.28 -8.23
C MET C 377 -11.74 -14.05 -7.66
N LEU C 378 -10.87 -13.35 -6.96
CA LEU C 378 -9.82 -14.00 -6.19
C LEU C 378 -10.22 -13.94 -4.73
N SER C 379 -10.17 -15.10 -4.08
CA SER C 379 -10.61 -15.16 -2.70
C SER C 379 -9.62 -15.92 -1.83
N ASN C 380 -9.34 -15.35 -0.67
CA ASN C 380 -8.70 -16.11 0.38
C ASN C 380 -9.73 -16.47 1.40
N THR C 381 -10.09 -17.75 1.33
CA THR C 381 -11.06 -18.38 2.21
C THR C 381 -10.38 -19.51 3.00
N THR C 382 -10.93 -19.78 4.19
CA THR C 382 -10.36 -20.74 5.13
C THR C 382 -10.64 -22.14 4.68
N ALA C 383 -11.70 -22.32 3.89
CA ALA C 383 -12.13 -23.64 3.45
C ALA C 383 -11.25 -24.23 2.35
N VAL C 384 -10.23 -23.47 1.97
CA VAL C 384 -9.27 -23.96 0.99
C VAL C 384 -8.40 -25.06 1.63
N ALA C 385 -8.34 -25.05 2.97
CA ALA C 385 -7.71 -26.12 3.76
C ALA C 385 -8.56 -27.38 3.82
N GLU C 386 -9.69 -27.37 3.13
CA GLU C 386 -10.40 -28.57 2.77
C GLU C 386 -9.47 -29.30 1.82
N ALA C 387 -8.85 -28.52 0.92
CA ALA C 387 -7.95 -29.07 -0.08
C ALA C 387 -6.58 -29.51 0.51
N TRP C 388 -6.18 -28.91 1.63
CA TRP C 388 -4.94 -29.30 2.30
C TRP C 388 -5.10 -30.64 2.99
N ALA C 389 -6.31 -30.94 3.46
CA ALA C 389 -6.57 -32.17 4.20
C ALA C 389 -6.64 -33.36 3.27
N ARG C 390 -7.35 -33.20 2.15
CA ARG C 390 -7.57 -34.30 1.20
C ARG C 390 -6.23 -34.78 0.67
N LEU C 391 -5.28 -33.86 0.59
CA LEU C 391 -3.88 -34.19 0.29
C LEU C 391 -3.19 -34.86 1.48
N ASP C 392 -3.41 -34.35 2.68
CA ASP C 392 -2.76 -34.87 3.88
C ASP C 392 -3.22 -36.27 4.20
N HIS C 393 -4.53 -36.49 4.13
CA HIS C 393 -5.07 -37.80 4.48
C HIS C 393 -4.44 -38.92 3.65
N LYS C 394 -4.33 -38.70 2.33
CA LYS C 394 -3.63 -39.62 1.44
C LYS C 394 -2.23 -39.88 2.00
N PHE C 395 -1.45 -38.82 2.14
CA PHE C 395 -0.10 -38.93 2.70
C PHE C 395 -0.10 -39.78 3.96
N ASP C 396 -0.84 -39.33 4.96
CA ASP C 396 -0.77 -39.92 6.28
C ASP C 396 -0.91 -41.44 6.30
N LEU C 397 -1.77 -41.99 5.44
CA LEU C 397 -2.17 -43.42 5.47
C LEU C 397 -1.31 -44.31 4.56
N MET C 398 -0.69 -43.70 3.56
CA MET C 398 0.39 -44.28 2.79
C MET C 398 1.58 -44.38 3.71
N TYR C 399 2.12 -43.22 4.10
CA TYR C 399 3.24 -43.16 5.03
C TYR C 399 3.08 -44.11 6.23
N ALA C 400 1.81 -44.29 6.64
CA ALA C 400 1.44 -45.21 7.70
C ALA C 400 2.01 -46.64 7.51
N LYS C 401 2.70 -46.87 6.38
CA LYS C 401 3.36 -48.16 6.15
C LYS C 401 4.61 -47.95 5.33
N ARG C 402 5.19 -46.75 5.43
CA ARG C 402 6.37 -46.36 4.62
C ARG C 402 6.12 -46.34 3.12
N ALA C 403 4.88 -46.68 2.75
CA ALA C 403 4.42 -46.72 1.37
C ALA C 403 5.58 -46.97 0.43
N PHE C 404 6.08 -45.87 -0.12
CA PHE C 404 7.09 -45.95 -1.14
C PHE C 404 8.32 -45.29 -0.63
N VAL C 405 8.20 -44.73 0.56
CA VAL C 405 9.25 -43.92 1.16
C VAL C 405 10.66 -44.22 0.66
N HIS C 406 11.00 -45.49 0.58
CA HIS C 406 12.36 -45.90 0.27
C HIS C 406 12.88 -45.25 -1.01
N TRP C 407 12.00 -45.14 -2.02
CA TRP C 407 12.34 -44.57 -3.32
C TRP C 407 12.97 -43.21 -3.19
N TYR C 408 12.71 -42.58 -2.04
CA TYR C 408 13.27 -41.27 -1.72
C TYR C 408 14.51 -41.40 -0.84
N VAL C 409 14.44 -42.27 0.18
CA VAL C 409 15.55 -42.51 1.11
C VAL C 409 16.75 -42.95 0.31
N GLY C 410 16.44 -43.59 -0.80
CA GLY C 410 17.40 -44.00 -1.80
C GLY C 410 18.14 -42.78 -2.30
N GLU C 411 17.47 -41.96 -3.10
CA GLU C 411 18.12 -40.80 -3.76
C GLU C 411 18.87 -39.88 -2.80
N GLY C 412 18.57 -39.99 -1.51
CA GLY C 412 19.44 -39.42 -0.51
C GLY C 412 18.70 -38.78 0.64
N MET C 413 17.38 -38.90 0.62
CA MET C 413 16.53 -38.23 1.60
C MET C 413 16.58 -38.85 3.00
N GLU C 414 15.87 -38.24 3.93
CA GLU C 414 15.78 -38.72 5.30
C GLU C 414 14.36 -39.19 5.67
N GLU C 415 14.32 -40.24 6.48
CA GLU C 415 13.09 -40.72 7.11
C GLU C 415 12.39 -39.57 7.84
N GLY C 416 13.21 -38.71 8.46
CA GLY C 416 12.74 -37.56 9.19
C GLY C 416 12.48 -36.27 8.39
N GLU C 417 12.77 -36.28 7.10
CA GLU C 417 12.40 -35.12 6.27
C GLU C 417 10.92 -35.24 5.97
N PHE C 418 10.50 -36.47 5.67
CA PHE C 418 9.10 -36.83 5.50
C PHE C 418 8.30 -36.49 6.78
N SER C 419 8.92 -36.68 7.94
CA SER C 419 8.26 -36.37 9.19
C SER C 419 8.15 -34.88 9.28
N GLU C 420 9.31 -34.22 9.33
CA GLU C 420 9.36 -32.80 9.61
C GLU C 420 8.68 -31.89 8.53
N ALA C 421 8.14 -32.51 7.47
CA ALA C 421 7.28 -31.81 6.52
C ALA C 421 5.81 -31.95 6.90
N ARG C 422 5.34 -33.19 7.09
CA ARG C 422 3.99 -33.47 7.58
C ARG C 422 3.76 -32.75 8.91
N GLU C 423 4.85 -32.57 9.66
CA GLU C 423 4.87 -31.72 10.84
C GLU C 423 4.24 -30.40 10.48
N ASP C 424 4.96 -29.67 9.62
CA ASP C 424 4.55 -28.38 9.13
C ASP C 424 3.13 -28.37 8.58
N MET C 425 2.77 -29.42 7.88
CA MET C 425 1.46 -29.48 7.26
C MET C 425 0.36 -29.43 8.27
N ALA C 426 0.53 -30.16 9.36
CA ALA C 426 -0.47 -30.19 10.40
C ALA C 426 -0.58 -28.85 11.11
N ALA C 427 0.49 -28.08 11.09
CA ALA C 427 0.50 -26.75 11.70
C ALA C 427 -0.36 -25.78 10.90
N LEU C 428 -0.05 -25.65 9.59
CA LEU C 428 -0.81 -24.82 8.65
C LEU C 428 -2.30 -25.19 8.64
N GLU C 429 -2.62 -26.47 8.56
CA GLU C 429 -4.00 -26.98 8.64
C GLU C 429 -4.78 -26.41 9.84
N LYS C 430 -4.03 -26.08 10.90
CA LYS C 430 -4.58 -25.50 12.12
C LYS C 430 -4.67 -23.98 12.04
N ASP C 431 -3.58 -23.32 11.66
CA ASP C 431 -3.59 -21.86 11.43
C ASP C 431 -4.87 -21.44 10.72
N TYR C 432 -5.13 -22.07 9.57
CA TYR C 432 -6.30 -21.87 8.74
C TYR C 432 -7.61 -22.04 9.52
N GLU C 433 -7.71 -23.13 10.28
CA GLU C 433 -8.86 -23.36 11.14
C GLU C 433 -8.82 -22.39 12.33
N GLU C 434 -7.61 -21.95 12.69
CA GLU C 434 -7.34 -21.06 13.84
C GLU C 434 -7.59 -19.59 13.57
N VAL C 435 -8.11 -19.30 12.39
CA VAL C 435 -8.54 -17.97 12.03
C VAL C 435 -10.06 -18.11 11.98
N GLY C 436 -10.59 -18.69 13.06
CA GLY C 436 -11.98 -19.05 13.24
C GLY C 436 -12.88 -17.96 13.75
N ALA C 437 -12.73 -17.41 14.94
CA ALA C 437 -13.57 -16.32 15.47
C ALA C 437 -13.05 -16.21 16.88
N ARG D 2 13.51 -43.33 -22.67
CA ARG D 2 14.36 -42.40 -23.45
C ARG D 2 15.33 -43.18 -24.33
N GLU D 3 15.53 -44.46 -23.97
CA GLU D 3 16.33 -45.48 -24.72
C GLU D 3 16.47 -46.76 -23.88
N ILE D 4 16.23 -47.94 -24.48
CA ILE D 4 16.47 -49.24 -23.78
C ILE D 4 17.01 -50.42 -24.61
N VAL D 5 18.16 -50.94 -24.20
CA VAL D 5 18.74 -52.14 -24.83
C VAL D 5 18.15 -53.38 -24.20
N HIS D 6 18.24 -54.48 -24.92
CA HIS D 6 17.43 -55.62 -24.65
C HIS D 6 18.28 -56.87 -24.66
N ILE D 7 18.11 -57.70 -23.63
CA ILE D 7 18.82 -58.97 -23.54
C ILE D 7 17.87 -60.19 -23.68
N GLN D 8 18.32 -61.16 -24.46
CA GLN D 8 17.66 -62.47 -24.59
C GLN D 8 18.69 -63.53 -24.29
N ALA D 9 18.38 -64.45 -23.40
CA ALA D 9 19.34 -65.48 -23.09
C ALA D 9 18.72 -66.87 -23.07
N GLY D 10 19.17 -67.69 -24.02
CA GLY D 10 18.92 -69.12 -24.01
C GLY D 10 17.57 -69.59 -24.53
N GLN D 11 17.51 -70.89 -24.84
CA GLN D 11 16.34 -71.60 -25.40
C GLN D 11 14.98 -70.85 -25.25
N CYS D 12 14.57 -70.54 -24.01
CA CYS D 12 13.29 -69.88 -23.79
C CYS D 12 13.41 -68.39 -23.88
N GLY D 13 14.46 -67.87 -23.29
CA GLY D 13 14.69 -66.44 -23.34
C GLY D 13 14.78 -65.92 -24.77
N ASN D 14 15.31 -66.77 -25.65
CA ASN D 14 15.52 -66.36 -27.02
C ASN D 14 14.25 -66.48 -27.85
N GLN D 15 13.56 -67.62 -27.76
CA GLN D 15 12.34 -67.83 -28.55
C GLN D 15 11.24 -66.85 -28.17
N ILE D 16 11.23 -66.47 -26.89
CA ILE D 16 10.25 -65.53 -26.40
C ILE D 16 10.42 -64.19 -27.10
N GLY D 17 11.67 -63.80 -27.32
CA GLY D 17 12.01 -62.51 -27.88
C GLY D 17 11.80 -62.46 -29.37
N ALA D 18 12.21 -63.53 -30.04
CA ALA D 18 11.99 -63.69 -31.48
C ALA D 18 10.53 -63.47 -31.84
N LYS D 19 9.63 -63.90 -30.94
CA LYS D 19 8.21 -63.65 -31.15
C LYS D 19 7.81 -62.39 -30.40
N PHE D 20 8.75 -61.73 -29.73
CA PHE D 20 8.43 -60.42 -29.21
C PHE D 20 8.75 -59.40 -30.29
N TRP D 21 9.91 -59.54 -30.90
CA TRP D 21 10.35 -58.67 -31.99
C TRP D 21 9.53 -58.82 -33.25
N GLU D 22 9.00 -60.02 -33.48
CA GLU D 22 8.15 -60.25 -34.65
C GLU D 22 6.81 -59.49 -34.54
N VAL D 23 6.44 -59.04 -33.33
CA VAL D 23 5.18 -58.28 -33.12
C VAL D 23 5.41 -56.79 -33.10
N ILE D 24 6.38 -56.32 -32.32
CA ILE D 24 6.63 -54.89 -32.27
C ILE D 24 7.15 -54.35 -33.61
N SER D 25 8.00 -55.14 -34.27
CA SER D 25 8.48 -54.84 -35.61
C SER D 25 7.32 -54.72 -36.59
N ASP D 26 6.32 -55.58 -36.39
CA ASP D 26 5.10 -55.46 -37.16
C ASP D 26 4.39 -54.14 -36.88
N GLU D 27 4.03 -53.87 -35.62
CA GLU D 27 3.24 -52.67 -35.27
C GLU D 27 3.88 -51.35 -35.68
N HIS D 28 5.22 -51.33 -35.76
CA HIS D 28 5.96 -50.19 -36.29
C HIS D 28 6.05 -50.30 -37.79
N GLY D 29 6.23 -51.51 -38.29
CA GLY D 29 6.24 -51.76 -39.72
C GLY D 29 7.64 -51.84 -40.22
N ILE D 30 8.29 -52.96 -39.96
CA ILE D 30 9.63 -53.18 -40.44
C ILE D 30 9.71 -54.54 -41.11
N ASP D 31 10.22 -54.54 -42.33
CA ASP D 31 10.47 -55.75 -43.09
C ASP D 31 11.41 -56.62 -42.27
N PRO D 32 11.65 -57.84 -42.74
CA PRO D 32 12.77 -58.62 -42.22
C PRO D 32 14.05 -57.78 -42.01
N THR D 33 14.45 -56.97 -43.00
CA THR D 33 15.65 -56.14 -42.89
C THR D 33 15.24 -54.70 -42.93
N GLY D 34 14.55 -54.37 -44.01
CA GLY D 34 14.24 -53.02 -44.40
C GLY D 34 13.70 -52.16 -43.30
N SER D 35 13.56 -50.89 -43.62
CA SER D 35 13.02 -49.93 -42.70
C SER D 35 11.51 -49.96 -42.78
N TYR D 36 10.92 -48.79 -43.00
CA TYR D 36 9.49 -48.59 -42.80
C TYR D 36 8.63 -49.11 -43.96
N HIS D 37 7.41 -49.46 -43.60
CA HIS D 37 6.31 -49.77 -44.51
C HIS D 37 5.07 -49.88 -43.62
N GLY D 38 4.32 -48.79 -43.51
CA GLY D 38 3.15 -48.70 -42.66
C GLY D 38 2.37 -47.44 -42.97
N ASP D 39 1.07 -47.60 -43.26
CA ASP D 39 0.21 -46.47 -43.66
C ASP D 39 -0.20 -45.62 -42.45
N SER D 40 0.33 -45.97 -41.28
CA SER D 40 0.24 -45.14 -40.10
C SER D 40 1.43 -44.15 -40.11
N ASP D 41 1.58 -43.39 -39.03
CA ASP D 41 2.59 -42.34 -38.97
C ASP D 41 3.28 -42.24 -37.60
N LEU D 42 2.48 -42.30 -36.54
CA LEU D 42 2.96 -42.30 -35.15
C LEU D 42 4.23 -43.14 -35.00
N GLN D 43 4.04 -44.46 -34.95
CA GLN D 43 5.12 -45.44 -34.82
C GLN D 43 6.48 -44.84 -34.45
N LEU D 44 7.09 -44.14 -35.41
CA LEU D 44 8.50 -43.74 -35.30
C LEU D 44 8.83 -42.71 -34.19
N GLU D 45 7.86 -42.31 -33.38
CA GLU D 45 8.11 -41.46 -32.18
C GLU D 45 9.08 -42.12 -31.20
N ARG D 46 8.84 -43.39 -30.92
CA ARG D 46 9.52 -44.06 -29.83
C ARG D 46 10.25 -45.27 -30.34
N ILE D 47 10.12 -45.53 -31.64
CA ILE D 47 10.91 -46.55 -32.30
C ILE D 47 12.37 -46.43 -31.81
N ASN D 48 12.73 -45.20 -31.48
CA ASN D 48 13.94 -44.88 -30.76
C ASN D 48 14.16 -45.89 -29.66
N VAL D 49 13.17 -46.03 -28.79
CA VAL D 49 13.39 -46.75 -27.56
C VAL D 49 13.83 -48.20 -27.77
N TYR D 50 13.50 -48.84 -28.89
CA TYR D 50 13.88 -50.25 -29.09
C TYR D 50 14.73 -50.51 -30.31
N TYR D 51 15.02 -49.45 -31.03
CA TYR D 51 15.71 -49.56 -32.31
C TYR D 51 16.83 -48.55 -32.51
N ASN D 52 18.05 -48.96 -32.18
CA ASN D 52 19.28 -48.27 -32.55
C ASN D 52 19.41 -48.42 -34.06
N GLU D 53 19.15 -47.36 -34.82
CA GLU D 53 19.06 -47.51 -36.29
C GLU D 53 20.39 -47.44 -37.06
N ALA D 54 20.39 -47.88 -38.32
CA ALA D 54 21.64 -48.13 -39.04
C ALA D 54 21.68 -47.72 -40.52
N THR D 55 22.68 -48.26 -41.25
CA THR D 55 23.03 -47.90 -42.64
C THR D 55 21.84 -47.83 -43.60
N GLY D 56 21.92 -46.92 -44.57
CA GLY D 56 20.78 -46.59 -45.42
C GLY D 56 19.74 -45.87 -44.59
N ASN D 57 18.50 -46.35 -44.65
CA ASN D 57 17.49 -45.99 -43.66
C ASN D 57 17.55 -47.05 -42.57
N LYS D 58 17.19 -48.29 -42.94
CA LYS D 58 17.24 -49.51 -42.11
C LYS D 58 17.23 -49.39 -40.56
N TYR D 59 16.62 -50.37 -39.87
CA TYR D 59 16.23 -50.18 -38.45
C TYR D 59 16.84 -50.98 -37.26
N VAL D 60 17.62 -52.04 -37.54
CA VAL D 60 18.22 -52.97 -36.52
C VAL D 60 17.90 -52.77 -35.01
N PRO D 61 17.14 -53.71 -34.46
CA PRO D 61 16.76 -53.73 -33.03
C PRO D 61 17.93 -53.63 -32.07
N ARG D 62 17.64 -53.08 -30.90
CA ARG D 62 18.58 -53.06 -29.82
C ARG D 62 18.44 -54.42 -29.21
N ALA D 63 19.35 -55.31 -29.55
CA ALA D 63 19.15 -56.69 -29.17
C ALA D 63 20.46 -57.39 -28.90
N ILE D 64 20.61 -57.90 -27.69
CA ILE D 64 21.74 -58.76 -27.39
C ILE D 64 21.24 -60.20 -27.29
N LEU D 65 21.82 -61.05 -28.11
CA LEU D 65 21.40 -62.43 -28.14
C LEU D 65 22.45 -63.37 -27.49
N VAL D 66 22.08 -63.98 -26.36
CA VAL D 66 22.97 -64.86 -25.60
C VAL D 66 22.40 -66.26 -25.46
N ASP D 67 23.25 -67.25 -25.77
CA ASP D 67 22.95 -68.69 -25.57
C ASP D 67 24.26 -69.47 -25.40
N LEU D 68 24.19 -70.63 -24.76
CA LEU D 68 25.39 -71.41 -24.47
C LEU D 68 25.56 -72.69 -25.36
N GLU D 69 24.63 -72.87 -26.29
CA GLU D 69 24.76 -73.83 -27.40
C GLU D 69 24.23 -73.13 -28.67
N PRO D 70 24.94 -73.27 -29.80
CA PRO D 70 24.46 -72.74 -31.09
C PRO D 70 22.94 -72.92 -31.27
N GLY D 71 22.49 -74.18 -31.31
CA GLY D 71 21.08 -74.55 -31.36
C GLY D 71 20.06 -73.43 -31.60
N THR D 72 19.40 -72.99 -30.52
CA THR D 72 18.24 -72.10 -30.62
C THR D 72 18.51 -70.74 -31.25
N MET D 73 19.78 -70.41 -31.42
CA MET D 73 20.16 -69.16 -32.07
C MET D 73 20.17 -69.26 -33.59
N ASP D 74 20.59 -70.42 -34.07
CA ASP D 74 20.56 -70.70 -35.50
C ASP D 74 19.11 -70.94 -35.92
N SER D 75 18.26 -71.18 -34.92
CA SER D 75 16.83 -71.36 -35.13
C SER D 75 16.12 -70.02 -35.35
N VAL D 76 16.81 -68.92 -35.07
CA VAL D 76 16.22 -67.59 -35.28
C VAL D 76 16.78 -66.89 -36.50
N ARG D 77 18.10 -66.93 -36.69
CA ARG D 77 18.71 -66.43 -37.92
C ARG D 77 17.94 -66.96 -39.14
N SER D 78 17.50 -68.21 -39.05
CA SER D 78 16.55 -68.79 -39.99
C SER D 78 15.18 -68.69 -39.38
N GLY D 79 14.21 -68.30 -40.20
CA GLY D 79 12.83 -68.22 -39.74
C GLY D 79 12.28 -66.82 -39.69
N PRO D 80 11.73 -66.43 -38.53
CA PRO D 80 10.87 -65.24 -38.39
C PRO D 80 11.37 -63.97 -39.10
N PHE D 81 11.59 -62.89 -38.32
CA PHE D 81 12.34 -61.74 -38.78
C PHE D 81 13.77 -62.06 -38.42
N GLY D 82 14.27 -63.15 -38.99
CA GLY D 82 15.56 -63.70 -38.62
C GLY D 82 16.71 -62.79 -38.96
N GLN D 83 16.57 -62.11 -40.09
CA GLN D 83 17.62 -61.23 -40.63
C GLN D 83 17.91 -60.02 -39.73
N ILE D 84 16.90 -59.58 -39.00
CA ILE D 84 16.87 -58.24 -38.45
C ILE D 84 17.96 -57.84 -37.44
N PHE D 85 18.42 -58.78 -36.61
CA PHE D 85 19.35 -58.50 -35.50
C PHE D 85 20.79 -58.39 -36.01
N ARG D 86 21.57 -57.46 -35.43
CA ARG D 86 22.95 -57.23 -35.87
C ARG D 86 23.75 -58.50 -35.60
N PRO D 87 24.29 -59.07 -36.66
CA PRO D 87 24.91 -60.40 -36.58
C PRO D 87 26.08 -60.47 -35.59
N ASP D 88 26.62 -59.32 -35.19
CA ASP D 88 27.66 -59.31 -34.17
C ASP D 88 27.06 -59.22 -32.80
N ASN D 89 25.73 -59.15 -32.72
CA ASN D 89 25.03 -59.11 -31.43
C ASN D 89 24.65 -60.51 -30.96
N PHE D 90 25.27 -61.50 -31.61
CA PHE D 90 25.06 -62.90 -31.35
C PHE D 90 26.20 -63.42 -30.49
N VAL D 91 25.90 -64.01 -29.35
CA VAL D 91 26.94 -64.68 -28.60
C VAL D 91 26.62 -66.16 -28.35
N PHE D 92 27.34 -67.01 -29.07
CA PHE D 92 27.24 -68.47 -28.96
C PHE D 92 28.07 -68.98 -27.78
N GLY D 93 27.66 -70.13 -27.23
CA GLY D 93 28.36 -70.74 -26.10
C GLY D 93 29.20 -71.96 -26.43
N GLN D 94 28.83 -72.68 -27.48
CA GLN D 94 29.60 -73.80 -28.05
C GLN D 94 29.63 -75.11 -27.22
N SER D 95 29.69 -74.96 -25.90
CA SER D 95 29.69 -76.10 -24.98
C SER D 95 28.25 -76.47 -24.56
N GLY D 96 28.09 -77.25 -23.49
CA GLY D 96 26.79 -77.52 -22.92
C GLY D 96 26.16 -76.33 -22.20
N ALA D 97 24.84 -76.35 -22.10
CA ALA D 97 24.11 -75.47 -21.21
C ALA D 97 24.03 -76.15 -19.85
N GLY D 98 23.73 -77.45 -19.89
CA GLY D 98 23.58 -78.24 -18.69
C GLY D 98 22.13 -78.41 -18.32
N ASN D 99 21.36 -77.31 -18.34
CA ASN D 99 20.02 -77.29 -17.78
C ASN D 99 20.20 -77.30 -16.27
N ASN D 100 21.33 -76.75 -15.86
CA ASN D 100 21.73 -76.74 -14.48
C ASN D 100 22.21 -75.32 -14.17
N TRP D 101 21.62 -74.70 -13.15
CA TRP D 101 21.85 -73.27 -12.86
C TRP D 101 23.31 -72.87 -12.61
N ALA D 102 24.11 -73.81 -12.10
CA ALA D 102 25.50 -73.54 -11.75
C ALA D 102 26.35 -73.31 -12.99
N LYS D 103 26.34 -74.27 -13.89
CA LYS D 103 27.07 -74.16 -15.14
C LYS D 103 26.81 -72.76 -15.73
N GLY D 104 25.55 -72.31 -15.70
CA GLY D 104 25.15 -71.04 -16.28
C GLY D 104 25.63 -69.79 -15.56
N HIS D 105 25.59 -69.82 -14.23
CA HIS D 105 25.99 -68.67 -13.39
C HIS D 105 27.49 -68.71 -13.02
N TYR D 106 28.13 -69.87 -13.10
CA TYR D 106 29.51 -69.99 -12.61
C TYR D 106 30.56 -70.41 -13.63
N THR D 107 30.58 -71.69 -13.99
CA THR D 107 31.67 -72.28 -14.79
C THR D 107 31.56 -72.03 -16.30
N GLU D 108 30.61 -72.68 -16.97
CA GLU D 108 30.44 -72.54 -18.42
C GLU D 108 29.82 -71.17 -18.75
N GLY D 109 29.17 -70.57 -17.75
CA GLY D 109 28.65 -69.22 -17.86
C GLY D 109 29.71 -68.13 -17.92
N ALA D 110 30.25 -67.75 -16.75
CA ALA D 110 31.30 -66.73 -16.65
C ALA D 110 32.10 -66.67 -17.92
N GLU D 111 32.66 -67.83 -18.27
CA GLU D 111 33.33 -68.08 -19.54
C GLU D 111 32.88 -67.11 -20.64
N LEU D 112 31.57 -66.91 -20.77
CA LEU D 112 31.06 -66.08 -21.84
C LEU D 112 30.74 -64.65 -21.41
N VAL D 113 30.02 -64.50 -20.29
CA VAL D 113 29.62 -63.21 -19.69
C VAL D 113 30.33 -61.99 -20.24
N ASP D 114 31.66 -61.98 -20.16
CA ASP D 114 32.48 -60.86 -20.63
C ASP D 114 32.13 -60.45 -22.05
N SER D 115 32.14 -61.42 -22.98
CA SER D 115 31.80 -61.19 -24.38
C SER D 115 30.28 -60.94 -24.67
N VAL D 116 29.50 -60.73 -23.60
CA VAL D 116 28.14 -60.20 -23.72
C VAL D 116 28.05 -58.91 -22.94
N LEU D 117 28.75 -58.87 -21.80
CA LEU D 117 28.99 -57.64 -21.03
C LEU D 117 29.69 -56.59 -21.90
N ASP D 118 30.71 -57.04 -22.65
CA ASP D 118 31.40 -56.24 -23.68
C ASP D 118 30.48 -55.74 -24.81
N VAL D 119 29.35 -56.42 -25.05
CA VAL D 119 28.41 -56.03 -26.11
C VAL D 119 27.29 -55.13 -25.57
N VAL D 120 26.74 -55.46 -24.42
CA VAL D 120 25.74 -54.60 -23.84
C VAL D 120 26.36 -53.24 -23.67
N ARG D 121 27.63 -53.21 -23.26
CA ARG D 121 28.40 -51.98 -23.16
C ARG D 121 28.28 -51.23 -24.47
N LYS D 122 28.99 -51.69 -25.50
CA LYS D 122 29.01 -51.02 -26.81
C LYS D 122 27.63 -50.54 -27.31
N GLU D 123 26.56 -51.26 -27.00
CA GLU D 123 25.21 -50.86 -27.43
C GLU D 123 24.54 -49.84 -26.50
N SER D 124 24.87 -49.91 -25.21
CA SER D 124 24.30 -49.02 -24.19
C SER D 124 25.10 -47.74 -24.07
N GLU D 125 26.40 -47.95 -23.86
CA GLU D 125 27.40 -46.91 -23.96
C GLU D 125 27.37 -46.24 -25.35
N SER D 126 26.49 -46.70 -26.24
CA SER D 126 26.30 -46.04 -27.55
C SER D 126 24.84 -45.68 -27.87
N CYS D 127 23.99 -45.85 -26.86
CA CYS D 127 22.73 -45.13 -26.83
C CYS D 127 23.08 -43.66 -26.60
N ASP D 128 22.13 -42.88 -26.11
CA ASP D 128 22.44 -41.48 -25.88
C ASP D 128 21.90 -40.91 -24.57
N CYS D 129 20.90 -41.57 -24.02
CA CYS D 129 20.48 -41.32 -22.66
C CYS D 129 19.85 -42.60 -22.24
N LEU D 130 20.66 -43.66 -22.20
CA LEU D 130 20.14 -45.01 -21.98
C LEU D 130 19.28 -45.03 -20.72
N GLN D 131 18.17 -45.77 -20.73
CA GLN D 131 17.20 -45.75 -19.63
C GLN D 131 17.24 -46.99 -18.74
N GLY D 132 17.50 -48.12 -19.39
CA GLY D 132 17.54 -49.39 -18.71
C GLY D 132 17.64 -50.59 -19.63
N PHE D 133 17.82 -51.73 -19.01
CA PHE D 133 17.85 -52.92 -19.77
C PHE D 133 16.61 -53.68 -19.38
N GLN D 134 16.05 -54.39 -20.36
CA GLN D 134 15.13 -55.50 -20.14
C GLN D 134 15.69 -56.81 -20.69
N LEU D 135 15.46 -57.89 -19.96
CA LEU D 135 15.91 -59.18 -20.41
C LEU D 135 14.86 -60.27 -20.20
N THR D 136 14.89 -61.23 -21.10
CA THR D 136 13.99 -62.36 -21.08
C THR D 136 14.79 -63.60 -20.73
N HIS D 137 14.10 -64.61 -20.16
CA HIS D 137 14.73 -65.89 -19.80
C HIS D 137 13.82 -66.96 -19.14
N SER D 138 14.17 -68.21 -19.36
CA SER D 138 13.70 -69.33 -18.54
C SER D 138 14.12 -69.12 -17.06
N LEU D 139 13.29 -69.54 -16.12
CA LEU D 139 13.67 -69.40 -14.71
C LEU D 139 14.15 -70.70 -14.06
N GLY D 140 13.64 -71.83 -14.55
CA GLY D 140 14.25 -73.13 -14.35
C GLY D 140 15.01 -73.45 -15.62
N GLY D 141 15.79 -74.53 -15.64
CA GLY D 141 16.75 -74.67 -16.72
C GLY D 141 18.01 -73.85 -16.44
N GLY D 142 18.95 -73.87 -17.37
CA GLY D 142 20.32 -73.52 -17.04
C GLY D 142 20.80 -72.22 -17.60
N THR D 143 21.13 -72.20 -18.89
CA THR D 143 21.74 -71.03 -19.52
C THR D 143 20.93 -69.73 -19.28
N GLY D 144 19.67 -69.71 -19.71
CA GLY D 144 18.82 -68.56 -19.52
C GLY D 144 18.82 -68.11 -18.08
N SER D 145 18.37 -69.01 -17.20
CA SER D 145 18.23 -68.72 -15.79
C SER D 145 19.55 -68.47 -15.08
N GLY D 146 20.57 -69.21 -15.46
CA GLY D 146 21.85 -69.15 -14.77
C GLY D 146 22.62 -67.95 -15.23
N MET D 147 23.06 -67.99 -16.49
CA MET D 147 23.82 -66.89 -17.09
C MET D 147 23.07 -65.55 -16.95
N GLY D 148 21.74 -65.62 -17.06
CA GLY D 148 20.88 -64.46 -16.86
C GLY D 148 21.11 -63.83 -15.51
N THR D 149 20.59 -64.44 -14.47
CA THR D 149 20.77 -63.97 -13.11
C THR D 149 22.08 -63.27 -12.94
N LEU D 150 23.11 -63.87 -13.52
CA LEU D 150 24.46 -63.34 -13.49
C LEU D 150 24.54 -62.10 -14.31
N LEU D 151 24.26 -62.21 -15.60
CA LEU D 151 24.35 -61.05 -16.47
C LEU D 151 23.75 -59.85 -15.80
N ILE D 152 22.56 -59.99 -15.20
CA ILE D 152 21.94 -58.86 -14.49
C ILE D 152 22.66 -58.51 -13.18
N SER D 153 23.20 -59.51 -12.52
CA SER D 153 24.03 -59.28 -11.34
C SER D 153 25.31 -58.58 -11.77
N LYS D 154 25.67 -58.74 -13.04
CA LYS D 154 26.87 -58.13 -13.62
C LYS D 154 26.56 -56.79 -14.25
N ILE D 155 25.32 -56.61 -14.68
CA ILE D 155 24.90 -55.36 -15.29
C ILE D 155 24.85 -54.30 -14.21
N ARG D 156 24.06 -54.58 -13.16
CA ARG D 156 24.16 -53.79 -11.94
C ARG D 156 25.66 -53.66 -11.70
N GLU D 157 26.10 -52.54 -11.17
CA GLU D 157 27.52 -52.38 -10.93
C GLU D 157 28.20 -51.70 -12.12
N GLU D 158 28.12 -52.31 -13.30
CA GLU D 158 28.62 -51.61 -14.48
C GLU D 158 27.58 -50.55 -14.83
N TYR D 159 26.41 -50.70 -14.24
CA TYR D 159 25.36 -49.71 -14.28
C TYR D 159 24.64 -49.88 -12.95
N PRO D 160 24.78 -48.95 -12.00
CA PRO D 160 24.02 -49.02 -10.75
C PRO D 160 22.70 -48.37 -11.09
N ASP D 161 22.51 -47.13 -10.70
CA ASP D 161 21.84 -46.17 -11.56
C ASP D 161 20.60 -46.58 -12.33
N ARG D 162 20.83 -47.26 -13.44
CA ARG D 162 19.81 -47.64 -14.41
C ARG D 162 18.88 -48.70 -13.88
N ILE D 163 17.68 -48.83 -14.45
CA ILE D 163 16.81 -49.88 -13.90
C ILE D 163 16.74 -51.21 -14.64
N MET D 164 16.40 -52.24 -13.87
CA MET D 164 16.45 -53.62 -14.33
C MET D 164 15.08 -54.27 -14.56
N ASN D 165 14.87 -54.72 -15.78
CA ASN D 165 13.56 -55.22 -16.15
C ASN D 165 13.68 -56.65 -16.63
N THR D 166 12.87 -57.55 -16.09
CA THR D 166 12.85 -58.92 -16.59
C THR D 166 11.51 -59.56 -16.77
N PHE D 167 11.41 -60.21 -17.92
CA PHE D 167 10.39 -61.22 -18.16
C PHE D 167 11.05 -62.55 -17.79
N SER D 168 10.43 -63.25 -16.85
CA SER D 168 10.94 -64.52 -16.39
C SER D 168 9.85 -65.58 -16.51
N VAL D 169 10.15 -66.65 -17.23
CA VAL D 169 9.24 -67.78 -17.32
C VAL D 169 9.48 -68.75 -16.16
N MET D 170 8.69 -68.55 -15.11
CA MET D 170 8.72 -69.40 -13.93
C MET D 170 8.13 -70.82 -14.25
N PRO D 171 8.94 -71.88 -14.13
CA PRO D 171 8.60 -73.20 -14.69
C PRO D 171 7.86 -74.15 -13.76
N SER D 172 7.14 -75.04 -14.41
CA SER D 172 6.09 -75.82 -13.78
C SER D 172 6.30 -77.31 -13.94
N PRO D 173 5.67 -78.10 -13.07
CA PRO D 173 5.53 -79.55 -13.32
C PRO D 173 4.72 -79.88 -14.58
N LYS D 174 3.49 -79.36 -14.71
CA LYS D 174 2.68 -79.53 -15.93
C LYS D 174 3.38 -78.78 -17.07
N VAL D 175 4.04 -79.52 -17.98
CA VAL D 175 4.83 -78.96 -19.11
C VAL D 175 6.22 -78.33 -18.76
N SER D 176 7.22 -79.22 -18.69
CA SER D 176 8.65 -78.88 -18.48
C SER D 176 9.56 -80.05 -18.94
N ASP D 177 10.81 -79.75 -19.27
CA ASP D 177 11.74 -80.77 -19.81
C ASP D 177 12.75 -81.34 -18.78
N THR D 178 12.55 -81.02 -17.49
CA THR D 178 13.46 -81.46 -16.40
C THR D 178 12.78 -81.76 -15.05
N VAL D 179 13.57 -82.29 -14.12
CA VAL D 179 13.12 -82.47 -12.75
C VAL D 179 13.81 -81.48 -11.83
N VAL D 180 14.95 -80.96 -12.28
CA VAL D 180 15.74 -80.05 -11.47
C VAL D 180 15.20 -78.61 -11.32
N GLU D 181 14.42 -78.09 -12.28
CA GLU D 181 14.11 -76.64 -12.32
C GLU D 181 13.90 -75.99 -10.96
N PRO D 182 12.97 -76.51 -10.15
CA PRO D 182 12.85 -76.08 -8.77
C PRO D 182 14.16 -75.52 -8.18
N TYR D 183 15.27 -76.20 -8.44
CA TYR D 183 16.58 -75.77 -7.97
C TYR D 183 16.95 -74.49 -8.69
N ASN D 184 17.10 -74.60 -10.01
CA ASN D 184 17.48 -73.45 -10.84
C ASN D 184 16.63 -72.23 -10.52
N ALA D 185 15.31 -72.39 -10.53
CA ALA D 185 14.36 -71.30 -10.20
C ALA D 185 14.55 -70.76 -8.80
N THR D 186 14.43 -71.59 -7.78
CA THR D 186 14.63 -71.12 -6.41
C THR D 186 15.92 -70.34 -6.28
N LEU D 187 16.96 -70.78 -6.99
CA LEU D 187 18.27 -70.16 -6.91
C LEU D 187 18.27 -68.82 -7.59
N SER D 188 17.45 -68.73 -8.61
CA SER D 188 17.36 -67.53 -9.41
C SER D 188 16.40 -66.54 -8.77
N VAL D 189 15.29 -67.04 -8.22
CA VAL D 189 14.31 -66.16 -7.59
C VAL D 189 14.96 -65.39 -6.47
N HIS D 190 15.69 -66.09 -5.59
CA HIS D 190 16.54 -65.40 -4.65
C HIS D 190 17.32 -64.35 -5.42
N GLN D 191 17.94 -64.75 -6.53
CA GLN D 191 18.85 -63.87 -7.25
C GLN D 191 18.16 -62.64 -7.80
N LEU D 192 16.94 -62.77 -8.34
CA LEU D 192 16.21 -61.60 -8.86
C LEU D 192 15.87 -60.59 -7.74
N VAL D 193 15.14 -61.08 -6.75
CA VAL D 193 14.74 -60.32 -5.57
C VAL D 193 15.79 -59.32 -5.09
N GLU D 194 17.00 -59.45 -5.61
CA GLU D 194 18.12 -58.70 -5.08
C GLU D 194 18.67 -57.73 -6.09
N ASN D 195 18.46 -58.04 -7.35
CA ASN D 195 19.18 -57.35 -8.40
C ASN D 195 18.30 -56.44 -9.29
N THR D 196 17.07 -56.89 -9.56
CA THR D 196 16.14 -56.18 -10.44
C THR D 196 15.14 -55.24 -9.75
N ASP D 197 14.42 -54.46 -10.56
CA ASP D 197 13.52 -53.43 -10.05
C ASP D 197 12.08 -53.81 -10.30
N GLU D 198 11.84 -54.44 -11.45
CA GLU D 198 10.56 -55.08 -11.74
C GLU D 198 10.77 -56.36 -12.52
N THR D 199 10.04 -57.38 -12.10
CA THR D 199 9.94 -58.61 -12.87
C THR D 199 8.49 -59.06 -13.06
N TYR D 200 8.29 -59.67 -14.22
CA TYR D 200 7.03 -60.18 -14.71
C TYR D 200 7.07 -61.69 -14.55
N SER D 201 6.25 -62.22 -13.66
CA SER D 201 6.23 -63.64 -13.47
C SER D 201 5.32 -64.20 -14.53
N ILE D 202 5.90 -64.87 -15.50
CA ILE D 202 5.11 -65.68 -16.44
C ILE D 202 5.20 -67.18 -16.07
N ASP D 203 4.15 -67.66 -15.40
CA ASP D 203 4.05 -69.05 -14.99
C ASP D 203 3.65 -69.87 -16.18
N ASN D 204 4.47 -70.87 -16.52
CA ASN D 204 4.14 -71.79 -17.60
C ASN D 204 2.92 -72.65 -17.27
N GLU D 205 2.80 -73.06 -16.01
CA GLU D 205 1.60 -73.72 -15.49
C GLU D 205 0.35 -72.97 -15.95
N ALA D 206 0.34 -71.66 -15.70
CA ALA D 206 -0.75 -70.75 -16.11
C ALA D 206 -0.91 -70.76 -17.62
N LEU D 207 0.21 -70.56 -18.31
CA LEU D 207 0.26 -70.51 -19.76
C LEU D 207 -0.39 -71.71 -20.46
N TYR D 208 -0.10 -72.91 -19.99
CA TYR D 208 -0.62 -74.12 -20.63
C TYR D 208 -2.01 -74.42 -20.12
N ASP D 209 -2.24 -74.12 -18.84
CA ASP D 209 -3.57 -74.22 -18.24
C ASP D 209 -4.51 -73.24 -18.95
N ILE D 210 -3.93 -72.20 -19.55
CA ILE D 210 -4.68 -71.18 -20.28
C ILE D 210 -5.05 -71.64 -21.70
N CYS D 211 -4.20 -72.50 -22.27
CA CYS D 211 -4.46 -73.08 -23.58
C CYS D 211 -5.41 -74.27 -23.47
N PHE D 212 -5.70 -74.67 -22.22
CA PHE D 212 -6.51 -75.86 -21.95
C PHE D 212 -7.85 -75.62 -21.22
N ARG D 213 -7.78 -75.31 -19.92
CA ARG D 213 -9.00 -75.06 -19.12
C ARG D 213 -9.96 -74.07 -19.86
N THR D 214 -9.39 -73.17 -20.67
CA THR D 214 -10.10 -72.29 -21.64
C THR D 214 -9.34 -72.04 -22.97
N LEU D 215 -9.64 -72.86 -23.97
CA LEU D 215 -9.15 -72.73 -25.35
C LEU D 215 -9.29 -74.06 -26.07
N LYS D 216 -9.29 -75.13 -25.29
CA LYS D 216 -9.27 -76.52 -25.77
C LYS D 216 -8.06 -76.89 -26.66
N LEU D 217 -7.05 -76.01 -26.70
CA LEU D 217 -5.83 -76.25 -27.49
C LEU D 217 -5.09 -77.54 -27.07
N THR D 218 -5.39 -78.65 -27.77
CA THR D 218 -4.97 -80.02 -27.43
C THR D 218 -3.50 -80.23 -27.00
N THR D 219 -2.63 -80.52 -27.98
CA THR D 219 -1.21 -80.68 -27.73
C THR D 219 -0.53 -79.35 -28.05
N PRO D 220 -0.25 -78.54 -27.04
CA PRO D 220 0.27 -77.18 -27.25
C PRO D 220 1.77 -77.16 -27.61
N THR D 221 2.13 -76.52 -28.73
CA THR D 221 3.52 -76.40 -29.19
C THR D 221 4.24 -75.54 -28.22
N TYR D 222 5.56 -75.59 -28.26
CA TYR D 222 6.29 -74.48 -27.71
C TYR D 222 5.99 -73.25 -28.56
N GLY D 223 5.39 -73.47 -29.73
CA GLY D 223 4.89 -72.39 -30.58
C GLY D 223 3.87 -71.50 -29.88
N ASP D 224 2.58 -71.77 -30.11
CA ASP D 224 1.50 -71.16 -29.32
C ASP D 224 1.79 -71.43 -27.83
N LEU D 225 1.23 -70.62 -26.94
CA LEU D 225 1.74 -70.55 -25.56
C LEU D 225 2.98 -69.65 -25.55
N ASN D 226 3.90 -69.83 -26.49
CA ASN D 226 4.93 -68.85 -26.68
C ASN D 226 4.35 -67.58 -27.29
N HIS D 227 3.37 -67.77 -28.18
CA HIS D 227 2.65 -66.67 -28.83
C HIS D 227 1.87 -65.79 -27.83
N LEU D 228 1.46 -66.39 -26.72
CA LEU D 228 0.73 -65.64 -25.71
C LEU D 228 1.67 -64.64 -25.08
N VAL D 229 2.76 -65.11 -24.49
CA VAL D 229 3.72 -64.22 -23.86
C VAL D 229 4.06 -63.08 -24.82
N SER D 230 4.23 -63.45 -26.08
CA SER D 230 4.64 -62.53 -27.12
C SER D 230 3.74 -61.30 -27.15
N ALA D 231 2.43 -61.51 -27.21
CA ALA D 231 1.48 -60.39 -27.26
C ALA D 231 1.28 -59.71 -25.91
N THR D 232 1.65 -60.40 -24.82
CA THR D 232 1.58 -59.84 -23.47
C THR D 232 2.77 -58.92 -23.24
N MET D 233 3.90 -59.26 -23.86
CA MET D 233 5.09 -58.41 -23.92
C MET D 233 4.76 -57.12 -24.65
N SER D 234 3.92 -57.23 -25.68
CA SER D 234 3.51 -56.10 -26.50
C SER D 234 2.83 -55.03 -25.66
N GLY D 235 1.70 -55.40 -25.08
CA GLY D 235 0.86 -54.50 -24.32
C GLY D 235 1.42 -54.11 -22.97
N VAL D 236 2.45 -54.79 -22.51
CA VAL D 236 3.06 -54.38 -21.26
C VAL D 236 3.95 -53.16 -21.51
N THR D 237 4.62 -53.13 -22.65
CA THR D 237 5.40 -51.97 -23.06
C THR D 237 4.48 -50.82 -23.51
N THR D 238 4.12 -50.80 -24.80
CA THR D 238 3.14 -49.86 -25.41
C THR D 238 3.30 -48.37 -25.16
N CYS D 239 3.10 -47.97 -23.91
CA CYS D 239 3.26 -46.58 -23.52
C CYS D 239 4.75 -46.29 -23.45
N LEU D 240 5.53 -47.34 -23.27
CA LEU D 240 6.96 -47.24 -23.48
C LEU D 240 7.23 -46.81 -24.93
N ARG D 241 6.51 -47.44 -25.87
CA ARG D 241 6.88 -47.39 -27.30
C ARG D 241 5.91 -46.75 -28.31
N PHE D 242 5.13 -45.75 -27.91
CA PHE D 242 4.12 -45.19 -28.84
C PHE D 242 3.56 -43.74 -28.65
N PRO D 243 3.11 -43.44 -27.42
CA PRO D 243 1.83 -42.78 -27.20
C PRO D 243 1.82 -41.28 -27.31
N GLY D 244 1.03 -40.66 -26.42
CA GLY D 244 0.92 -39.21 -26.26
C GLY D 244 0.06 -38.89 -25.04
N GLN D 245 0.25 -39.72 -24.00
CA GLN D 245 -0.60 -39.82 -22.83
C GLN D 245 0.22 -39.43 -21.59
N LEU D 246 0.86 -40.46 -21.02
CA LEU D 246 1.94 -40.37 -20.04
C LEU D 246 3.21 -40.27 -20.88
N ASN D 247 4.34 -40.67 -20.31
CA ASN D 247 5.56 -40.84 -21.10
C ASN D 247 6.43 -41.98 -20.60
N ALA D 248 6.26 -42.35 -19.34
CA ALA D 248 6.76 -43.64 -18.85
C ALA D 248 8.28 -43.87 -18.83
N ASP D 249 8.96 -43.28 -17.86
CA ASP D 249 10.39 -43.52 -17.65
C ASP D 249 10.70 -45.01 -17.46
N LEU D 250 9.65 -45.81 -17.21
CA LEU D 250 9.80 -47.21 -16.86
C LEU D 250 10.43 -47.26 -15.46
N ARG D 251 11.29 -46.28 -15.16
CA ARG D 251 11.54 -45.94 -13.78
C ARG D 251 10.27 -45.26 -13.28
N LYS D 252 9.56 -44.54 -14.14
CA LYS D 252 8.31 -43.91 -13.70
C LYS D 252 7.34 -45.01 -13.36
N LEU D 253 7.32 -46.03 -14.21
CA LEU D 253 6.60 -47.23 -13.86
C LEU D 253 7.10 -47.72 -12.50
N ALA D 254 8.29 -48.29 -12.49
CA ALA D 254 8.85 -48.86 -11.28
C ALA D 254 8.45 -48.06 -10.03
N VAL D 255 8.87 -46.81 -9.95
CA VAL D 255 8.69 -46.06 -8.72
C VAL D 255 7.23 -45.92 -8.33
N ASN D 256 6.31 -46.30 -9.19
CA ASN D 256 4.90 -46.15 -8.89
C ASN D 256 4.17 -47.46 -8.59
N MET D 257 4.78 -48.57 -8.96
CA MET D 257 4.14 -49.87 -8.84
C MET D 257 4.73 -50.70 -7.72
N VAL D 258 5.76 -50.18 -7.05
CA VAL D 258 6.45 -50.98 -6.03
C VAL D 258 6.69 -50.25 -4.72
N PRO D 259 5.69 -50.32 -3.85
CA PRO D 259 5.77 -49.72 -2.52
C PRO D 259 6.97 -50.25 -1.76
N PHE D 260 7.32 -51.50 -2.01
CA PHE D 260 8.36 -52.10 -1.20
C PHE D 260 9.54 -52.63 -1.98
N PRO D 261 10.73 -52.35 -1.46
CA PRO D 261 11.97 -52.44 -2.23
C PRO D 261 12.12 -53.82 -2.84
N ARG D 262 11.33 -54.78 -2.34
CA ARG D 262 11.51 -56.19 -2.65
C ARG D 262 10.94 -56.56 -4.03
N LEU D 263 11.59 -55.96 -5.04
CA LEU D 263 11.19 -55.81 -6.46
C LEU D 263 9.85 -56.38 -6.96
N HIS D 264 8.87 -56.34 -6.06
CA HIS D 264 7.71 -57.21 -6.15
C HIS D 264 7.35 -57.62 -7.58
N PHE D 265 7.06 -58.89 -7.72
CA PHE D 265 6.96 -59.45 -9.04
C PHE D 265 5.51 -59.29 -9.47
N PHE D 266 5.35 -58.80 -10.69
CA PHE D 266 4.02 -58.51 -11.16
C PHE D 266 3.40 -59.74 -11.79
N MET D 267 2.11 -59.93 -11.63
CA MET D 267 1.54 -60.94 -12.47
C MET D 267 0.79 -60.29 -13.60
N PRO D 268 1.14 -60.65 -14.82
CA PRO D 268 0.49 -60.14 -16.04
C PRO D 268 -0.79 -60.87 -16.43
N GLY D 269 -1.34 -60.51 -17.58
CA GLY D 269 -2.62 -61.03 -18.05
C GLY D 269 -3.14 -60.24 -19.23
N PHE D 270 -4.06 -60.83 -19.99
CA PHE D 270 -4.38 -60.24 -21.28
C PHE D 270 -5.86 -60.03 -21.52
N ALA D 271 -6.18 -59.33 -22.60
CA ALA D 271 -7.56 -59.13 -23.04
C ALA D 271 -8.02 -60.29 -23.93
N PRO D 272 -8.33 -60.05 -25.21
CA PRO D 272 -8.95 -61.10 -26.02
C PRO D 272 -7.91 -62.19 -26.34
N LEU D 273 -8.18 -63.41 -25.88
CA LEU D 273 -7.18 -64.45 -25.99
C LEU D 273 -7.35 -65.29 -27.25
N THR D 274 -6.20 -65.73 -27.77
CA THR D 274 -6.03 -66.89 -28.70
C THR D 274 -5.24 -66.62 -30.02
N SER D 275 -5.88 -66.90 -31.15
CA SER D 275 -5.25 -67.09 -32.47
C SER D 275 -6.29 -67.67 -33.46
N LEU D 284 -16.03 -57.84 -28.88
CA LEU D 284 -15.26 -57.38 -27.75
C LEU D 284 -15.84 -56.08 -27.22
N THR D 285 -16.71 -56.19 -26.24
CA THR D 285 -17.53 -55.04 -25.82
C THR D 285 -16.81 -53.95 -24.99
N VAL D 286 -15.77 -54.32 -24.25
CA VAL D 286 -15.02 -53.44 -23.31
C VAL D 286 -15.37 -53.68 -21.83
N PRO D 287 -16.65 -53.59 -21.43
CA PRO D 287 -17.04 -54.31 -20.21
C PRO D 287 -16.48 -55.72 -20.28
N GLU D 288 -16.93 -56.52 -21.26
CA GLU D 288 -16.51 -57.91 -21.46
C GLU D 288 -15.00 -58.07 -21.70
N LEU D 289 -14.32 -56.94 -21.91
CA LEU D 289 -12.87 -56.88 -22.06
C LEU D 289 -12.18 -56.69 -20.69
N THR D 290 -12.88 -56.04 -19.75
CA THR D 290 -12.36 -55.84 -18.40
C THR D 290 -12.51 -57.09 -17.54
N GLN D 291 -13.75 -57.55 -17.36
CA GLN D 291 -14.06 -58.74 -16.54
C GLN D 291 -13.35 -59.96 -17.06
N GLN D 292 -12.76 -59.83 -18.25
CA GLN D 292 -11.89 -60.85 -18.82
C GLN D 292 -10.49 -60.61 -18.30
N MET D 293 -10.02 -59.38 -18.47
CA MET D 293 -8.70 -58.99 -18.04
C MET D 293 -8.50 -59.15 -16.53
N PHE D 294 -9.58 -58.95 -15.77
CA PHE D 294 -9.53 -59.02 -14.31
C PHE D 294 -9.95 -60.33 -13.71
N ASP D 295 -10.18 -61.31 -14.57
CA ASP D 295 -10.57 -62.67 -14.21
C ASP D 295 -9.32 -63.51 -14.03
N SER D 296 -9.33 -64.36 -13.01
CA SER D 296 -8.16 -65.16 -12.67
C SER D 296 -7.74 -66.20 -13.73
N LYS D 297 -8.72 -66.71 -14.50
CA LYS D 297 -8.50 -67.66 -15.61
C LYS D 297 -7.70 -67.04 -16.77
N ASN D 298 -7.25 -65.79 -16.56
CA ASN D 298 -6.72 -64.87 -17.58
C ASN D 298 -5.35 -64.25 -17.28
N MET D 299 -4.81 -64.58 -16.11
CA MET D 299 -3.51 -64.11 -15.61
C MET D 299 -2.39 -65.02 -16.06
N MET D 300 -1.30 -64.42 -16.50
CA MET D 300 -0.15 -65.17 -17.00
C MET D 300 0.68 -65.83 -15.88
N ALA D 301 0.31 -65.55 -14.63
CA ALA D 301 0.88 -66.24 -13.46
C ALA D 301 -0.20 -67.06 -12.77
N ALA D 302 0.08 -68.35 -12.59
CA ALA D 302 -0.89 -69.28 -11.99
C ALA D 302 -1.15 -68.94 -10.53
N CYS D 303 -2.02 -67.96 -10.31
CA CYS D 303 -2.56 -67.62 -8.99
C CYS D 303 -3.97 -67.17 -9.24
N ASP D 304 -4.84 -67.40 -8.26
CA ASP D 304 -6.14 -66.73 -8.24
C ASP D 304 -6.00 -65.48 -7.36
N PRO D 305 -5.87 -64.28 -7.98
CA PRO D 305 -5.87 -63.03 -7.21
C PRO D 305 -7.21 -62.96 -6.51
N ARG D 306 -7.19 -63.35 -5.23
CA ARG D 306 -8.35 -63.45 -4.36
C ARG D 306 -7.78 -63.71 -2.96
N HIS D 307 -7.29 -64.93 -2.75
CA HIS D 307 -6.36 -65.19 -1.66
C HIS D 307 -5.14 -64.38 -2.07
N GLY D 308 -5.15 -63.10 -1.70
CA GLY D 308 -4.14 -62.15 -2.11
C GLY D 308 -4.74 -60.92 -2.75
N ARG D 309 -4.63 -59.80 -2.05
CA ARG D 309 -5.13 -58.52 -2.52
C ARG D 309 -4.08 -57.86 -3.43
N TYR D 310 -4.49 -56.79 -4.11
CA TYR D 310 -3.59 -56.03 -4.96
C TYR D 310 -2.97 -54.90 -4.18
N LEU D 311 -1.71 -54.60 -4.46
CA LEU D 311 -1.08 -53.37 -3.98
C LEU D 311 -1.37 -52.28 -4.98
N THR D 312 -0.84 -52.45 -6.17
CA THR D 312 -0.97 -51.49 -7.24
C THR D 312 -1.24 -52.23 -8.52
N VAL D 313 -2.08 -51.64 -9.36
CA VAL D 313 -2.46 -52.26 -10.61
C VAL D 313 -2.34 -51.24 -11.74
N ALA D 314 -1.99 -51.68 -12.94
CA ALA D 314 -1.99 -50.78 -14.10
C ALA D 314 -2.56 -51.49 -15.31
N ALA D 315 -3.38 -50.79 -16.09
CA ALA D 315 -3.94 -51.41 -17.28
C ALA D 315 -3.85 -50.50 -18.49
N VAL D 316 -3.37 -51.04 -19.60
CA VAL D 316 -3.26 -50.30 -20.84
C VAL D 316 -4.12 -50.93 -21.95
N PHE D 317 -5.01 -50.10 -22.52
CA PHE D 317 -6.00 -50.52 -23.51
C PHE D 317 -5.59 -50.15 -24.93
N ARG D 318 -6.01 -50.96 -25.89
CA ARG D 318 -5.58 -50.80 -27.28
C ARG D 318 -6.72 -50.77 -28.29
N GLY D 319 -6.66 -49.78 -29.19
CA GLY D 319 -7.60 -49.64 -30.28
C GLY D 319 -8.55 -48.48 -30.07
N ARG D 320 -9.18 -48.01 -31.14
CA ARG D 320 -10.15 -46.94 -31.00
C ARG D 320 -11.40 -47.45 -30.27
N MET D 321 -11.53 -46.98 -29.02
CA MET D 321 -12.70 -47.15 -28.17
C MET D 321 -12.61 -46.01 -27.18
N SER D 322 -13.74 -45.46 -26.75
CA SER D 322 -13.71 -44.25 -25.93
C SER D 322 -13.43 -44.48 -24.43
N MET D 323 -12.52 -43.65 -23.91
CA MET D 323 -12.11 -43.62 -22.49
C MET D 323 -13.23 -43.10 -21.59
N LYS D 324 -14.42 -42.96 -22.18
CA LYS D 324 -15.61 -42.70 -21.41
C LYS D 324 -15.97 -43.97 -20.65
N GLU D 325 -16.17 -45.08 -21.37
CA GLU D 325 -16.51 -46.35 -20.71
C GLU D 325 -15.31 -46.96 -19.99
N VAL D 326 -14.10 -46.65 -20.47
CA VAL D 326 -12.89 -47.17 -19.85
C VAL D 326 -12.67 -46.58 -18.44
N ASP D 327 -12.80 -45.26 -18.35
CA ASP D 327 -12.72 -44.52 -17.08
C ASP D 327 -13.58 -45.25 -16.05
N GLU D 328 -14.86 -45.40 -16.37
CA GLU D 328 -15.90 -45.85 -15.42
C GLU D 328 -16.08 -47.37 -15.32
N GLN D 329 -15.47 -48.12 -16.24
CA GLN D 329 -15.49 -49.57 -16.15
C GLN D 329 -14.43 -49.95 -15.14
N MET D 330 -13.26 -49.32 -15.22
CA MET D 330 -12.21 -49.52 -14.25
C MET D 330 -12.64 -49.04 -12.87
N LEU D 331 -13.04 -47.77 -12.80
CA LEU D 331 -13.48 -47.16 -11.54
C LEU D 331 -14.77 -47.85 -11.10
N ASN D 332 -15.17 -48.86 -11.86
CA ASN D 332 -16.21 -49.78 -11.46
C ASN D 332 -15.60 -50.98 -10.75
N VAL D 333 -14.82 -51.78 -11.48
CA VAL D 333 -14.28 -53.07 -10.98
C VAL D 333 -13.95 -53.01 -9.48
N GLN D 334 -13.39 -51.86 -9.05
CA GLN D 334 -12.97 -51.65 -7.66
C GLN D 334 -14.12 -51.41 -6.67
N ASN D 335 -15.36 -51.56 -7.11
CA ASN D 335 -16.50 -51.40 -6.23
C ASN D 335 -17.26 -52.70 -6.15
N LYS D 336 -17.41 -53.36 -7.29
CA LYS D 336 -17.92 -54.72 -7.33
C LYS D 336 -16.84 -55.69 -6.85
N ASN D 337 -15.75 -55.14 -6.30
CA ASN D 337 -14.68 -55.90 -5.69
C ASN D 337 -13.84 -55.10 -4.69
N SER D 338 -14.52 -54.26 -3.93
CA SER D 338 -13.89 -53.28 -3.04
C SER D 338 -12.72 -53.77 -2.20
N SER D 339 -12.94 -54.84 -1.43
CA SER D 339 -11.97 -55.24 -0.41
C SER D 339 -10.77 -56.02 -0.94
N TYR D 340 -10.65 -56.15 -2.26
CA TYR D 340 -9.53 -56.89 -2.88
C TYR D 340 -8.41 -56.04 -3.49
N PHE D 341 -8.55 -54.71 -3.38
CA PHE D 341 -7.46 -53.75 -3.57
C PHE D 341 -7.18 -53.09 -2.22
N VAL D 342 -5.91 -53.10 -1.82
CA VAL D 342 -5.44 -52.56 -0.53
C VAL D 342 -6.21 -51.30 -0.11
N GLU D 343 -6.42 -51.13 1.20
CA GLU D 343 -7.05 -49.92 1.74
C GLU D 343 -6.18 -48.65 1.70
N TRP D 344 -4.89 -48.82 2.00
CA TRP D 344 -3.94 -47.75 2.35
C TRP D 344 -3.03 -47.16 1.21
N ILE D 345 -3.23 -47.59 -0.03
CA ILE D 345 -2.54 -47.02 -1.17
C ILE D 345 -3.61 -46.41 -2.06
N PRO D 346 -3.69 -45.09 -2.04
CA PRO D 346 -4.90 -44.33 -2.34
C PRO D 346 -5.43 -44.50 -3.75
N ASN D 347 -4.66 -44.17 -4.76
CA ASN D 347 -5.14 -44.33 -6.13
C ASN D 347 -4.30 -45.29 -6.97
N ASN D 348 -4.48 -46.56 -6.62
CA ASN D 348 -3.54 -47.60 -6.91
C ASN D 348 -3.96 -48.47 -8.09
N VAL D 349 -4.85 -47.91 -8.91
CA VAL D 349 -5.23 -48.51 -10.18
C VAL D 349 -5.39 -47.43 -11.26
N LYS D 350 -4.40 -47.39 -12.15
CA LYS D 350 -4.27 -46.40 -13.20
C LYS D 350 -4.45 -47.02 -14.57
N THR D 351 -5.18 -46.32 -15.41
CA THR D 351 -5.41 -46.78 -16.77
C THR D 351 -4.88 -45.81 -17.77
N ALA D 352 -4.48 -46.38 -18.89
CA ALA D 352 -3.90 -45.67 -20.02
C ALA D 352 -4.55 -46.14 -21.31
N VAL D 353 -4.78 -45.21 -22.22
CA VAL D 353 -5.52 -45.53 -23.41
C VAL D 353 -4.57 -45.31 -24.57
N CYS D 354 -4.50 -46.27 -25.49
CA CYS D 354 -3.73 -46.10 -26.70
C CYS D 354 -4.57 -46.59 -27.85
N ASP D 355 -4.54 -45.92 -29.00
CA ASP D 355 -5.49 -46.32 -30.05
C ASP D 355 -4.90 -46.87 -31.35
N ILE D 356 -3.85 -47.67 -31.25
CA ILE D 356 -3.35 -48.40 -32.44
C ILE D 356 -3.27 -49.96 -32.23
N PRO D 357 -4.25 -50.67 -32.82
CA PRO D 357 -4.44 -52.13 -32.68
C PRO D 357 -3.21 -53.09 -32.79
N PRO D 358 -3.33 -54.30 -32.23
CA PRO D 358 -2.25 -55.29 -32.22
C PRO D 358 -2.23 -56.27 -33.42
N ARG D 359 -2.18 -57.59 -33.15
CA ARG D 359 -2.24 -58.64 -34.17
C ARG D 359 -3.49 -58.50 -35.07
N GLY D 360 -4.58 -59.20 -34.74
CA GLY D 360 -5.89 -58.96 -35.34
C GLY D 360 -6.53 -57.80 -34.61
N LEU D 361 -7.67 -58.04 -33.94
CA LEU D 361 -8.10 -57.27 -32.75
C LEU D 361 -8.28 -55.74 -32.90
N LYS D 362 -9.52 -55.26 -33.06
CA LYS D 362 -9.77 -53.82 -32.97
C LYS D 362 -10.01 -53.37 -31.52
N MET D 363 -9.56 -54.17 -30.55
CA MET D 363 -9.78 -53.95 -29.12
C MET D 363 -8.93 -54.91 -28.31
N SER D 364 -8.18 -54.41 -27.34
CA SER D 364 -7.30 -55.25 -26.49
C SER D 364 -6.77 -54.59 -25.22
N ALA D 365 -7.10 -55.13 -24.05
CA ALA D 365 -6.48 -54.65 -22.82
C ALA D 365 -5.38 -55.58 -22.33
N THR D 366 -4.35 -55.02 -21.72
CA THR D 366 -3.38 -55.86 -21.05
C THR D 366 -3.24 -55.31 -19.63
N PHE D 367 -2.88 -56.17 -18.70
CA PHE D 367 -3.00 -55.86 -17.27
C PHE D 367 -1.74 -56.21 -16.50
N ILE D 368 -1.27 -55.31 -15.63
CA ILE D 368 -0.11 -55.57 -14.79
C ILE D 368 -0.51 -55.43 -13.33
N GLY D 369 -0.36 -56.50 -12.56
CA GLY D 369 -0.76 -56.48 -11.15
C GLY D 369 0.30 -56.89 -10.16
N ASN D 370 0.58 -56.00 -9.20
CA ASN D 370 1.42 -56.34 -8.08
C ASN D 370 0.53 -56.84 -6.99
N SER D 371 0.34 -58.17 -6.96
CA SER D 371 -0.56 -58.87 -6.01
C SER D 371 0.13 -59.89 -5.13
N THR D 372 -0.22 -59.90 -3.86
CA THR D 372 0.32 -60.86 -2.94
C THR D 372 -0.26 -62.24 -3.22
N ALA D 373 -1.08 -62.32 -4.28
CA ALA D 373 -1.61 -63.60 -4.73
C ALA D 373 -0.46 -64.45 -5.25
N ILE D 374 0.59 -63.77 -5.69
CA ILE D 374 1.80 -64.39 -6.22
C ILE D 374 2.57 -65.17 -5.16
N GLN D 375 2.37 -64.82 -3.89
CA GLN D 375 2.86 -65.62 -2.78
C GLN D 375 2.59 -67.10 -3.09
N GLU D 376 1.37 -67.36 -3.56
CA GLU D 376 0.91 -68.68 -3.97
C GLU D 376 1.85 -69.36 -4.97
N LEU D 377 2.34 -68.59 -5.95
CA LEU D 377 3.25 -69.11 -6.97
C LEU D 377 4.64 -69.43 -6.41
N PHE D 378 5.10 -68.64 -5.45
CA PHE D 378 6.43 -68.84 -4.91
C PHE D 378 6.51 -69.96 -3.88
N LYS D 379 5.50 -70.01 -3.00
CA LYS D 379 5.39 -71.07 -1.99
C LYS D 379 5.56 -72.41 -2.66
N ARG D 380 4.80 -72.63 -3.74
CA ARG D 380 4.74 -73.93 -4.42
C ARG D 380 6.06 -74.39 -5.03
N ILE D 381 6.87 -73.45 -5.52
CA ILE D 381 8.22 -73.84 -5.94
C ILE D 381 9.16 -74.07 -4.74
N SER D 382 9.04 -73.26 -3.68
CA SER D 382 9.84 -73.49 -2.46
C SER D 382 9.37 -74.74 -1.74
N GLU D 383 8.69 -75.61 -2.47
CA GLU D 383 8.04 -76.78 -1.90
C GLU D 383 8.36 -77.99 -2.76
N GLN D 384 8.44 -77.75 -4.08
CA GLN D 384 9.07 -78.71 -4.98
C GLN D 384 10.51 -78.82 -4.52
N PHE D 385 11.06 -77.66 -4.12
CA PHE D 385 12.41 -77.56 -3.59
C PHE D 385 12.63 -78.44 -2.37
N THR D 386 12.09 -78.07 -1.21
CA THR D 386 12.35 -78.84 0.00
C THR D 386 11.75 -80.27 -0.05
N ALA D 387 11.11 -80.61 -1.17
CA ALA D 387 10.67 -81.98 -1.44
C ALA D 387 11.81 -82.70 -2.13
N MET D 388 12.82 -81.92 -2.50
CA MET D 388 14.03 -82.41 -3.15
C MET D 388 15.30 -82.01 -2.38
N PHE D 389 15.34 -80.81 -1.80
CA PHE D 389 16.42 -80.41 -0.88
C PHE D 389 16.09 -80.96 0.51
N ARG D 390 15.08 -81.81 0.53
CA ARG D 390 14.77 -82.73 1.63
C ARG D 390 15.41 -84.11 1.30
N ARG D 391 16.62 -84.06 0.76
CA ARG D 391 17.20 -85.23 0.16
C ARG D 391 18.58 -85.03 -0.35
N LYS D 392 19.09 -83.81 -0.27
CA LYS D 392 20.24 -83.52 -1.09
C LYS D 392 20.06 -84.31 -2.41
N ALA D 393 18.83 -84.29 -2.96
CA ALA D 393 18.41 -85.14 -4.08
C ALA D 393 19.42 -85.17 -5.21
N PHE D 394 19.27 -84.28 -6.19
CA PHE D 394 20.23 -84.25 -7.28
C PHE D 394 21.33 -83.28 -7.00
N LEU D 395 21.26 -82.67 -5.82
CA LEU D 395 22.23 -81.67 -5.39
C LEU D 395 23.63 -81.93 -5.94
N HIS D 396 24.01 -83.21 -6.00
CA HIS D 396 25.35 -83.63 -6.43
C HIS D 396 25.81 -83.12 -7.79
N TRP D 397 24.85 -82.71 -8.63
CA TRP D 397 25.17 -82.05 -9.89
C TRP D 397 25.79 -80.65 -9.68
N TYR D 398 25.45 -80.01 -8.56
CA TYR D 398 25.99 -78.70 -8.25
C TYR D 398 27.03 -78.73 -7.14
N THR D 399 26.89 -79.63 -6.16
CA THR D 399 27.97 -79.88 -5.19
C THR D 399 29.21 -80.02 -6.05
N GLY D 400 29.11 -80.94 -7.01
CA GLY D 400 30.17 -81.26 -7.94
C GLY D 400 30.62 -80.09 -8.81
N GLU D 401 29.71 -79.20 -9.18
CA GLU D 401 30.09 -78.10 -10.05
C GLU D 401 30.97 -77.08 -9.34
N GLY D 402 30.96 -77.13 -8.02
CA GLY D 402 31.79 -76.26 -7.19
C GLY D 402 30.95 -75.29 -6.40
N MET D 403 29.95 -75.79 -5.70
CA MET D 403 28.99 -74.96 -4.98
C MET D 403 28.81 -75.52 -3.59
N ASP D 404 28.44 -74.68 -2.63
CA ASP D 404 28.17 -75.25 -1.31
C ASP D 404 26.74 -75.54 -0.93
N GLU D 405 26.57 -76.76 -0.43
CA GLU D 405 25.41 -77.26 0.29
C GLU D 405 24.47 -76.18 0.86
N MET D 406 25.01 -75.27 1.66
CA MET D 406 24.23 -74.26 2.35
C MET D 406 23.89 -73.00 1.51
N GLU D 407 24.48 -72.88 0.33
CA GLU D 407 24.16 -71.81 -0.63
C GLU D 407 22.82 -72.10 -1.28
N PHE D 408 22.31 -73.29 -1.05
CA PHE D 408 20.93 -73.60 -1.37
C PHE D 408 20.07 -73.15 -0.19
N THR D 409 20.54 -73.42 1.02
CA THR D 409 19.76 -73.08 2.21
C THR D 409 19.63 -71.58 2.37
N GLU D 410 20.58 -70.83 1.83
CA GLU D 410 20.53 -69.34 1.86
C GLU D 410 19.40 -68.79 0.99
N ALA D 411 19.03 -69.56 -0.04
CA ALA D 411 18.05 -69.15 -1.05
C ALA D 411 16.69 -69.79 -0.84
N GLU D 412 16.66 -70.90 -0.12
CA GLU D 412 15.41 -71.40 0.42
C GLU D 412 15.05 -70.42 1.53
N SER D 413 15.99 -70.23 2.44
CA SER D 413 15.85 -69.32 3.57
C SER D 413 15.66 -67.84 3.17
N ASN D 414 15.92 -67.50 1.91
CA ASN D 414 15.55 -66.19 1.40
C ASN D 414 14.20 -66.22 0.70
N MET D 415 13.89 -67.32 0.01
CA MET D 415 12.63 -67.40 -0.72
C MET D 415 11.47 -67.52 0.25
N ASN D 416 11.76 -68.04 1.42
CA ASN D 416 10.76 -68.11 2.45
C ASN D 416 10.52 -66.74 3.10
N ASP D 417 11.58 -65.93 3.17
CA ASP D 417 11.48 -64.57 3.71
C ASP D 417 10.52 -63.72 2.87
N LEU D 418 10.67 -63.82 1.56
CA LEU D 418 9.86 -63.08 0.58
C LEU D 418 8.39 -63.46 0.72
N VAL D 419 8.11 -64.76 0.73
CA VAL D 419 6.75 -65.27 0.86
C VAL D 419 6.11 -64.74 2.13
N SER D 420 6.96 -64.49 3.11
CA SER D 420 6.56 -63.95 4.39
C SER D 420 6.20 -62.45 4.37
N GLU D 421 6.87 -61.66 3.55
CA GLU D 421 6.48 -60.25 3.42
C GLU D 421 5.14 -60.16 2.72
N TYR D 422 5.02 -60.83 1.57
CA TYR D 422 3.76 -60.89 0.82
C TYR D 422 2.59 -61.17 1.76
N GLN D 423 2.81 -62.14 2.66
CA GLN D 423 1.86 -62.51 3.73
C GLN D 423 1.61 -61.37 4.74
N GLN D 424 2.68 -60.89 5.37
CA GLN D 424 2.63 -59.82 6.35
C GLN D 424 1.77 -58.66 5.88
N TYR D 425 1.93 -58.32 4.60
CA TYR D 425 1.13 -57.28 3.99
C TYR D 425 -0.20 -57.83 3.54
N GLN D 426 -1.10 -57.80 4.52
CA GLN D 426 -2.52 -57.97 4.41
C GLN D 426 -2.93 -57.41 5.79
N ASP D 427 -2.76 -56.08 5.91
CA ASP D 427 -2.59 -55.36 7.20
C ASP D 427 -3.75 -54.46 7.72
N ALA D 428 -3.41 -53.33 8.32
CA ALA D 428 -4.40 -52.44 8.96
C ALA D 428 -4.87 -51.33 8.02
CA ALA E 1 -26.99 78.13 36.02
C ALA E 1 -25.92 78.76 36.91
N ASP E 2 -26.12 80.07 37.20
CA ASP E 2 -25.51 80.87 38.32
C ASP E 2 -23.99 80.73 38.67
N MET E 3 -23.15 81.34 37.84
CA MET E 3 -21.83 80.77 37.45
C MET E 3 -20.50 81.10 38.22
N GLU E 4 -20.13 82.39 38.29
CA GLU E 4 -18.78 82.87 38.68
C GLU E 4 -17.64 82.20 37.85
N VAL E 5 -16.92 83.01 37.06
CA VAL E 5 -15.90 82.51 36.12
C VAL E 5 -14.45 83.00 36.40
N ILE E 6 -13.53 82.08 36.70
CA ILE E 6 -12.11 82.40 36.94
C ILE E 6 -11.47 82.61 35.59
N GLU E 7 -10.54 83.55 35.52
CA GLU E 7 -10.10 84.18 34.26
C GLU E 7 -9.11 83.42 33.35
N LEU E 8 -8.27 82.61 34.00
CA LEU E 8 -7.02 82.01 33.49
C LEU E 8 -6.66 81.95 31.97
N ASN E 9 -5.71 82.82 31.54
CA ASN E 9 -5.13 82.89 30.16
C ASN E 9 -6.04 83.36 28.96
N LYS E 10 -5.97 84.68 28.67
CA LYS E 10 -6.42 85.28 27.40
C LYS E 10 -5.18 85.42 26.50
N CYS E 11 -5.25 84.92 25.27
CA CYS E 11 -4.05 84.71 24.47
C CYS E 11 -4.31 84.86 22.96
N THR E 12 -3.25 85.17 22.23
CA THR E 12 -3.29 85.66 20.85
C THR E 12 -4.46 85.13 20.01
N SER E 13 -4.70 83.83 20.12
CA SER E 13 -5.63 83.11 19.29
C SER E 13 -6.34 82.03 20.10
N GLY E 14 -6.77 82.40 21.30
CA GLY E 14 -7.54 81.50 22.18
C GLY E 14 -7.78 82.07 23.56
N GLN E 15 -8.64 81.41 24.34
CA GLN E 15 -8.97 81.84 25.71
C GLN E 15 -9.00 80.60 26.58
N SER E 16 -8.84 80.76 27.89
CA SER E 16 -9.20 79.69 28.82
C SER E 16 -9.95 80.31 29.97
N PHE E 17 -10.60 79.47 30.76
CA PHE E 17 -11.22 79.87 32.02
C PHE E 17 -11.91 78.69 32.70
N GLU E 18 -12.02 78.71 34.04
CA GLU E 18 -12.74 77.68 34.79
C GLU E 18 -14.20 78.10 34.98
N VAL E 19 -15.11 77.19 35.30
CA VAL E 19 -16.36 77.70 35.83
C VAL E 19 -16.88 76.87 37.02
N ILE E 20 -16.14 76.95 38.14
CA ILE E 20 -16.51 76.34 39.42
C ILE E 20 -17.92 76.73 39.76
N LEU E 21 -18.72 75.72 40.07
CA LEU E 21 -20.17 75.87 40.09
C LEU E 21 -20.78 75.53 41.45
N LYS E 22 -20.20 74.59 42.16
CA LYS E 22 -20.63 74.29 43.52
C LYS E 22 -19.46 73.78 44.34
N PRO E 23 -19.20 74.44 45.48
CA PRO E 23 -18.21 73.96 46.47
C PRO E 23 -18.00 72.41 46.54
N PRO E 24 -16.75 71.92 46.62
CA PRO E 24 -16.42 70.49 46.80
C PRO E 24 -17.17 69.58 47.85
N SER E 25 -16.67 69.42 49.09
CA SER E 25 -17.39 68.81 50.24
C SER E 25 -16.67 67.73 51.09
N PHE E 26 -15.90 68.15 52.10
CA PHE E 26 -15.27 67.27 53.11
C PHE E 26 -13.73 67.12 53.03
N ASP E 27 -13.23 65.94 52.61
CA ASP E 27 -11.78 65.66 52.51
C ASP E 27 -11.44 64.89 51.20
N PRO E 42 9.93 52.64 41.03
CA PRO E 42 10.06 53.89 40.28
C PRO E 42 9.76 53.73 38.75
N SER E 43 10.76 53.38 37.94
CA SER E 43 10.56 52.96 36.55
C SER E 43 11.51 51.80 36.23
N LEU E 44 12.76 51.95 36.68
CA LEU E 44 13.84 50.92 36.66
C LEU E 44 14.38 50.49 35.27
N GLU E 45 15.63 50.82 34.95
CA GLU E 45 16.26 50.35 33.70
C GLU E 45 16.40 48.83 33.71
N GLU E 46 16.86 48.33 34.86
CA GLU E 46 16.69 46.94 35.30
C GLU E 46 16.48 45.91 34.18
N ILE E 47 15.22 45.47 34.05
CA ILE E 47 14.80 44.46 33.10
C ILE E 47 14.70 44.96 31.66
N GLN E 48 15.84 44.89 31.01
CA GLN E 48 15.88 44.49 29.61
C GLN E 48 16.57 43.15 29.80
N LYS E 49 16.70 42.79 31.08
CA LYS E 49 17.26 41.53 31.55
C LYS E 49 16.21 40.44 31.52
N LYS E 50 14.96 40.82 31.79
CA LYS E 50 13.84 39.91 31.58
C LYS E 50 13.46 39.88 30.11
N LEU E 51 13.92 40.88 29.36
CA LEU E 51 13.80 40.84 27.93
C LEU E 51 14.67 39.70 27.45
N GLU E 52 15.71 39.42 28.23
CA GLU E 52 16.62 38.33 27.94
C GLU E 52 16.15 37.01 28.56
N ALA E 53 15.18 37.08 29.50
CA ALA E 53 14.59 35.88 30.10
C ALA E 53 13.74 35.06 29.12
N ALA E 54 12.77 35.70 28.45
CA ALA E 54 12.08 35.10 27.31
C ALA E 54 13.09 34.54 26.31
N GLU E 55 13.94 35.41 25.73
CA GLU E 55 14.93 34.92 24.76
C GLU E 55 15.52 33.63 25.29
N GLU E 56 15.81 33.60 26.58
CA GLU E 56 16.37 32.41 27.18
C GLU E 56 15.42 31.21 27.03
N ARG E 57 14.25 31.25 27.68
CA ARG E 57 13.34 30.10 27.69
C ARG E 57 12.70 29.75 26.33
N ARG E 58 13.17 30.35 25.23
CA ARG E 58 12.77 29.89 23.89
C ARG E 58 13.90 29.13 23.16
N LYS E 59 15.14 29.51 23.43
CA LYS E 59 16.28 28.78 22.93
C LYS E 59 16.25 27.39 23.59
N TYR E 60 15.62 27.28 24.77
CA TYR E 60 15.43 25.98 25.40
C TYR E 60 14.23 25.31 24.77
N GLN E 61 13.06 25.92 24.92
CA GLN E 61 11.84 25.48 24.23
C GLN E 61 12.13 24.73 22.93
N GLU E 62 13.05 25.28 22.13
CA GLU E 62 13.40 24.76 20.80
C GLU E 62 14.56 23.76 20.81
N ALA E 63 15.59 24.00 21.64
CA ALA E 63 16.63 22.99 21.89
C ALA E 63 16.03 21.78 22.61
N GLU E 64 14.71 21.71 22.57
CA GLU E 64 13.95 20.55 22.96
C GLU E 64 13.52 19.85 21.67
N LEU E 65 12.36 20.24 21.12
CA LEU E 65 11.80 19.72 19.86
C LEU E 65 12.88 19.43 18.79
N LEU E 66 14.08 19.97 19.03
CA LEU E 66 15.23 19.80 18.14
C LEU E 66 15.85 18.45 18.39
N LYS E 67 16.73 18.38 19.38
CA LYS E 67 17.26 17.11 19.83
C LYS E 67 16.11 16.36 20.53
N HIS E 68 15.08 16.09 19.74
CA HIS E 68 13.87 15.37 20.13
C HIS E 68 13.34 14.98 18.74
N LEU E 69 13.78 15.76 17.76
CA LEU E 69 13.49 15.48 16.39
C LEU E 69 14.75 14.97 15.73
N ALA E 70 15.90 15.27 16.34
CA ALA E 70 17.15 14.65 15.92
C ALA E 70 17.14 13.21 16.47
N GLU E 71 16.25 13.03 17.44
CA GLU E 71 15.86 11.77 18.06
C GLU E 71 14.96 10.97 17.10
N LYS E 72 13.81 11.56 16.78
CA LYS E 72 12.84 10.99 15.83
C LYS E 72 13.41 10.71 14.42
N ARG E 73 14.66 11.11 14.19
CA ARG E 73 15.40 10.57 13.07
C ARG E 73 16.01 9.33 13.66
N GLU E 74 17.33 9.28 13.71
CA GLU E 74 18.05 8.06 14.05
C GLU E 74 17.44 7.08 15.08
N HIS E 75 16.11 7.11 15.23
CA HIS E 75 15.36 5.88 15.38
C HIS E 75 15.11 5.43 13.94
N GLU E 76 14.74 6.39 13.08
CA GLU E 76 14.48 6.17 11.65
C GLU E 76 15.62 5.41 10.98
N ARG E 77 16.82 5.97 11.09
CA ARG E 77 18.00 5.33 10.54
C ARG E 77 18.21 3.94 11.18
N GLU E 78 17.59 3.72 12.34
CA GLU E 78 17.73 2.47 13.07
C GLU E 78 16.77 1.44 12.51
N VAL E 79 15.50 1.81 12.37
CA VAL E 79 14.49 0.90 11.89
C VAL E 79 14.67 0.61 10.42
N ILE E 80 15.50 1.39 9.72
CA ILE E 80 15.83 1.08 8.33
C ILE E 80 16.76 -0.13 8.35
N GLN E 81 17.72 -0.07 9.26
CA GLN E 81 18.75 -1.07 9.35
C GLN E 81 18.20 -2.30 10.02
N LYS E 82 17.27 -2.16 10.97
CA LYS E 82 16.71 -3.33 11.69
C LYS E 82 15.82 -4.14 10.76
N ALA E 83 16.02 -3.90 9.47
CA ALA E 83 15.22 -4.41 8.36
C ALA E 83 16.11 -5.09 7.33
N ILE E 84 17.02 -4.32 6.74
CA ILE E 84 18.07 -4.90 5.92
C ILE E 84 18.77 -5.84 6.87
N GLU E 85 19.00 -5.36 8.09
CA GLU E 85 19.70 -6.15 9.12
C GLU E 85 18.90 -7.38 9.51
N GLU E 86 17.61 -7.40 9.14
CA GLU E 86 16.79 -8.59 9.36
C GLU E 86 16.48 -9.42 8.08
N ASN E 87 16.97 -8.93 6.94
CA ASN E 87 16.93 -9.66 5.67
C ASN E 87 18.20 -10.47 5.51
N ASN E 88 19.30 -9.94 6.02
CA ASN E 88 20.56 -10.66 6.02
C ASN E 88 20.51 -11.89 6.93
N ASN E 89 19.70 -11.80 7.99
CA ASN E 89 19.39 -12.94 8.87
C ASN E 89 18.73 -14.05 8.10
N PHE E 90 17.84 -13.68 7.18
CA PHE E 90 17.05 -14.62 6.39
C PHE E 90 17.89 -15.21 5.27
N ILE E 91 19.00 -14.56 4.95
CA ILE E 91 19.86 -15.08 3.90
C ILE E 91 20.94 -16.08 4.43
N LYS E 92 21.83 -15.60 5.32
CA LYS E 92 22.80 -16.44 6.01
C LYS E 92 22.18 -17.11 7.25
N MET E 93 20.87 -17.36 7.16
CA MET E 93 20.18 -18.40 7.93
C MET E 93 19.83 -19.51 6.93
N ALA E 94 19.29 -19.16 5.74
CA ALA E 94 18.80 -20.19 4.77
C ALA E 94 19.70 -20.57 3.55
N LYS E 95 20.93 -20.07 3.53
CA LYS E 95 21.95 -20.63 2.64
C LYS E 95 22.41 -21.97 3.23
N GLU E 96 22.53 -22.06 4.55
CA GLU E 96 22.94 -23.30 5.21
C GLU E 96 21.80 -24.29 5.44
N LYS E 97 20.57 -23.87 5.13
CA LYS E 97 19.44 -24.80 5.03
C LYS E 97 19.51 -25.55 3.67
N LEU E 98 20.63 -25.36 2.97
CA LEU E 98 20.78 -25.78 1.59
C LEU E 98 22.14 -26.38 1.39
N ALA E 99 23.16 -25.84 2.05
CA ALA E 99 24.50 -26.41 2.02
C ALA E 99 24.54 -27.65 2.91
N GLN E 100 23.75 -27.63 3.99
CA GLN E 100 23.62 -28.79 4.90
C GLN E 100 22.39 -29.61 4.55
N LYS E 101 22.03 -29.59 3.27
CA LYS E 101 20.95 -30.41 2.70
C LYS E 101 21.45 -30.96 1.36
N MET E 102 21.88 -30.08 0.45
CA MET E 102 22.57 -30.45 -0.80
C MET E 102 24.01 -30.93 -0.46
N GLU E 103 24.20 -31.33 0.79
CA GLU E 103 25.41 -32.02 1.22
C GLU E 103 25.06 -33.11 2.22
N SER E 104 24.05 -32.87 3.04
CA SER E 104 23.43 -33.93 3.84
C SER E 104 22.62 -34.79 2.87
N ASN E 105 23.28 -35.26 1.81
CA ASN E 105 22.58 -35.78 0.66
C ASN E 105 23.54 -36.41 -0.31
N LYS E 106 24.22 -35.55 -1.07
CA LYS E 106 25.30 -36.02 -1.92
C LYS E 106 26.36 -36.80 -1.07
N GLU E 107 26.26 -36.70 0.27
CA GLU E 107 27.09 -37.52 1.18
C GLU E 107 26.33 -38.76 1.63
N ASN E 108 25.03 -38.57 1.82
CA ASN E 108 24.05 -39.59 2.19
C ASN E 108 23.84 -40.68 1.14
N ARG E 109 24.50 -40.51 -0.01
CA ARG E 109 24.28 -41.34 -1.17
C ARG E 109 25.61 -41.73 -1.80
N GLU E 110 26.54 -40.78 -1.85
CA GLU E 110 27.80 -40.96 -2.58
C GLU E 110 28.74 -42.02 -2.00
N ALA E 111 28.60 -42.26 -0.70
CA ALA E 111 29.18 -43.46 -0.08
C ALA E 111 28.02 -44.32 0.45
N HIS E 112 26.87 -44.21 -0.23
CA HIS E 112 25.68 -44.99 0.10
C HIS E 112 25.10 -45.81 -1.11
N LEU E 113 25.41 -45.35 -2.33
CA LEU E 113 25.20 -46.15 -3.55
C LEU E 113 26.33 -47.19 -3.66
N ALA E 114 27.51 -46.82 -3.16
CA ALA E 114 28.65 -47.73 -3.00
C ALA E 114 28.41 -48.70 -1.83
N ALA E 115 27.41 -48.41 -1.01
CA ALA E 115 26.89 -49.37 -0.04
C ALA E 115 26.20 -50.49 -0.80
N MET E 116 25.75 -50.19 -2.02
CA MET E 116 25.17 -51.19 -2.92
C MET E 116 26.25 -52.03 -3.65
N LEU E 117 27.53 -51.68 -3.46
CA LEU E 117 28.63 -52.41 -4.09
C LEU E 117 29.33 -53.41 -3.17
N GLU E 118 28.96 -53.39 -1.89
CA GLU E 118 29.27 -54.47 -0.95
C GLU E 118 28.24 -55.64 -1.06
N ARG E 119 27.28 -55.49 -1.98
CA ARG E 119 26.45 -56.60 -2.47
C ARG E 119 27.27 -57.30 -3.56
N LEU E 120 28.03 -56.51 -4.32
CA LEU E 120 28.60 -56.98 -5.57
C LEU E 120 30.02 -57.54 -5.49
N GLN E 121 30.94 -56.81 -4.85
CA GLN E 121 32.30 -57.31 -4.61
C GLN E 121 32.33 -58.35 -3.48
N GLU E 122 31.15 -58.92 -3.22
CA GLU E 122 30.90 -59.93 -2.19
C GLU E 122 30.35 -61.21 -2.84
N LYS E 123 29.28 -61.07 -3.62
CA LYS E 123 28.78 -62.17 -4.46
C LYS E 123 29.72 -62.33 -5.68
N ASP E 124 30.85 -61.60 -5.63
CA ASP E 124 31.93 -61.71 -6.62
C ASP E 124 33.18 -62.38 -6.04
N LYS E 125 33.61 -61.97 -4.85
CA LYS E 125 34.72 -62.64 -4.15
C LYS E 125 34.25 -63.92 -3.44
N HIS E 126 33.06 -64.39 -3.83
CA HIS E 126 32.54 -65.72 -3.46
C HIS E 126 32.30 -66.53 -4.72
N ALA E 127 31.85 -65.86 -5.78
CA ALA E 127 31.67 -66.48 -7.08
C ALA E 127 33.01 -66.95 -7.67
N GLU E 128 34.04 -66.10 -7.56
CA GLU E 128 35.39 -66.53 -7.88
C GLU E 128 35.79 -67.60 -6.88
N GLU E 129 35.51 -67.35 -5.59
CA GLU E 129 35.91 -68.24 -4.49
C GLU E 129 35.47 -69.73 -4.57
N VAL E 130 34.41 -70.06 -5.33
CA VAL E 130 33.99 -71.47 -5.49
C VAL E 130 34.08 -72.03 -6.93
N ARG E 131 34.64 -71.24 -7.84
CA ARG E 131 35.20 -71.77 -9.09
C ARG E 131 36.66 -72.08 -8.78
N LYS E 132 37.09 -71.64 -7.59
CA LYS E 132 38.32 -72.10 -6.96
C LYS E 132 38.06 -73.43 -6.27
N ASN E 133 36.78 -73.74 -6.07
CA ASN E 133 36.36 -75.08 -5.67
C ASN E 133 36.39 -76.08 -6.84
N LYS E 134 36.12 -75.60 -8.06
CA LYS E 134 36.26 -76.40 -9.29
C LYS E 134 37.73 -76.69 -9.60
N GLU E 135 38.60 -75.71 -9.34
CA GLU E 135 40.05 -75.94 -9.34
C GLU E 135 40.41 -77.00 -8.30
N LEU E 136 39.43 -77.41 -7.49
CA LEU E 136 39.54 -78.57 -6.61
C LEU E 136 39.10 -79.86 -7.32
N LYS E 137 39.50 -80.00 -8.58
CA LYS E 137 39.53 -81.27 -9.28
C LYS E 137 40.79 -81.28 -10.17
N GLU E 138 41.94 -81.54 -9.52
CA GLU E 138 43.25 -81.48 -10.18
C GLU E 138 43.81 -82.88 -10.44
PG GTP F . -0.24 44.26 12.55
O1G GTP F . -0.44 44.77 11.16
O2G GTP F . 1.23 43.93 12.79
O3G GTP F . -0.91 42.89 12.95
O3B GTP F . -0.76 45.42 13.58
PB GTP F . -0.95 45.10 15.17
O1B GTP F . -0.83 46.31 16.03
O2B GTP F . -0.07 43.87 15.62
O3A GTP F . -2.53 44.80 15.20
PA GTP F . -3.63 45.93 14.99
O1A GTP F . -4.24 45.62 13.68
O2A GTP F . -2.95 47.30 15.13
O5' GTP F . -4.71 45.68 16.19
C5' GTP F . -5.98 45.09 16.02
C4' GTP F . -7.04 45.81 16.86
O4' GTP F . -7.02 47.21 16.63
C3' GTP F . -8.48 45.37 16.52
O3' GTP F . -9.31 45.49 17.67
C2' GTP F . -8.94 46.35 15.45
O2' GTP F . -10.31 46.63 15.55
C1' GTP F . -8.12 47.59 15.77
N9 GTP F . -7.67 48.30 14.55
C8 GTP F . -6.74 47.89 13.63
N7 GTP F . -6.60 48.83 12.66
C5 GTP F . -7.44 49.85 12.97
C6 GTP F . -7.72 51.06 12.33
O6 GTP F . -7.15 51.35 11.28
N1 GTP F . -8.65 51.92 12.86
C2 GTP F . -9.29 51.58 14.02
N2 GTP F . -10.15 52.43 14.54
N3 GTP F . -9.03 50.39 14.66
C4 GTP F . -8.12 49.52 14.14
MG MG G . -0.12 42.26 15.02
PB GDP H . -0.49 7.31 -2.20
O1B GDP H . 0.38 7.73 -1.07
O2B GDP H . -0.47 8.49 -3.16
O3B GDP H . -0.01 6.01 -2.93
O3A GDP H . -1.94 7.13 -1.49
PA GDP H . -3.26 7.29 -2.38
O1A GDP H . -3.26 8.59 -3.06
O2A GDP H . -3.34 6.10 -3.36
O5' GDP H . -4.46 7.32 -1.31
C5' GDP H . -5.14 6.15 -0.86
C4' GDP H . -6.44 6.59 -0.16
O4' GDP H . -6.63 8.01 -0.23
C3' GDP H . -7.69 5.89 -0.74
O3' GDP H . -8.26 4.99 0.17
C2' GDP H . -8.66 7.01 -1.05
O2' GDP H . -9.71 7.07 -0.10
C1' GDP H . -7.82 8.28 -0.95
N9 GDP H . -7.51 8.75 -2.33
C8 GDP H . -6.67 8.23 -3.29
N7 GDP H . -6.72 9.03 -4.39
C5 GDP H . -7.60 10.07 -4.15
C6 GDP H . -8.07 11.22 -4.88
O6 GDP H . -8.10 11.22 -6.11
N1 GDP H . -8.96 12.09 -4.30
C2 GDP H . -9.42 11.87 -3.01
N2 GDP H . -10.53 12.46 -2.58
N3 GDP H . -8.97 10.78 -2.30
C4 GDP H . -8.08 9.89 -2.85
O4 LOC I . -11.14 38.78 11.06
C12 LOC I . -10.08 39.11 11.59
C13 LOC I . -10.03 40.50 12.17
N1 LOC I . -8.96 38.38 11.75
C11 LOC I . -8.71 37.02 11.27
C14 LOC I . -9.30 35.87 12.03
C15 LOC I . -9.75 36.12 13.29
C10 LOC I . -7.19 36.89 11.39
C9 LOC I . -6.66 35.50 10.99
C8 LOC I . -7.40 34.93 9.80
C7 LOC I . -6.83 34.81 8.55
C5 LOC I . -7.54 34.28 7.47
C3 LOC I . -8.85 33.87 7.67
C1 LOC I . -9.43 33.97 8.93
O1 LOC I . -10.71 33.57 9.10
C2 LOC I . -11.68 34.53 8.70
O2 LOC I . -9.53 33.34 6.62
C4 LOC I . -9.46 31.92 6.36
O3 LOC I . -6.89 34.23 6.23
C6 LOC I . -6.98 33.22 5.23
C22 LOC I . -8.76 34.49 10.01
C21 LOC I . -9.30 34.68 11.37
C20 LOC I . -9.78 33.83 12.08
C19 LOC I . -10.27 33.54 13.05
C17 LOC I . -10.70 33.85 14.14
C16 LOC I . -10.42 35.26 14.34
O5 LOC I . -10.77 35.77 15.39
O6 LOC I . -11.39 32.96 15.06
C18 LOC I . -12.80 33.05 15.20
C6 TZT J . -16.86 2.68 -4.19
C5 TZT J . -16.56 1.32 -3.55
C7 TZT J . -17.77 0.93 -2.68
C4 TZT J . -16.13 0.13 -4.50
N2 TZT J . -14.90 -0.56 -4.14
C3 TZT J . -15.29 -1.92 -3.73
C1 TZT J . -14.12 0.19 -3.16
C8 TZT J . -15.89 0.40 -5.97
O9 TZT J . -16.07 -0.55 -6.73
N10 TZT J . -15.43 1.60 -6.34
C11 TZT J . -15.19 2.00 -7.74
C12 TZT J . -16.53 1.91 -8.52
C14 TZT J . -17.68 2.78 -7.93
C13 TZT J . -17.06 0.47 -8.74
C15 TZT J . -14.90 3.48 -7.82
O16 TZT J . -15.31 4.23 -6.95
N17 TZT J . -14.23 3.94 -8.90
C78 TZT J . -13.81 2.95 -9.89
C18 TZT J . -14.00 5.41 -8.99
C19 TZT J . -13.85 6.01 -7.56
C22 TZT J . -13.85 7.51 -7.48
C20 TZT J . -12.72 5.41 -6.78
C21 TZT J . -13.22 5.18 -5.38
C23 TZT J . -13.03 5.90 -10.16
O24 TZT J . -13.32 7.31 -10.35
C25 TZT J . -14.46 7.26 -11.22
C26 TZT J . -11.49 5.77 -10.37
C27 TZT J . -10.78 6.87 -11.22
O28 TZT J . -9.72 7.24 -10.74
N29 TZT J . -11.13 7.50 -12.42
C30 TZT J . -12.30 7.23 -13.26
C31 TZT J . -11.73 7.21 -14.67
C32 TZT J . -10.45 8.06 -14.61
C33 TZT J . -10.30 8.52 -13.16
C34 TZT J . -10.58 10.10 -12.96
O35 TZT J . -11.66 10.71 -13.80
C36 TZT J . -11.75 12.18 -13.84
C37 TZT J . -9.36 11.12 -13.14
C38 TZT J . -8.51 10.82 -14.40
C39 TZT J . -8.41 11.33 -11.93
O40 TZT J . -8.46 12.38 -11.30
N41 TZT J . -7.56 10.31 -11.71
C42 TZT J . -6.51 10.15 -10.65
C43 TZT J . -5.06 10.00 -11.26
C44 TZT J . -4.39 8.57 -11.70
C45 TZT J . -4.13 7.50 -10.79
C46 TZT J . -3.52 6.27 -11.24
C47 TZT J . -3.16 6.08 -12.58
C48 TZT J . -3.39 7.12 -13.50
C49 TZT J . -3.99 8.33 -13.06
PG GTP K . 8.00 -34.77 -16.04
O1G GTP K . 7.67 -34.75 -17.49
O2G GTP K . 9.52 -34.68 -15.84
O3G GTP K . 7.57 -36.11 -15.41
O3B GTP K . 7.24 -33.54 -15.34
PB GTP K . 7.06 -33.46 -13.74
O1B GTP K . 6.98 -32.07 -13.30
O2B GTP K . 8.24 -34.13 -13.03
O3A GTP K . 5.66 -34.16 -13.45
PA GTP K . 4.32 -33.43 -13.94
O1A GTP K . 3.75 -34.11 -15.11
O2A GTP K . 4.64 -32.00 -14.33
O5' GTP K . 3.33 -33.45 -12.69
C5' GTP K . 2.25 -34.36 -12.67
C4' GTP K . 1.04 -33.73 -11.98
O4' GTP K . 0.72 -32.54 -12.63
C3' GTP K . -0.25 -34.55 -12.06
O3' GTP K . -1.06 -34.13 -10.99
C2' GTP K . -0.93 -34.10 -13.32
O2' GTP K . -2.32 -34.13 -13.19
C1' GTP K . -0.45 -32.67 -13.41
N9 GTP K . -0.13 -32.30 -14.79
C8 GTP K . 0.90 -32.74 -15.59
N7 GTP K . 0.78 -32.09 -16.78
C5 GTP K . -0.28 -31.24 -16.74
C6 GTP K . -0.84 -30.35 -17.66
O6 GTP K . -0.35 -30.22 -18.77
N1 GTP K . -1.96 -29.62 -17.28
C2 GTP K . -2.52 -29.77 -16.03
N2 GTP K . -3.58 -29.07 -15.67
N3 GTP K . -1.95 -30.63 -15.14
C4 GTP K . -0.86 -31.37 -15.48
MG MG L . 8.30 -35.87 -13.41
PB GDP M . 17.99 -72.91 -20.93
O1B GDP M . 18.68 -72.06 -19.95
O2B GDP M . 17.71 -72.07 -22.18
O3B GDP M . 18.82 -74.12 -21.36
O3A GDP M . 16.63 -73.29 -20.18
PA GDP M . 15.27 -73.63 -20.98
O1A GDP M . 15.02 -72.52 -21.92
O2A GDP M . 15.40 -74.98 -21.69
O5' GDP M . 14.07 -73.56 -19.92
C5' GDP M . 13.71 -74.64 -19.10
C4' GDP M . 12.33 -74.38 -18.52
O4' GDP M . 11.81 -73.18 -19.02
C3' GDP M . 11.34 -75.48 -18.91
O3' GDP M . 10.96 -76.28 -17.82
C2' GDP M . 10.12 -74.80 -19.47
O2' GDP M . 9.04 -74.84 -18.56
C1' GDP M . 10.60 -73.37 -19.73
N9 GDP M . 10.76 -73.15 -21.19
C8 GDP M . 11.74 -73.63 -22.02
N7 GDP M . 11.49 -73.18 -23.28
C5 GDP M . 10.37 -72.44 -23.27
C6 GDP M . 9.69 -71.76 -24.26
O6 GDP M . 9.87 -72.08 -25.42
N1 GDP M . 8.53 -71.06 -23.94
C2 GDP M . 8.07 -71.04 -22.66
N2 GDP M . 6.83 -70.64 -22.41
N3 GDP M . 8.77 -71.73 -21.68
C4 GDP M . 9.90 -72.41 -21.98
O4 LOC N . -0.92 -42.80 -15.58
C12 LOC N . -0.02 -42.08 -15.20
C13 LOC N . -0.34 -40.63 -14.97
N1 LOC N . 1.23 -42.40 -14.92
C11 LOC N . 1.87 -43.71 -15.08
C14 LOC N . 1.56 -44.74 -14.04
C15 LOC N . 0.96 -44.30 -12.86
C10 LOC N . 3.36 -43.44 -15.00
C9 LOC N . 4.26 -44.68 -15.04
C8 LOC N . 3.73 -45.71 -16.01
C7 LOC N . 4.35 -46.02 -17.22
C5 LOC N . 3.84 -46.98 -18.09
C3 LOC N . 2.67 -47.66 -17.76
C1 LOC N . 2.03 -47.36 -16.56
O1 LOC N . 0.89 -48.04 -16.26
C2 LOC N . -0.35 -47.53 -16.79
O2 LOC N . 2.16 -48.61 -18.63
C4 LOC N . 2.53 -50.00 -18.53
O3 LOC N . 4.52 -47.18 -19.28
C6 LOC N . 4.76 -48.41 -19.98
C22 LOC N . 2.52 -46.42 -15.67
C21 LOC N . 1.92 -46.02 -14.35
C20 LOC N . 1.71 -46.75 -13.40
C19 LOC N . 1.27 -46.92 -12.35
C17 LOC N . 0.69 -46.45 -11.39
C16 LOC N . 0.50 -45.02 -11.61
O5 LOC N . -0.09 -44.39 -10.75
O6 LOC N . 0.23 -47.18 -10.24
C18 LOC N . -1.18 -47.33 -10.16
#